data_9JMM
#
_entry.id   9JMM
#
_cell.length_a   1.00
_cell.length_b   1.00
_cell.length_c   1.00
_cell.angle_alpha   90.00
_cell.angle_beta   90.00
_cell.angle_gamma   90.00
#
_symmetry.space_group_name_H-M   'P 1'
#
loop_
_entity.id
_entity.type
_entity.pdbx_description
1 polymer 'Dipeptidyl peptidase 4 soluble form'
2 polymer 'Spike glycoprotein,Isoform 1 of Immunoglobulin heavy constant gamma 1'
3 branched alpha-D-mannopyranose-(1-2)-alpha-D-mannopyranose-(1-3)-beta-D-mannopyranose-(1-4)-2-acetamido-2-deoxy-beta-D-glucopyranose-(1-4)-2-acetamido-2-deoxy-beta-D-glucopyranose
4 branched 2-acetamido-2-deoxy-beta-D-glucopyranose-(1-4)-2-acetamido-2-deoxy-beta-D-glucopyranose
5 non-polymer 2-acetamido-2-deoxy-beta-D-glucopyranose
#
loop_
_entity_poly.entity_id
_entity_poly.type
_entity_poly.pdbx_seq_one_letter_code
_entity_poly.pdbx_strand_id
1 'polypeptide(L)'
;MPMGSLQPLATLYLLGMLVASVLASRKTYTLTDYLKNTYRLKLYSLRWISDHEYLYKQENNILVFNAEYGNSSVFLENST
FDEFGHSINDYSISPDGQFILLEYNYVKQWRHSYTASYDIYDLNKRQLITEERIPNNTQWVTWSPVGHKLAYVWNNDIYV
KIEPNLPSYRITWTGKEDIIYNGITDWVYEEEVFSAYSALWWSPNGTFLAYAQFNDTEVPLIEYSFYSDESLQYPKTVRV
PYPKAGAVNPTVKFFVVNTDSLSSVTNATSIQITAPASMLIGDHYLCDVTWATQERISLQWLRRIQNYSVMDICDYDESS
GRWNCLVARQHIEMSTTGWVGRFRPSEPHFTLDGNSFYKIISNEEGYRHICYFQIDKKDCTFITKGTWEVIGIEALTSDY
LYYISNEYKGMPGGRNLYKIQLSDYTKVTCLSCELNPERCQYYSVSFSKEAKYYQLRCSGPGLPLYTLHSSVNDKGLRVL
EDNSALDKMLQNVQMPSKKLDFIILNETKFWYQMILPPHFDKSKKYPLLLDVYAGPCSQKADTVFRLNWATYLASTENII
VASFDGRGSGYQGDKIMHAINRRLGTFEVEDQIEAARQFSKMGFVDNKRIAIWGWSYGGYVTSMVLGSGSGVFKCGIAVA
PVSRWEYYDSVYTERYMGLPTPEDNLDHYRNSTVMSRAENFKQVEYLLIHGTADDNVHFQQSAQISKALVDVGVDFQAMW
YTDEDHGIASSTAHQHIYTHMSHFIKQCFSLPHHHHHH
;
A,C
2 'polypeptide(L)'
;MTCLTCLLMFLLMFVKDCDEAAATGTFIEQPKSKECDFTPMLVGVPPQVYNFKRLVFTNCNYNLTKLLSLFMVNEFSCNG
ISPDAIARGCYSSLTVDYFAYPLSMRSYIQPGSAGDISLYNYKQSFANPTCRVLATAPANLTLTKPSAYGYFQKCSRVSG
EHNSVETPLYINPGEYSICRSFSPYGFSEDGEVFRRQLTQYEGGGILVGVGAKLAMTDKLEMGFIISVQYGTDTNSVCPM
LDLGNSSTITHYLGKCVDYDPLVPRGSGGGGDPEPKSCDKTHTCPPCPAPELLGGPSVFLFPPKPKDTLMISRTPEVTCV
VVDVSHEDPEVKFNWYVDGVEVHNAKTKPREEQYNSTYRVVSVLTVLHQDWLNGKEYKCKVSNKALPAPIEKTISKAKGQ
PREPQVYTLPPSRDELTKNQVSLTCLVKGFYPSDIAVEWESNGQPENNYKTTPPVLDSDGSFFLYSKLTVDKSRWQQGNV
FSCSVMHEALHNHYTQKSLSLSPGK
;
B
#
# COMPACT_ATOMS: atom_id res chain seq x y z
N SER A 25 -29.75 16.84 -35.34
CA SER A 25 -29.67 18.24 -34.93
C SER A 25 -28.23 18.75 -35.02
N ARG A 26 -27.95 19.82 -34.30
CA ARG A 26 -26.60 20.38 -34.31
C ARG A 26 -25.68 19.57 -33.42
N LYS A 27 -24.39 19.90 -33.50
CA LYS A 27 -23.39 19.21 -32.71
C LYS A 27 -23.56 19.51 -31.22
N THR A 28 -23.18 18.55 -30.39
CA THR A 28 -23.18 18.71 -28.95
C THR A 28 -21.78 18.43 -28.40
N TYR A 29 -21.58 18.77 -27.14
CA TYR A 29 -20.33 18.47 -26.45
C TYR A 29 -20.32 16.98 -26.12
N THR A 30 -19.46 16.22 -26.78
CA THR A 30 -19.42 14.77 -26.63
C THR A 30 -18.35 14.37 -25.63
N LEU A 31 -18.30 13.07 -25.33
CA LEU A 31 -17.26 12.56 -24.43
C LEU A 31 -15.89 12.65 -25.07
N THR A 32 -15.80 12.39 -26.38
CA THR A 32 -14.52 12.51 -27.07
C THR A 32 -14.08 13.97 -27.20
N ASP A 33 -15.02 14.91 -27.20
CA ASP A 33 -14.63 16.32 -27.17
C ASP A 33 -13.94 16.68 -25.86
N TYR A 34 -14.37 16.09 -24.75
CA TYR A 34 -13.75 16.35 -23.46
C TYR A 34 -12.45 15.58 -23.30
N LEU A 35 -12.44 14.30 -23.69
CA LEU A 35 -11.27 13.46 -23.46
C LEU A 35 -10.14 13.80 -24.42
N LYS A 36 -10.45 14.02 -25.70
CA LYS A 36 -9.42 14.42 -26.65
C LYS A 36 -9.17 15.92 -26.63
N ASN A 37 -9.96 16.69 -25.87
CA ASN A 37 -9.78 18.11 -25.67
C ASN A 37 -9.80 18.84 -27.02
N THR A 38 -10.96 18.76 -27.65
CA THR A 38 -11.15 19.37 -28.97
C THR A 38 -11.21 20.88 -28.87
N TYR A 39 -11.93 21.39 -27.89
CA TYR A 39 -12.11 22.82 -27.71
C TYR A 39 -11.24 23.27 -26.59
N ARG A 40 -10.30 24.14 -26.88
CA ARG A 40 -9.36 24.53 -25.88
C ARG A 40 -9.34 25.98 -25.60
N LEU A 41 -9.46 26.35 -24.36
CA LEU A 41 -9.35 27.71 -23.96
C LEU A 41 -7.91 28.09 -24.10
N LYS A 42 -7.63 29.35 -24.35
CA LYS A 42 -6.27 29.83 -24.47
C LYS A 42 -5.93 30.69 -23.27
N LEU A 43 -4.66 30.81 -22.94
CA LEU A 43 -4.22 31.54 -21.76
C LEU A 43 -3.18 32.52 -22.14
N TYR A 44 -2.88 33.49 -21.33
CA TYR A 44 -1.80 34.38 -21.59
C TYR A 44 -0.99 34.38 -20.33
N SER A 45 -0.05 33.46 -20.20
CA SER A 45 0.81 33.36 -19.03
C SER A 45 2.07 34.20 -19.25
N LEU A 46 2.30 35.16 -18.36
CA LEU A 46 3.42 36.07 -18.48
C LEU A 46 4.17 36.14 -17.16
N ARG A 47 5.45 36.49 -17.25
CA ARG A 47 6.32 36.63 -16.09
C ARG A 47 6.87 38.05 -16.06
N TRP A 48 6.47 38.85 -15.09
CA TRP A 48 6.93 40.19 -15.02
C TRP A 48 8.35 40.17 -14.63
N ILE A 49 9.23 40.61 -15.51
CA ILE A 49 10.63 40.68 -15.19
C ILE A 49 11.02 42.05 -14.76
N SER A 50 10.08 42.98 -14.77
CA SER A 50 10.38 44.37 -14.43
C SER A 50 9.12 45.08 -14.11
N ASP A 51 9.22 46.31 -13.67
CA ASP A 51 8.03 47.13 -13.47
C ASP A 51 7.31 47.35 -14.77
N HIS A 52 8.00 47.48 -15.89
CA HIS A 52 7.36 47.77 -17.15
C HIS A 52 7.56 46.76 -18.24
N GLU A 53 7.94 45.56 -17.92
CA GLU A 53 8.28 44.59 -18.96
C GLU A 53 7.98 43.18 -18.47
N TYR A 54 7.69 42.29 -19.40
CA TYR A 54 7.41 40.89 -19.08
C TYR A 54 7.77 40.01 -20.25
N LEU A 55 7.90 38.71 -19.97
CA LEU A 55 8.24 37.71 -20.98
C LEU A 55 7.03 36.85 -21.29
N TYR A 56 6.87 36.50 -22.57
CA TYR A 56 5.79 35.66 -23.02
C TYR A 56 6.33 34.64 -24.00
N LYS A 57 5.77 33.43 -23.97
CA LYS A 57 6.17 32.34 -24.84
C LYS A 57 5.14 32.16 -25.94
N GLN A 58 5.56 32.31 -27.19
CA GLN A 58 4.69 32.00 -28.32
C GLN A 58 5.55 31.54 -29.48
N GLU A 59 5.06 30.52 -30.20
CA GLU A 59 5.79 29.88 -31.29
C GLU A 59 7.14 29.37 -30.82
N ASN A 60 7.17 28.81 -29.60
CA ASN A 60 8.37 28.20 -29.01
C ASN A 60 9.53 29.18 -28.90
N ASN A 61 9.21 30.46 -28.74
CA ASN A 61 10.19 31.52 -28.55
C ASN A 61 9.98 32.17 -27.19
N ILE A 62 10.92 33.03 -26.82
CA ILE A 62 10.80 33.85 -25.62
C ILE A 62 10.78 35.30 -26.08
N LEU A 63 9.66 35.96 -25.92
CA LEU A 63 9.49 37.35 -26.34
C LEU A 63 9.32 38.23 -25.10
N VAL A 64 10.11 39.27 -25.03
CA VAL A 64 9.94 40.29 -23.98
C VAL A 64 8.99 41.35 -24.51
N PHE A 65 8.14 41.87 -23.64
CA PHE A 65 7.10 42.81 -24.03
C PHE A 65 7.22 44.09 -23.22
N ASN A 66 6.84 45.20 -23.86
CA ASN A 66 6.72 46.48 -23.19
C ASN A 66 5.26 46.69 -22.82
N ALA A 67 4.99 46.79 -21.51
CA ALA A 67 3.61 46.89 -21.06
C ALA A 67 2.97 48.21 -21.46
N GLU A 68 3.76 49.28 -21.52
CA GLU A 68 3.21 50.60 -21.82
C GLU A 68 2.79 50.72 -23.28
N TYR A 69 3.57 50.14 -24.20
CA TYR A 69 3.34 50.32 -25.62
C TYR A 69 2.95 49.05 -26.37
N GLY A 70 3.26 47.88 -25.83
CA GLY A 70 2.83 46.63 -26.44
C GLY A 70 3.79 46.03 -27.44
N ASN A 71 4.86 46.72 -27.81
CA ASN A 71 5.81 46.14 -28.74
C ASN A 71 6.64 45.06 -28.07
N SER A 72 7.14 44.14 -28.88
CA SER A 72 7.87 42.98 -28.38
C SER A 72 9.19 42.82 -29.12
N SER A 73 10.14 42.17 -28.45
CA SER A 73 11.43 41.82 -29.03
C SER A 73 11.74 40.37 -28.66
N VAL A 74 12.58 39.74 -29.48
CA VAL A 74 12.90 38.32 -29.31
C VAL A 74 13.98 38.22 -28.22
N PHE A 75 13.57 37.78 -27.02
CA PHE A 75 14.54 37.56 -25.95
C PHE A 75 15.36 36.30 -26.20
N LEU A 76 14.71 35.22 -26.63
CA LEU A 76 15.39 33.99 -26.99
C LEU A 76 14.75 33.43 -28.24
N GLU A 77 15.55 32.77 -29.07
CA GLU A 77 15.13 32.39 -30.40
C GLU A 77 14.80 30.90 -30.47
N ASN A 78 14.38 30.46 -31.65
CA ASN A 78 14.05 29.07 -31.88
C ASN A 78 15.29 28.19 -31.86
N SER A 79 16.34 28.60 -32.58
CA SER A 79 17.48 27.73 -32.82
C SER A 79 18.32 27.51 -31.57
N THR A 80 18.19 28.37 -30.56
CA THR A 80 18.97 28.19 -29.34
C THR A 80 18.60 26.89 -28.63
N PHE A 81 17.31 26.54 -28.61
CA PHE A 81 16.87 25.34 -27.91
C PHE A 81 17.33 24.07 -28.64
N ASP A 82 17.53 24.14 -29.95
CA ASP A 82 17.77 22.93 -30.74
C ASP A 82 19.18 22.40 -30.61
N GLU A 83 20.12 23.19 -30.08
CA GLU A 83 21.50 22.73 -30.00
C GLU A 83 21.72 21.70 -28.90
N PHE A 84 20.81 21.63 -27.92
CA PHE A 84 20.93 20.65 -26.85
C PHE A 84 20.41 19.31 -27.31
N GLY A 85 21.05 18.23 -26.83
CA GLY A 85 20.58 16.90 -27.16
C GLY A 85 19.33 16.48 -26.43
N HIS A 86 18.99 17.19 -25.36
CA HIS A 86 17.83 16.88 -24.54
C HIS A 86 16.69 17.85 -24.84
N SER A 87 15.51 17.50 -24.33
CA SER A 87 14.31 18.32 -24.48
C SER A 87 14.11 19.16 -23.23
N ILE A 88 14.07 20.47 -23.40
CA ILE A 88 13.98 21.39 -22.27
C ILE A 88 12.53 21.45 -21.81
N ASN A 89 12.32 21.28 -20.50
CA ASN A 89 10.98 21.28 -19.92
C ASN A 89 10.61 22.69 -19.49
N ASP A 90 11.46 23.33 -18.68
CA ASP A 90 11.17 24.64 -18.13
C ASP A 90 12.39 25.54 -18.25
N TYR A 91 12.15 26.84 -18.12
CA TYR A 91 13.20 27.84 -18.18
C TYR A 91 13.08 28.78 -17.00
N SER A 92 14.21 29.32 -16.56
CA SER A 92 14.23 30.29 -15.48
C SER A 92 15.12 31.46 -15.86
N ILE A 93 14.74 32.64 -15.39
CA ILE A 93 15.38 33.90 -15.74
C ILE A 93 16.11 34.45 -14.52
N SER A 94 17.38 34.78 -14.68
CA SER A 94 18.07 35.52 -13.66
C SER A 94 17.49 36.94 -13.57
N PRO A 95 17.30 37.46 -12.37
CA PRO A 95 16.73 38.82 -12.25
C PRO A 95 17.52 39.87 -13.01
N ASP A 96 18.83 39.69 -13.18
CA ASP A 96 19.58 40.60 -14.04
C ASP A 96 19.46 40.23 -15.52
N GLY A 97 18.89 39.08 -15.84
CA GLY A 97 18.70 38.68 -17.22
C GLY A 97 19.93 38.15 -17.92
N GLN A 98 20.98 37.80 -17.18
CA GLN A 98 22.22 37.33 -17.78
C GLN A 98 22.25 35.83 -18.05
N PHE A 99 21.45 35.05 -17.33
CA PHE A 99 21.53 33.60 -17.43
C PHE A 99 20.13 32.99 -17.53
N ILE A 100 20.00 31.99 -18.39
CA ILE A 100 18.85 31.10 -18.41
C ILE A 100 19.19 29.87 -17.58
N LEU A 101 18.16 29.22 -17.06
CA LEU A 101 18.32 27.97 -16.33
C LEU A 101 17.39 26.95 -16.97
N LEU A 102 17.95 25.99 -17.68
CA LEU A 102 17.17 25.05 -18.49
C LEU A 102 17.03 23.72 -17.76
N GLU A 103 15.78 23.28 -17.61
CA GLU A 103 15.44 22.09 -16.85
C GLU A 103 15.05 20.97 -17.82
N TYR A 104 15.62 19.79 -17.60
CA TYR A 104 15.33 18.62 -18.43
C TYR A 104 15.46 17.37 -17.57
N ASN A 105 15.15 16.22 -18.18
CA ASN A 105 15.11 14.94 -17.47
C ASN A 105 14.15 15.01 -16.28
N TYR A 106 12.94 15.50 -16.55
CA TYR A 106 11.92 15.67 -15.52
C TYR A 106 11.44 14.32 -15.02
N VAL A 107 11.38 14.16 -13.70
CA VAL A 107 10.84 12.96 -13.07
C VAL A 107 9.96 13.41 -11.91
N LYS A 108 8.66 13.18 -12.03
CA LYS A 108 7.70 13.60 -11.01
C LYS A 108 7.71 12.63 -9.83
N GLN A 109 7.58 13.17 -8.62
CA GLN A 109 7.45 12.36 -7.42
C GLN A 109 6.09 12.50 -6.76
N TRP A 110 5.74 13.70 -6.28
CA TRP A 110 4.43 13.93 -5.66
C TRP A 110 3.75 15.10 -6.34
N ARG A 111 2.71 15.65 -5.71
CA ARG A 111 1.93 16.70 -6.32
C ARG A 111 2.78 17.92 -6.66
N HIS A 112 3.79 18.22 -5.85
CA HIS A 112 4.62 19.39 -6.06
C HIS A 112 6.10 19.10 -6.22
N SER A 113 6.55 17.88 -5.95
CA SER A 113 7.96 17.55 -5.88
C SER A 113 8.40 16.76 -7.11
N TYR A 114 9.65 16.96 -7.50
CA TYR A 114 10.21 16.29 -8.67
C TYR A 114 11.73 16.38 -8.61
N THR A 115 12.38 15.69 -9.54
CA THR A 115 13.81 15.79 -9.75
C THR A 115 14.07 16.01 -11.25
N ALA A 116 15.13 16.76 -11.55
CA ALA A 116 15.44 17.10 -12.93
C ALA A 116 16.92 17.44 -13.04
N SER A 117 17.40 17.47 -14.28
CA SER A 117 18.75 17.91 -14.59
C SER A 117 18.70 19.34 -15.09
N TYR A 118 19.71 20.13 -14.73
CA TYR A 118 19.75 21.55 -15.06
C TYR A 118 21.07 21.90 -15.69
N ASP A 119 21.04 22.78 -16.69
CA ASP A 119 22.23 23.39 -17.24
C ASP A 119 22.01 24.88 -17.40
N ILE A 120 23.09 25.65 -17.24
CA ILE A 120 23.04 27.10 -17.26
C ILE A 120 23.64 27.60 -18.57
N TYR A 121 22.90 28.45 -19.27
CA TYR A 121 23.31 29.01 -20.55
C TYR A 121 23.48 30.51 -20.39
N ASP A 122 24.67 31.01 -20.72
CA ASP A 122 24.94 32.44 -20.65
C ASP A 122 24.29 33.16 -21.81
N LEU A 123 23.59 34.25 -21.51
CA LEU A 123 22.89 35.01 -22.55
C LEU A 123 23.74 36.12 -23.13
N ASN A 124 24.72 36.64 -22.40
CA ASN A 124 25.59 37.61 -23.03
C ASN A 124 26.56 36.86 -23.94
N LYS A 125 27.30 35.92 -23.40
CA LYS A 125 28.25 35.13 -24.17
C LYS A 125 27.63 34.22 -25.18
N ARG A 126 26.37 33.87 -25.04
CA ARG A 126 25.70 32.91 -25.91
C ARG A 126 26.33 31.53 -25.92
N GLN A 127 26.74 31.04 -24.75
CA GLN A 127 27.25 29.67 -24.67
C GLN A 127 26.80 28.93 -23.43
N LEU A 128 26.75 27.61 -23.53
CA LEU A 128 26.43 26.82 -22.35
C LEU A 128 27.60 26.82 -21.38
N ILE A 129 27.29 26.77 -20.09
CA ILE A 129 28.31 26.73 -19.04
C ILE A 129 28.57 25.27 -18.70
N THR A 130 29.75 24.78 -19.06
CA THR A 130 30.10 23.37 -18.89
C THR A 130 31.00 23.12 -17.69
N GLU A 131 31.38 24.17 -16.95
CA GLU A 131 32.28 24.03 -15.82
C GLU A 131 31.47 24.06 -14.52
N GLU A 132 31.61 23.01 -13.71
CA GLU A 132 30.94 22.88 -12.43
C GLU A 132 29.42 22.99 -12.59
N ARG A 133 28.86 22.03 -13.31
CA ARG A 133 27.43 22.04 -13.60
C ARG A 133 26.63 21.61 -12.39
N ILE A 134 25.34 21.94 -12.41
CA ILE A 134 24.43 21.49 -11.37
C ILE A 134 24.23 19.99 -11.50
N PRO A 135 24.37 19.21 -10.43
CA PRO A 135 24.33 17.75 -10.56
C PRO A 135 22.96 17.24 -10.98
N ASN A 136 22.95 16.01 -11.47
CA ASN A 136 21.72 15.34 -11.84
C ASN A 136 20.89 15.01 -10.60
N ASN A 137 19.61 14.73 -10.83
CA ASN A 137 18.66 14.42 -9.75
C ASN A 137 18.62 15.53 -8.70
N THR A 138 18.62 16.77 -9.16
CA THR A 138 18.50 17.90 -8.25
C THR A 138 17.04 18.08 -7.87
N GLN A 139 16.78 18.18 -6.56
CA GLN A 139 15.41 18.23 -6.07
C GLN A 139 14.78 19.60 -6.28
N TRP A 140 15.54 20.68 -6.09
CA TRP A 140 15.02 22.03 -6.20
C TRP A 140 16.14 22.99 -6.55
N VAL A 141 15.83 23.97 -7.39
CA VAL A 141 16.77 25.02 -7.77
C VAL A 141 16.04 26.36 -7.72
N THR A 142 16.71 27.40 -7.23
CA THR A 142 16.11 28.73 -7.19
C THR A 142 17.17 29.80 -7.36
N TRP A 143 16.79 30.89 -8.03
CA TRP A 143 17.63 32.07 -8.14
C TRP A 143 17.42 32.98 -6.93
N SER A 144 18.39 33.86 -6.70
CA SER A 144 18.21 34.91 -5.72
C SER A 144 17.29 35.99 -6.27
N PRO A 145 16.63 36.76 -5.40
CA PRO A 145 15.72 37.81 -5.91
C PRO A 145 16.40 38.85 -6.77
N VAL A 146 17.68 39.13 -6.53
CA VAL A 146 18.48 39.99 -7.39
C VAL A 146 19.81 39.31 -7.63
N GLY A 147 20.44 39.67 -8.75
CA GLY A 147 21.71 39.05 -9.11
C GLY A 147 21.51 37.69 -9.75
N HIS A 148 22.56 36.86 -9.64
CA HIS A 148 22.54 35.54 -10.25
C HIS A 148 23.09 34.49 -9.29
N LYS A 149 22.78 34.64 -8.00
CA LYS A 149 23.11 33.59 -7.04
C LYS A 149 22.13 32.43 -7.18
N LEU A 150 22.63 31.23 -6.97
CA LEU A 150 21.83 30.02 -7.09
C LEU A 150 21.92 29.21 -5.80
N ALA A 151 20.78 28.70 -5.35
CA ALA A 151 20.72 27.72 -4.28
C ALA A 151 19.95 26.52 -4.79
N TYR A 152 20.54 25.34 -4.68
CA TYR A 152 19.88 24.12 -5.11
C TYR A 152 20.03 23.05 -4.05
N VAL A 153 19.07 22.13 -4.03
CA VAL A 153 19.02 21.03 -3.08
C VAL A 153 19.32 19.75 -3.83
N TRP A 154 20.36 19.04 -3.39
CA TRP A 154 20.76 17.77 -4.00
C TRP A 154 21.09 16.79 -2.89
N ASN A 155 20.46 15.61 -2.94
CA ASN A 155 20.64 14.58 -1.92
C ASN A 155 20.26 15.10 -0.53
N ASN A 156 19.18 15.86 -0.46
CA ASN A 156 18.67 16.44 0.78
C ASN A 156 19.66 17.40 1.42
N ASP A 157 20.51 18.04 0.63
CA ASP A 157 21.48 19.00 1.14
C ASP A 157 21.48 20.24 0.25
N ILE A 158 21.80 21.38 0.86
CA ILE A 158 21.72 22.68 0.19
C ILE A 158 23.11 23.09 -0.27
N TYR A 159 23.20 23.53 -1.53
CA TYR A 159 24.42 24.07 -2.12
C TYR A 159 24.13 25.45 -2.68
N VAL A 160 25.12 26.34 -2.61
CA VAL A 160 24.97 27.71 -3.05
C VAL A 160 26.10 28.04 -4.01
N LYS A 161 25.73 28.55 -5.19
CA LYS A 161 26.69 29.04 -6.18
C LYS A 161 26.59 30.56 -6.24
N ILE A 162 27.69 31.25 -5.92
CA ILE A 162 27.70 32.70 -6.02
C ILE A 162 27.69 33.14 -7.49
N GLU A 163 28.43 32.43 -8.34
CA GLU A 163 28.37 32.61 -9.78
C GLU A 163 28.14 31.26 -10.45
N PRO A 164 27.50 31.25 -11.62
CA PRO A 164 27.19 29.96 -12.27
C PRO A 164 28.41 29.13 -12.63
N ASN A 165 29.56 29.76 -12.87
CA ASN A 165 30.75 29.02 -13.26
C ASN A 165 31.60 28.56 -12.09
N LEU A 166 31.53 29.25 -10.95
CA LEU A 166 32.32 28.89 -9.79
C LEU A 166 31.74 27.66 -9.10
N PRO A 167 32.55 26.95 -8.32
CA PRO A 167 32.04 25.79 -7.57
C PRO A 167 31.04 26.20 -6.51
N SER A 168 30.20 25.24 -6.15
CA SER A 168 29.17 25.47 -5.15
C SER A 168 29.71 25.21 -3.74
N TYR A 169 29.04 25.81 -2.76
CA TYR A 169 29.40 25.68 -1.36
C TYR A 169 28.35 24.83 -0.66
N ARG A 170 28.80 23.77 0.01
CA ARG A 170 27.89 22.91 0.77
C ARG A 170 27.46 23.62 2.04
N ILE A 171 26.16 23.83 2.20
CA ILE A 171 25.64 24.52 3.39
C ILE A 171 25.36 23.53 4.52
N THR A 172 24.71 22.42 4.21
CA THR A 172 24.33 21.42 5.20
C THR A 172 24.97 20.08 4.87
N TRP A 173 25.27 19.32 5.92
CA TRP A 173 25.93 18.02 5.78
C TRP A 173 25.12 16.88 6.39
N THR A 174 23.91 17.14 6.86
CA THR A 174 23.13 16.15 7.59
C THR A 174 22.01 15.51 6.76
N GLY A 175 21.98 15.78 5.46
CA GLY A 175 20.88 15.27 4.64
C GLY A 175 20.94 13.75 4.51
N LYS A 176 19.78 13.12 4.67
CA LYS A 176 19.66 11.68 4.56
C LYS A 176 18.30 11.34 3.97
N GLU A 177 18.27 10.33 3.10
CA GLU A 177 17.04 9.99 2.40
C GLU A 177 15.98 9.48 3.36
N ASP A 178 14.80 10.09 3.32
CA ASP A 178 13.63 9.74 4.12
C ASP A 178 13.82 9.98 5.61
N ILE A 179 14.89 10.66 6.01
CA ILE A 179 15.14 10.93 7.42
C ILE A 179 15.26 12.43 7.64
N ILE A 180 16.23 13.06 7.00
CA ILE A 180 16.54 14.47 7.19
C ILE A 180 16.39 15.19 5.86
N TYR A 181 15.63 16.28 5.87
CA TYR A 181 15.39 17.10 4.69
C TYR A 181 15.90 18.50 4.97
N ASN A 182 16.80 18.99 4.12
CA ASN A 182 17.31 20.35 4.21
C ASN A 182 16.90 21.11 2.96
N GLY A 183 16.15 22.20 3.14
CA GLY A 183 15.72 23.01 2.04
C GLY A 183 14.56 22.46 1.25
N ILE A 184 14.10 21.29 1.58
CA ILE A 184 13.03 20.69 0.85
C ILE A 184 12.12 20.08 1.85
N THR A 185 10.84 20.08 1.58
CA THR A 185 9.81 19.50 2.45
C THR A 185 9.59 17.98 2.43
N ASP A 186 9.04 17.40 3.48
CA ASP A 186 8.65 16.01 3.53
C ASP A 186 7.21 15.90 3.07
N TRP A 187 6.67 14.73 2.79
CA TRP A 187 5.33 14.58 2.27
C TRP A 187 4.27 15.37 2.97
N VAL A 188 4.16 15.27 4.29
CA VAL A 188 3.01 15.90 4.95
C VAL A 188 3.10 17.41 4.84
N TYR A 189 4.31 17.97 4.93
CA TYR A 189 4.46 19.41 4.80
C TYR A 189 4.12 19.86 3.38
N GLU A 190 4.72 19.22 2.38
CA GLU A 190 4.46 19.54 0.98
C GLU A 190 2.99 19.40 0.62
N GLU A 191 2.28 18.49 1.29
CA GLU A 191 0.87 18.27 0.97
C GLU A 191 -0.06 19.23 1.70
N GLU A 192 0.19 19.52 2.98
CA GLU A 192 -0.80 20.20 3.79
C GLU A 192 -0.36 21.54 4.35
N VAL A 193 0.93 21.76 4.60
CA VAL A 193 1.39 22.94 5.32
C VAL A 193 1.88 24.02 4.38
N PHE A 194 2.70 23.64 3.39
CA PHE A 194 3.30 24.61 2.49
C PHE A 194 2.72 24.57 1.08
N SER A 195 2.17 23.43 0.66
CA SER A 195 1.72 23.24 -0.72
C SER A 195 2.83 23.55 -1.71
N ALA A 196 4.06 23.21 -1.32
CA ALA A 196 5.23 23.46 -2.13
C ALA A 196 6.34 22.50 -1.69
N TYR A 197 7.30 22.29 -2.58
CA TYR A 197 8.44 21.43 -2.30
C TYR A 197 9.62 22.19 -1.72
N SER A 198 9.77 23.47 -2.07
CA SER A 198 10.89 24.25 -1.58
C SER A 198 10.68 24.65 -0.13
N ALA A 199 11.76 24.63 0.63
CA ALA A 199 11.82 25.21 1.96
C ALA A 199 13.02 26.13 2.07
N LEU A 200 13.27 26.90 1.01
CA LEU A 200 14.32 27.90 0.96
C LEU A 200 13.70 29.26 0.73
N TRP A 201 14.13 30.25 1.51
CA TRP A 201 13.63 31.61 1.41
C TRP A 201 14.82 32.56 1.36
N TRP A 202 15.07 33.14 0.20
CA TRP A 202 16.16 34.09 0.04
C TRP A 202 15.81 35.40 0.73
N SER A 203 16.85 36.13 1.14
CA SER A 203 16.70 37.47 1.64
C SER A 203 16.20 38.37 0.50
N PRO A 204 15.58 39.52 0.82
CA PRO A 204 15.07 40.38 -0.25
C PRO A 204 16.11 40.78 -1.29
N ASN A 205 17.37 40.96 -0.91
CA ASN A 205 18.43 41.22 -1.89
C ASN A 205 19.45 40.10 -1.96
N GLY A 206 19.18 38.96 -1.33
CA GLY A 206 20.01 37.79 -1.49
C GLY A 206 21.21 37.67 -0.59
N THR A 207 21.31 38.48 0.46
CA THR A 207 22.45 38.35 1.37
C THR A 207 22.29 37.17 2.32
N PHE A 208 21.07 36.82 2.69
CA PHE A 208 20.79 35.71 3.58
C PHE A 208 19.97 34.65 2.87
N LEU A 209 20.16 33.41 3.28
CA LEU A 209 19.33 32.29 2.81
C LEU A 209 18.78 31.59 4.04
N ALA A 210 17.45 31.63 4.19
CA ALA A 210 16.76 30.96 5.27
C ALA A 210 16.21 29.64 4.76
N TYR A 211 16.30 28.60 5.59
CA TYR A 211 15.80 27.29 5.21
C TYR A 211 15.30 26.56 6.44
N ALA A 212 14.45 25.58 6.20
CA ALA A 212 13.90 24.72 7.24
C ALA A 212 14.45 23.30 7.08
N GLN A 213 14.70 22.65 8.21
CA GLN A 213 15.16 21.27 8.23
C GLN A 213 14.09 20.39 8.88
N PHE A 214 13.70 19.33 8.20
CA PHE A 214 12.68 18.42 8.68
C PHE A 214 13.30 17.08 9.08
N ASN A 215 12.70 16.44 10.06
CA ASN A 215 13.22 15.21 10.65
C ASN A 215 12.09 14.21 10.75
N ASP A 216 12.19 13.12 9.98
CA ASP A 216 11.15 12.09 9.91
C ASP A 216 11.65 10.76 10.49
N THR A 217 12.41 10.83 11.60
CA THR A 217 13.02 9.63 12.15
C THR A 217 11.98 8.69 12.73
N GLU A 218 11.06 9.21 13.55
CA GLU A 218 10.07 8.39 14.22
C GLU A 218 8.73 8.37 13.49
N VAL A 219 8.64 9.00 12.34
CA VAL A 219 7.38 9.00 11.58
C VAL A 219 7.17 7.62 10.97
N PRO A 220 6.00 7.01 11.15
CA PRO A 220 5.74 5.70 10.54
C PRO A 220 5.66 5.81 9.02
N LEU A 221 5.90 4.69 8.37
CA LEU A 221 5.96 4.61 6.92
C LEU A 221 4.74 3.86 6.39
N ILE A 222 4.14 4.38 5.33
CA ILE A 222 3.10 3.67 4.59
C ILE A 222 3.77 2.86 3.48
N GLU A 223 3.37 1.61 3.35
CA GLU A 223 3.92 0.71 2.35
C GLU A 223 2.81 0.29 1.40
N TYR A 224 3.05 0.46 0.11
CA TYR A 224 2.17 -0.07 -0.92
C TYR A 224 3.02 -0.63 -2.05
N SER A 225 2.45 -1.45 -2.90
CA SER A 225 3.19 -2.06 -3.98
C SER A 225 3.11 -1.37 -5.29
N PHE A 226 4.19 -1.40 -6.04
CA PHE A 226 4.27 -0.74 -7.30
C PHE A 226 4.69 -1.75 -8.32
N TYR A 227 3.78 -2.15 -9.15
CA TYR A 227 4.03 -3.16 -10.14
C TYR A 227 5.01 -2.78 -11.23
N SER A 228 5.00 -1.56 -11.73
CA SER A 228 5.92 -1.04 -12.73
C SER A 228 5.64 -1.60 -14.06
N ASP A 229 6.60 -1.62 -14.93
CA ASP A 229 6.43 -2.20 -16.24
C ASP A 229 6.35 -3.68 -16.18
N GLU A 230 5.74 -4.29 -17.17
CA GLU A 230 5.64 -5.73 -17.25
C GLU A 230 6.95 -6.49 -17.26
N SER A 231 8.08 -5.90 -17.60
CA SER A 231 9.36 -6.61 -17.54
C SER A 231 9.84 -6.86 -16.11
N LEU A 232 9.22 -6.25 -15.11
CA LEU A 232 9.67 -6.40 -13.73
C LEU A 232 9.08 -7.68 -13.14
N GLN A 233 9.95 -8.58 -12.68
CA GLN A 233 9.47 -9.84 -12.11
C GLN A 233 8.82 -9.64 -10.76
N TYR A 234 9.47 -8.87 -9.88
CA TYR A 234 8.99 -8.70 -8.52
C TYR A 234 8.55 -7.26 -8.31
N PRO A 235 7.33 -7.03 -7.83
CA PRO A 235 6.88 -5.66 -7.58
C PRO A 235 7.71 -5.00 -6.49
N LYS A 236 7.84 -3.68 -6.60
CA LYS A 236 8.55 -2.89 -5.60
C LYS A 236 7.60 -2.45 -4.51
N THR A 237 8.14 -2.28 -3.31
CA THR A 237 7.42 -1.71 -2.18
C THR A 237 7.87 -0.27 -2.01
N VAL A 238 6.91 0.65 -1.97
CA VAL A 238 7.18 2.07 -1.82
C VAL A 238 6.98 2.42 -0.34
N ARG A 239 8.03 2.91 0.30
CA ARG A 239 7.99 3.29 1.70
C ARG A 239 8.03 4.81 1.79
N VAL A 240 6.94 5.41 2.23
CA VAL A 240 6.82 6.86 2.37
C VAL A 240 6.56 7.16 3.84
N PRO A 241 7.39 7.97 4.51
CA PRO A 241 7.04 8.39 5.87
C PRO A 241 5.78 9.24 5.88
N TYR A 242 4.73 8.70 6.48
CA TYR A 242 3.38 9.26 6.43
C TYR A 242 2.79 9.26 7.83
N PRO A 243 2.66 10.42 8.47
CA PRO A 243 2.03 10.47 9.80
C PRO A 243 0.51 10.46 9.68
N LYS A 244 -0.10 9.36 10.12
CA LYS A 244 -1.55 9.26 10.08
C LYS A 244 -2.14 9.95 11.31
N ALA A 245 -3.46 9.92 11.42
CA ALA A 245 -4.14 10.63 12.50
C ALA A 245 -3.71 10.11 13.86
N GLY A 246 -3.07 10.98 14.65
CA GLY A 246 -2.57 10.61 15.95
C GLY A 246 -1.17 10.05 15.99
N ALA A 247 -0.53 9.89 14.84
CA ALA A 247 0.80 9.29 14.79
C ALA A 247 1.87 10.34 15.08
N VAL A 248 3.13 9.92 15.02
CA VAL A 248 4.25 10.81 15.29
C VAL A 248 4.50 11.68 14.08
N ASN A 249 4.50 12.98 14.28
CA ASN A 249 4.66 14.04 13.31
C ASN A 249 6.13 14.39 13.13
N PRO A 250 6.49 14.94 11.97
CA PRO A 250 7.89 15.35 11.76
C PRO A 250 8.29 16.51 12.64
N THR A 251 9.59 16.61 12.85
CA THR A 251 10.20 17.69 13.64
C THR A 251 10.84 18.69 12.69
N VAL A 252 10.66 19.98 12.98
CA VAL A 252 11.15 21.05 12.11
C VAL A 252 12.11 21.94 12.89
N LYS A 253 13.17 22.38 12.20
CA LYS A 253 14.10 23.39 12.69
C LYS A 253 14.25 24.46 11.62
N PHE A 254 14.65 25.66 12.04
CA PHE A 254 14.80 26.79 11.12
C PHE A 254 16.19 27.39 11.25
N PHE A 255 16.86 27.60 10.11
CA PHE A 255 18.20 28.17 10.08
C PHE A 255 18.28 29.27 9.03
N VAL A 256 19.17 30.23 9.29
CA VAL A 256 19.50 31.29 8.35
C VAL A 256 21.01 31.31 8.16
N VAL A 257 21.47 31.33 6.91
CA VAL A 257 22.88 31.34 6.59
C VAL A 257 23.20 32.60 5.79
N ASN A 258 24.35 33.21 6.10
CA ASN A 258 24.82 34.40 5.40
C ASN A 258 25.64 33.96 4.19
N THR A 259 25.14 34.25 2.99
CA THR A 259 25.81 33.83 1.77
C THR A 259 26.91 34.79 1.34
N ASP A 260 27.04 35.94 2.00
CA ASP A 260 28.13 36.86 1.69
C ASP A 260 29.43 36.50 2.39
N SER A 261 29.39 35.59 3.37
CA SER A 261 30.57 35.20 4.13
C SER A 261 31.03 33.79 3.79
N LEU A 262 30.55 33.23 2.67
CA LEU A 262 30.93 31.88 2.30
C LEU A 262 32.39 31.83 1.85
N SER A 263 33.10 30.80 2.30
CA SER A 263 34.50 30.61 1.97
C SER A 263 34.73 29.16 1.60
N SER A 264 35.80 28.92 0.84
CA SER A 264 36.12 27.58 0.37
C SER A 264 36.92 26.76 1.35
N VAL A 265 37.44 27.37 2.43
CA VAL A 265 38.26 26.67 3.41
C VAL A 265 37.55 26.50 4.74
N THR A 266 36.35 27.04 4.89
CA THR A 266 35.59 26.94 6.13
C THR A 266 34.18 26.50 5.82
N ASN A 267 33.63 25.63 6.67
CA ASN A 267 32.24 25.22 6.52
C ASN A 267 31.31 26.37 6.84
N ALA A 268 30.18 26.42 6.13
CA ALA A 268 29.21 27.49 6.33
C ALA A 268 28.58 27.39 7.70
N THR A 269 28.33 28.55 8.31
CA THR A 269 27.73 28.63 9.63
C THR A 269 26.25 29.02 9.50
N SER A 270 25.37 28.19 10.04
CA SER A 270 23.94 28.43 10.01
C SER A 270 23.46 28.74 11.42
N ILE A 271 22.79 29.88 11.58
CA ILE A 271 22.29 30.32 12.88
C ILE A 271 20.83 29.87 12.99
N GLN A 272 20.53 29.11 14.03
CA GLN A 272 19.21 28.56 14.22
C GLN A 272 18.30 29.56 14.92
N ILE A 273 17.08 29.68 14.42
CA ILE A 273 16.03 30.48 15.07
C ILE A 273 15.03 29.51 15.65
N THR A 274 14.84 29.57 16.97
CA THR A 274 13.96 28.63 17.66
C THR A 274 12.55 29.18 17.76
N ALA A 275 11.59 28.27 17.89
CA ALA A 275 10.20 28.63 18.01
C ALA A 275 9.95 29.31 19.35
N PRO A 276 8.86 30.07 19.47
CA PRO A 276 8.50 30.63 20.78
C PRO A 276 8.24 29.51 21.78
N ALA A 277 8.43 29.83 23.05
CA ALA A 277 8.24 28.82 24.09
C ALA A 277 6.82 28.34 24.17
N SER A 278 5.85 29.11 23.64
CA SER A 278 4.47 28.66 23.60
C SER A 278 4.26 27.50 22.63
N MET A 279 5.16 27.32 21.66
CA MET A 279 5.16 26.14 20.81
C MET A 279 6.13 25.07 21.24
N LEU A 280 7.22 25.43 21.92
CA LEU A 280 8.21 24.43 22.31
C LEU A 280 7.71 23.52 23.42
N ILE A 281 6.56 23.81 24.03
CA ILE A 281 6.01 22.95 25.07
C ILE A 281 5.32 21.72 24.52
N GLY A 282 5.28 21.56 23.20
CA GLY A 282 4.64 20.40 22.62
C GLY A 282 4.91 20.33 21.14
N ASP A 283 4.13 19.50 20.46
CA ASP A 283 4.22 19.41 19.01
C ASP A 283 3.74 20.70 18.36
N HIS A 284 4.36 21.06 17.24
CA HIS A 284 4.04 22.30 16.55
C HIS A 284 4.45 22.18 15.09
N TYR A 285 4.01 23.15 14.30
CA TYR A 285 4.34 23.24 12.88
C TYR A 285 4.98 24.58 12.59
N LEU A 286 5.70 24.63 11.47
CA LEU A 286 6.16 25.88 10.88
C LEU A 286 5.25 26.17 9.70
N CYS A 287 4.53 27.30 9.75
CA CYS A 287 3.46 27.55 8.80
C CYS A 287 3.84 28.56 7.72
N ASP A 288 4.60 29.59 8.04
CA ASP A 288 4.91 30.62 7.06
C ASP A 288 6.26 31.24 7.36
N VAL A 289 6.97 31.59 6.29
CA VAL A 289 8.22 32.34 6.37
C VAL A 289 8.12 33.51 5.41
N THR A 290 8.27 34.73 5.92
CA THR A 290 8.14 35.94 5.12
C THR A 290 9.19 36.94 5.56
N TRP A 291 10.00 37.42 4.62
CA TRP A 291 10.99 38.44 4.91
C TRP A 291 10.34 39.81 4.95
N ALA A 292 10.60 40.57 6.02
CA ALA A 292 10.08 41.92 6.14
C ALA A 292 11.00 42.94 5.48
N THR A 293 12.28 42.95 5.86
CA THR A 293 13.28 43.81 5.25
C THR A 293 14.51 42.96 4.99
N GLN A 294 15.64 43.61 4.72
CA GLN A 294 16.86 42.87 4.44
C GLN A 294 17.40 42.16 5.67
N GLU A 295 17.02 42.60 6.85
CA GLU A 295 17.51 41.99 8.05
C GLU A 295 16.38 41.70 9.03
N ARG A 296 15.18 41.41 8.53
CA ARG A 296 14.07 41.02 9.38
C ARG A 296 13.33 39.91 8.71
N ILE A 297 12.92 38.91 9.43
CA ILE A 297 12.13 37.84 8.91
C ILE A 297 10.94 37.61 9.86
N SER A 298 9.81 37.16 9.34
CA SER A 298 8.64 36.83 10.13
C SER A 298 8.39 35.36 10.00
N LEU A 299 8.13 34.68 11.09
CA LEU A 299 7.90 33.27 11.08
C LEU A 299 6.61 32.94 11.79
N GLN A 300 5.79 32.09 11.21
CA GLN A 300 4.53 31.70 11.81
C GLN A 300 4.52 30.25 12.23
N TRP A 301 4.22 30.04 13.49
CA TRP A 301 4.21 28.70 14.07
C TRP A 301 2.79 28.33 14.46
N LEU A 302 2.42 27.08 14.24
CA LEU A 302 1.11 26.57 14.62
C LEU A 302 1.21 25.36 15.54
N ARG A 303 0.36 25.23 16.53
CA ARG A 303 0.35 24.08 17.43
C ARG A 303 -0.27 22.86 16.75
N ARG A 304 -0.05 21.64 17.21
CA ARG A 304 -0.71 20.48 16.62
C ARG A 304 -2.21 20.64 16.81
N ILE A 305 -2.68 21.17 17.95
CA ILE A 305 -4.08 21.54 18.11
C ILE A 305 -4.06 22.83 17.33
N GLN A 306 -4.61 22.82 16.14
CA GLN A 306 -4.43 23.93 15.21
C GLN A 306 -5.45 25.05 15.41
N ASN A 307 -5.59 25.51 16.65
CA ASN A 307 -6.39 26.70 16.96
C ASN A 307 -5.57 27.75 17.68
N TYR A 308 -4.24 27.61 17.70
CA TYR A 308 -3.34 28.57 18.32
C TYR A 308 -2.15 28.78 17.40
N SER A 309 -1.83 30.04 17.14
CA SER A 309 -0.75 30.39 16.22
C SER A 309 -0.05 31.63 16.72
N VAL A 310 1.27 31.69 16.53
CA VAL A 310 2.09 32.82 16.94
C VAL A 310 2.98 33.23 15.77
N MET A 311 3.01 34.52 15.47
CA MET A 311 3.95 35.09 14.52
C MET A 311 5.15 35.67 15.27
N ASP A 312 6.34 35.27 14.87
CA ASP A 312 7.58 35.73 15.49
C ASP A 312 8.33 36.59 14.47
N ILE A 313 8.65 37.82 14.85
CA ILE A 313 9.44 38.72 14.02
C ILE A 313 10.83 38.83 14.62
N CYS A 314 11.83 38.38 13.88
CA CYS A 314 13.20 38.29 14.37
C CYS A 314 14.09 39.28 13.63
N ASP A 315 15.06 39.87 14.27
CA ASP A 315 15.99 40.79 13.63
C ASP A 315 17.40 40.30 13.68
N TYR A 316 18.28 40.83 12.85
CA TYR A 316 19.63 40.40 12.78
C TYR A 316 20.47 41.33 13.51
N ASP A 317 21.32 40.81 14.38
CA ASP A 317 22.23 41.65 15.10
C ASP A 317 23.52 41.52 14.41
N GLU A 318 24.06 42.63 13.96
CA GLU A 318 25.33 42.64 13.26
C GLU A 318 26.52 42.45 14.14
N SER A 319 26.44 42.78 15.41
CA SER A 319 27.58 42.51 16.28
C SER A 319 27.80 41.01 16.46
N SER A 320 26.74 40.25 16.69
CA SER A 320 26.87 38.83 16.96
C SER A 320 26.69 37.96 15.73
N GLY A 321 26.19 38.51 14.62
CA GLY A 321 25.78 37.68 13.50
C GLY A 321 24.67 36.71 13.85
N ARG A 322 23.82 37.08 14.79
CA ARG A 322 22.76 36.22 15.30
C ARG A 322 21.41 36.91 15.11
N TRP A 323 20.37 36.12 15.15
CA TRP A 323 19.06 36.64 14.93
C TRP A 323 18.29 36.57 16.18
N ASN A 324 17.69 37.67 16.59
CA ASN A 324 16.96 37.72 17.84
C ASN A 324 15.50 38.06 17.71
N CYS A 325 14.62 37.25 18.28
CA CYS A 325 13.19 37.49 18.19
C CYS A 325 12.70 38.00 19.54
N LEU A 326 12.25 39.25 19.58
CA LEU A 326 11.76 39.83 20.82
C LEU A 326 10.39 39.25 21.19
N VAL A 327 10.14 39.18 22.50
CA VAL A 327 8.85 38.69 22.97
C VAL A 327 7.74 39.69 22.65
N ALA A 328 8.04 40.98 22.71
CA ALA A 328 7.03 42.01 22.46
C ALA A 328 6.58 42.06 21.07
N ARG A 329 7.28 41.41 20.18
CA ARG A 329 6.97 41.48 18.78
C ARG A 329 6.27 40.23 18.32
N GLN A 330 5.80 39.41 19.25
CA GLN A 330 5.03 38.24 18.90
C GLN A 330 3.57 38.54 18.82
N HIS A 331 2.87 37.94 17.89
CA HIS A 331 1.46 38.21 17.64
C HIS A 331 0.70 36.90 17.73
N ILE A 332 -0.28 36.85 18.62
CA ILE A 332 -1.06 35.64 18.87
C ILE A 332 -2.28 35.64 17.96
N GLU A 333 -2.53 34.49 17.32
CA GLU A 333 -3.72 34.28 16.52
C GLU A 333 -4.38 32.99 16.99
N MET A 334 -5.50 33.11 17.69
CA MET A 334 -6.21 31.97 18.23
C MET A 334 -7.64 31.95 17.70
N SER A 335 -8.22 30.75 17.67
CA SER A 335 -9.61 30.56 17.28
C SER A 335 -10.33 29.79 18.37
N THR A 336 -11.47 30.31 18.81
CA THR A 336 -12.24 29.64 19.86
C THR A 336 -13.28 28.68 19.29
N THR A 337 -13.87 29.00 18.14
CA THR A 337 -14.91 28.17 17.56
C THR A 337 -14.40 27.19 16.52
N GLY A 338 -13.11 27.19 16.21
CA GLY A 338 -12.59 26.30 15.19
C GLY A 338 -11.07 26.31 15.07
N TRP A 339 -10.59 26.33 13.83
CA TRP A 339 -9.16 26.34 13.55
C TRP A 339 -8.73 27.74 13.10
N VAL A 340 -7.42 27.97 13.09
CA VAL A 340 -6.86 29.24 12.69
C VAL A 340 -6.67 29.24 11.17
N GLY A 341 -7.22 30.25 10.50
CA GLY A 341 -7.10 30.38 9.07
C GLY A 341 -8.15 29.59 8.31
N ARG A 342 -8.07 29.70 6.99
CA ARG A 342 -8.91 28.87 6.12
C ARG A 342 -8.35 27.46 6.03
N PHE A 343 -7.10 27.34 5.66
CA PHE A 343 -6.32 26.12 5.79
C PHE A 343 -5.10 26.31 6.67
N ARG A 344 -4.42 27.43 6.53
CA ARG A 344 -3.27 27.83 7.32
C ARG A 344 -3.44 29.31 7.65
N PRO A 345 -2.74 29.80 8.67
CA PRO A 345 -2.76 31.25 8.92
C PRO A 345 -2.26 32.03 7.70
N SER A 346 -2.85 33.20 7.49
CA SER A 346 -2.56 33.98 6.30
C SER A 346 -1.17 34.61 6.37
N GLU A 347 -0.70 35.06 5.21
CA GLU A 347 0.62 35.66 5.09
C GLU A 347 0.56 37.15 5.44
N PRO A 348 1.53 37.67 6.20
CA PRO A 348 1.62 39.11 6.41
C PRO A 348 2.20 39.83 5.21
N HIS A 349 1.80 41.10 5.05
CA HIS A 349 2.26 41.95 3.97
C HIS A 349 2.86 43.21 4.58
N PHE A 350 4.19 43.24 4.71
CA PHE A 350 4.88 44.34 5.37
C PHE A 350 4.98 45.55 4.46
N THR A 351 5.12 46.72 5.07
CA THR A 351 5.36 47.95 4.34
C THR A 351 6.84 48.07 4.01
N LEU A 352 7.24 49.20 3.41
CA LEU A 352 8.63 49.35 2.98
C LEU A 352 9.60 49.39 4.16
N ASP A 353 9.23 50.11 5.23
CA ASP A 353 10.12 50.21 6.38
C ASP A 353 10.13 48.92 7.22
N GLY A 354 9.11 48.08 7.08
CA GLY A 354 9.05 46.83 7.81
C GLY A 354 8.57 46.95 9.24
N ASN A 355 8.04 48.10 9.64
CA ASN A 355 7.57 48.30 11.00
C ASN A 355 6.07 48.07 11.14
N SER A 356 5.36 47.76 10.06
CA SER A 356 3.94 47.48 10.12
C SER A 356 3.59 46.56 8.96
N PHE A 357 2.46 45.88 9.08
CA PHE A 357 2.03 44.95 8.04
C PHE A 357 0.52 44.82 8.06
N TYR A 358 -0.01 44.27 6.97
CA TYR A 358 -1.42 44.01 6.81
C TYR A 358 -1.66 42.50 6.74
N LYS A 359 -2.68 42.04 7.45
CA LYS A 359 -2.98 40.62 7.51
C LYS A 359 -4.49 40.43 7.42
N ILE A 360 -4.93 39.32 6.82
CA ILE A 360 -6.36 38.96 6.77
C ILE A 360 -6.65 38.04 7.89
N ILE A 361 -7.46 38.47 8.81
CA ILE A 361 -7.79 37.71 9.97
C ILE A 361 -9.28 37.83 10.11
N SER A 362 -9.93 36.92 10.82
CA SER A 362 -11.37 36.98 11.11
C SER A 362 -11.79 38.01 12.13
N ASN A 363 -12.84 38.77 11.84
CA ASN A 363 -13.36 39.78 12.73
C ASN A 363 -14.31 39.18 13.74
N GLU A 364 -14.89 39.97 14.62
CA GLU A 364 -15.77 39.46 15.66
C GLU A 364 -16.98 38.79 15.11
N GLU A 365 -17.56 39.31 14.03
CA GLU A 365 -18.67 38.65 13.35
C GLU A 365 -18.27 37.32 12.76
N GLY A 366 -17.05 37.17 12.25
CA GLY A 366 -16.61 35.89 11.77
C GLY A 366 -16.19 35.96 10.36
N TYR A 367 -16.00 37.15 9.86
CA TYR A 367 -15.68 37.40 8.46
C TYR A 367 -14.22 37.85 8.35
N ARG A 368 -13.52 37.29 7.37
CA ARG A 368 -12.09 37.56 7.20
C ARG A 368 -11.91 38.93 6.55
N HIS A 369 -11.12 39.78 7.20
CA HIS A 369 -10.91 41.15 6.74
C HIS A 369 -9.47 41.54 7.02
N ILE A 370 -9.02 42.56 6.29
CA ILE A 370 -7.65 43.04 6.41
C ILE A 370 -7.54 43.87 7.68
N CYS A 371 -6.61 43.50 8.56
CA CYS A 371 -6.39 44.25 9.78
C CYS A 371 -4.97 44.81 9.74
N TYR A 372 -4.81 46.03 10.23
CA TYR A 372 -3.55 46.76 10.14
C TYR A 372 -2.78 46.61 11.45
N PHE A 373 -1.55 46.10 11.37
CA PHE A 373 -0.76 45.72 12.53
C PHE A 373 0.43 46.64 12.71
N GLN A 374 1.00 46.78 13.89
CA GLN A 374 2.24 47.53 14.12
C GLN A 374 3.10 46.44 14.63
N ILE A 375 4.38 46.39 14.33
CA ILE A 375 5.16 45.21 14.71
C ILE A 375 5.20 45.03 16.22
N ASP A 376 5.33 46.11 16.95
CA ASP A 376 5.44 46.02 18.40
C ASP A 376 4.19 46.22 19.24
N LYS A 377 3.03 46.38 18.64
CA LYS A 377 1.82 46.64 19.40
C LYS A 377 0.86 45.52 19.18
N LYS A 378 0.23 45.04 20.24
CA LYS A 378 -0.66 43.89 20.14
C LYS A 378 -1.97 44.13 19.43
N ASP A 379 -2.58 45.27 19.67
CA ASP A 379 -3.86 45.56 19.03
C ASP A 379 -3.65 45.92 17.56
N CYS A 380 -4.55 45.43 16.71
CA CYS A 380 -4.57 45.81 15.31
C CYS A 380 -5.95 46.37 14.97
N THR A 381 -6.00 47.23 13.96
CA THR A 381 -7.23 47.91 13.56
C THR A 381 -7.69 47.41 12.20
N PHE A 382 -9.00 47.15 12.10
CA PHE A 382 -9.58 46.62 10.88
C PHE A 382 -9.87 47.75 9.90
N ILE A 383 -9.45 47.55 8.66
CA ILE A 383 -9.59 48.54 7.64
C ILE A 383 -10.69 48.16 6.71
N THR A 384 -11.16 46.91 6.76
CA THR A 384 -12.30 46.49 5.95
C THR A 384 -13.37 45.91 6.89
N LYS A 385 -14.64 46.12 6.62
CA LYS A 385 -15.71 45.53 7.41
C LYS A 385 -16.80 45.07 6.53
N GLY A 386 -17.56 44.06 6.93
CA GLY A 386 -18.71 43.62 6.18
C GLY A 386 -19.15 42.18 6.28
N THR A 387 -20.20 41.79 5.59
CA THR A 387 -20.75 40.45 5.63
C THR A 387 -20.25 39.86 4.39
N TRP A 388 -18.99 40.05 4.16
CA TRP A 388 -18.26 39.46 3.05
C TRP A 388 -16.82 39.26 3.51
N GLU A 389 -16.06 38.52 2.71
CA GLU A 389 -14.72 38.11 3.08
C GLU A 389 -13.70 38.59 2.06
N VAL A 390 -12.53 38.99 2.55
CA VAL A 390 -11.40 39.31 1.69
C VAL A 390 -10.69 38.02 1.34
N ILE A 391 -10.49 37.78 0.04
CA ILE A 391 -9.89 36.52 -0.40
C ILE A 391 -8.38 36.56 -0.28
N GLY A 392 -7.77 37.65 -0.70
CA GLY A 392 -6.32 37.78 -0.60
C GLY A 392 -5.87 39.19 -0.86
N ILE A 393 -4.67 39.50 -0.35
CA ILE A 393 -4.02 40.78 -0.60
C ILE A 393 -3.05 40.58 -1.75
N GLU A 394 -3.19 41.40 -2.79
CA GLU A 394 -2.46 41.21 -4.04
C GLU A 394 -1.23 42.10 -4.17
N ALA A 395 -1.34 43.37 -3.80
CA ALA A 395 -0.20 44.27 -3.87
C ALA A 395 -0.35 45.33 -2.79
N LEU A 396 0.80 45.77 -2.26
CA LEU A 396 0.84 46.80 -1.23
C LEU A 396 1.89 47.83 -1.63
N THR A 397 1.44 48.97 -2.14
CA THR A 397 2.28 50.11 -2.43
C THR A 397 2.03 51.20 -1.41
N SER A 398 2.66 52.34 -1.60
CA SER A 398 2.36 53.50 -0.78
C SER A 398 1.01 54.07 -1.19
N ASP A 399 0.20 54.40 -0.19
CA ASP A 399 -1.12 55.03 -0.32
C ASP A 399 -2.19 54.12 -0.91
N TYR A 400 -1.85 52.90 -1.32
CA TYR A 400 -2.87 52.03 -1.90
C TYR A 400 -2.57 50.57 -1.58
N LEU A 401 -3.62 49.82 -1.28
CA LEU A 401 -3.55 48.39 -1.05
C LEU A 401 -4.55 47.71 -1.98
N TYR A 402 -4.11 46.66 -2.65
CA TYR A 402 -4.94 45.94 -3.61
C TYR A 402 -5.33 44.58 -3.05
N TYR A 403 -6.60 44.23 -3.17
CA TYR A 403 -7.08 42.98 -2.62
C TYR A 403 -8.22 42.44 -3.47
N ILE A 404 -8.53 41.17 -3.28
CA ILE A 404 -9.61 40.48 -3.96
C ILE A 404 -10.66 40.09 -2.93
N SER A 405 -11.93 40.36 -3.23
CA SER A 405 -13.01 40.06 -2.30
C SER A 405 -14.26 39.71 -3.08
N ASN A 406 -15.21 39.07 -2.39
CA ASN A 406 -16.51 38.75 -2.94
C ASN A 406 -17.59 39.69 -2.41
N GLU A 407 -17.26 40.97 -2.23
CA GLU A 407 -18.24 41.93 -1.76
C GLU A 407 -19.31 42.21 -2.80
N TYR A 408 -18.94 42.22 -4.07
CA TYR A 408 -19.83 42.70 -5.12
C TYR A 408 -21.05 41.80 -5.25
N LYS A 409 -22.24 42.42 -5.23
CA LYS A 409 -23.52 41.73 -5.43
C LYS A 409 -23.90 40.66 -4.44
N GLY A 410 -23.12 40.48 -3.39
CA GLY A 410 -23.43 39.54 -2.37
C GLY A 410 -23.23 38.13 -2.79
N MET A 411 -22.50 37.92 -3.85
CA MET A 411 -22.34 36.62 -4.35
C MET A 411 -21.03 36.13 -3.84
N PRO A 412 -21.07 35.06 -3.07
CA PRO A 412 -19.87 34.48 -2.51
C PRO A 412 -18.94 33.89 -3.58
N GLY A 413 -19.43 33.43 -4.70
CA GLY A 413 -18.64 32.88 -5.79
C GLY A 413 -18.11 33.79 -6.82
N GLY A 414 -18.21 35.07 -6.61
CA GLY A 414 -17.55 36.03 -7.48
C GLY A 414 -16.28 36.58 -6.85
N ARG A 415 -15.36 37.00 -7.70
CA ARG A 415 -14.09 37.58 -7.27
C ARG A 415 -13.87 38.88 -8.02
N ASN A 416 -13.53 39.94 -7.30
CA ASN A 416 -13.31 41.25 -7.91
C ASN A 416 -12.15 41.94 -7.23
N LEU A 417 -11.48 42.81 -7.98
CA LEU A 417 -10.29 43.52 -7.50
C LEU A 417 -10.69 44.88 -6.97
N TYR A 418 -10.23 45.19 -5.75
CA TYR A 418 -10.50 46.45 -5.09
C TYR A 418 -9.19 47.08 -4.66
N LYS A 419 -9.17 48.40 -4.56
CA LYS A 419 -8.05 49.10 -3.97
C LYS A 419 -8.55 50.07 -2.91
N ILE A 420 -7.84 50.13 -1.81
CA ILE A 420 -8.20 51.00 -0.69
C ILE A 420 -7.07 52.00 -0.47
N GLN A 421 -7.44 53.19 -0.02
CA GLN A 421 -6.49 54.26 0.23
C GLN A 421 -6.02 54.20 1.68
N LEU A 422 -4.70 54.15 1.87
CA LEU A 422 -4.18 54.00 3.22
C LEU A 422 -4.32 55.28 4.03
N SER A 423 -4.34 56.44 3.37
CA SER A 423 -4.54 57.69 4.07
C SER A 423 -5.99 57.89 4.52
N ASP A 424 -6.94 57.24 3.85
CA ASP A 424 -8.36 57.34 4.21
C ASP A 424 -9.03 56.04 3.82
N TYR A 425 -9.48 55.27 4.81
CA TYR A 425 -10.03 53.94 4.55
C TYR A 425 -11.43 53.98 3.95
N THR A 426 -12.06 55.15 3.90
CA THR A 426 -13.41 55.25 3.33
C THR A 426 -13.41 55.31 1.82
N LYS A 427 -12.24 55.44 1.18
CA LYS A 427 -12.13 55.52 -0.28
C LYS A 427 -11.73 54.13 -0.79
N VAL A 428 -12.74 53.33 -1.12
CA VAL A 428 -12.54 52.01 -1.71
C VAL A 428 -13.11 52.02 -3.11
N THR A 429 -12.30 51.60 -4.08
CA THR A 429 -12.66 51.62 -5.49
C THR A 429 -12.53 50.23 -6.08
N CYS A 430 -13.60 49.74 -6.70
CA CYS A 430 -13.56 48.48 -7.42
C CYS A 430 -12.95 48.70 -8.80
N LEU A 431 -11.86 48.00 -9.09
CA LEU A 431 -11.14 48.16 -10.34
C LEU A 431 -11.63 47.22 -11.44
N SER A 432 -12.53 46.29 -11.12
CA SER A 432 -12.99 45.33 -12.13
C SER A 432 -14.49 45.06 -12.04
N CYS A 433 -15.26 45.84 -11.29
CA CYS A 433 -16.67 45.55 -11.12
C CYS A 433 -17.46 45.85 -12.40
N GLU A 434 -17.19 46.99 -13.03
CA GLU A 434 -17.96 47.45 -14.18
C GLU A 434 -17.18 47.33 -15.49
N LEU A 435 -16.10 46.55 -15.50
CA LEU A 435 -15.34 46.37 -16.74
C LEU A 435 -16.15 45.59 -17.77
N ASN A 436 -16.72 44.45 -17.48
CA ASN A 436 -17.50 43.76 -18.49
C ASN A 436 -18.39 42.98 -17.63
N PRO A 437 -19.51 43.57 -17.25
CA PRO A 437 -20.33 42.91 -16.23
C PRO A 437 -20.94 41.55 -16.52
N GLU A 438 -21.51 41.35 -17.67
CA GLU A 438 -22.10 40.10 -18.04
C GLU A 438 -21.14 38.98 -18.18
N ARG A 439 -19.99 39.26 -18.74
CA ARG A 439 -19.05 38.22 -19.00
C ARG A 439 -18.03 37.99 -17.92
N CYS A 440 -17.85 38.91 -16.99
CA CYS A 440 -16.72 38.71 -16.09
C CYS A 440 -17.15 38.99 -14.66
N GLN A 441 -17.08 37.97 -13.81
CA GLN A 441 -17.38 38.12 -12.39
C GLN A 441 -16.38 37.39 -11.50
N TYR A 442 -15.44 36.66 -12.07
CA TYR A 442 -14.43 35.92 -11.32
C TYR A 442 -13.07 36.40 -11.79
N TYR A 443 -12.35 37.12 -10.92
CA TYR A 443 -11.15 37.83 -11.32
C TYR A 443 -9.94 37.36 -10.52
N SER A 444 -8.80 37.28 -11.20
CA SER A 444 -7.50 37.12 -10.58
C SER A 444 -6.56 38.13 -11.21
N VAL A 445 -5.54 38.53 -10.45
CA VAL A 445 -4.66 39.62 -10.87
C VAL A 445 -3.21 39.20 -10.68
N SER A 446 -2.34 39.86 -11.44
CA SER A 446 -0.89 39.75 -11.26
C SER A 446 -0.29 41.12 -11.51
N PHE A 447 0.39 41.66 -10.51
CA PHE A 447 0.96 42.99 -10.60
C PHE A 447 2.41 42.94 -11.09
N SER A 448 2.91 44.10 -11.50
CA SER A 448 4.30 44.20 -11.95
C SER A 448 5.22 44.29 -10.75
N LYS A 449 6.51 44.53 -11.00
CA LYS A 449 7.49 44.50 -9.91
C LYS A 449 7.28 45.64 -8.94
N GLU A 450 6.84 46.80 -9.41
CA GLU A 450 6.49 47.93 -8.55
C GLU A 450 5.00 48.20 -8.54
N ALA A 451 4.20 47.23 -8.97
CA ALA A 451 2.74 47.37 -9.05
C ALA A 451 2.33 48.59 -9.88
N LYS A 452 3.07 48.83 -10.96
CA LYS A 452 2.71 49.89 -11.89
C LYS A 452 1.74 49.41 -12.97
N TYR A 453 1.87 48.15 -13.39
CA TYR A 453 0.94 47.53 -14.32
C TYR A 453 0.46 46.22 -13.73
N TYR A 454 -0.81 45.90 -13.96
CA TYR A 454 -1.37 44.63 -13.52
C TYR A 454 -2.17 43.99 -14.63
N GLN A 455 -2.05 42.68 -14.75
CA GLN A 455 -2.84 41.90 -15.69
C GLN A 455 -4.06 41.36 -14.97
N LEU A 456 -5.25 41.64 -15.50
CA LEU A 456 -6.50 41.16 -14.93
C LEU A 456 -6.91 39.90 -15.67
N ARG A 457 -6.88 38.77 -14.99
CA ARG A 457 -7.28 37.49 -15.56
C ARG A 457 -8.70 37.18 -15.11
N CYS A 458 -9.62 37.12 -16.06
CA CYS A 458 -11.02 36.84 -15.79
C CYS A 458 -11.37 35.45 -16.29
N SER A 459 -12.16 34.73 -15.51
CA SER A 459 -12.66 33.41 -15.88
C SER A 459 -14.13 33.29 -15.53
N GLY A 460 -14.88 34.36 -15.75
CA GLY A 460 -16.23 34.46 -15.26
C GLY A 460 -17.21 33.59 -16.02
N PRO A 461 -18.49 33.95 -15.98
CA PRO A 461 -19.49 33.13 -16.69
C PRO A 461 -19.23 33.02 -18.18
N GLY A 462 -18.66 34.05 -18.81
CA GLY A 462 -18.30 33.99 -20.20
C GLY A 462 -16.93 33.36 -20.39
N LEU A 463 -16.43 33.46 -21.62
CA LEU A 463 -15.11 32.94 -21.92
C LEU A 463 -14.05 33.75 -21.19
N PRO A 464 -12.95 33.12 -20.79
CA PRO A 464 -11.90 33.86 -20.08
C PRO A 464 -11.32 35.00 -20.91
N LEU A 465 -11.02 36.10 -20.25
CA LEU A 465 -10.55 37.32 -20.89
C LEU A 465 -9.35 37.85 -20.12
N TYR A 466 -8.29 38.21 -20.84
CA TYR A 466 -7.06 38.70 -20.25
C TYR A 466 -6.80 40.12 -20.73
N THR A 467 -6.67 41.06 -19.80
CA THR A 467 -6.45 42.46 -20.14
C THR A 467 -5.31 43.02 -19.30
N LEU A 468 -4.69 44.07 -19.82
CA LEU A 468 -3.58 44.75 -19.16
C LEU A 468 -4.00 46.16 -18.76
N HIS A 469 -3.66 46.56 -17.54
CA HIS A 469 -4.04 47.85 -17.00
C HIS A 469 -2.85 48.51 -16.32
N SER A 470 -2.86 49.83 -16.30
CA SER A 470 -1.87 50.63 -15.58
C SER A 470 -2.52 51.19 -14.33
N SER A 471 -1.86 50.99 -13.18
CA SER A 471 -2.45 51.35 -11.90
C SER A 471 -2.39 52.84 -11.61
N VAL A 472 -1.67 53.63 -12.41
CA VAL A 472 -1.58 55.06 -12.13
C VAL A 472 -2.92 55.75 -12.37
N ASN A 473 -3.73 55.24 -13.30
CA ASN A 473 -5.04 55.81 -13.55
C ASN A 473 -6.11 54.74 -13.78
N ASP A 474 -5.77 53.46 -13.55
CA ASP A 474 -6.72 52.36 -13.71
C ASP A 474 -7.33 52.32 -15.10
N LYS A 475 -6.51 52.60 -16.11
CA LYS A 475 -6.94 52.59 -17.50
C LYS A 475 -6.49 51.30 -18.18
N GLY A 476 -7.33 50.84 -19.11
CA GLY A 476 -7.03 49.62 -19.84
C GLY A 476 -6.17 49.92 -21.05
N LEU A 477 -5.07 49.18 -21.18
CA LEU A 477 -4.15 49.39 -22.29
C LEU A 477 -4.57 48.56 -23.51
N ARG A 478 -4.66 47.24 -23.35
CA ARG A 478 -5.00 46.38 -24.46
C ARG A 478 -5.57 45.08 -23.92
N VAL A 479 -6.16 44.30 -24.82
CA VAL A 479 -6.70 42.98 -24.50
C VAL A 479 -5.67 41.94 -24.91
N LEU A 480 -5.14 41.22 -23.93
CA LEU A 480 -4.09 40.24 -24.21
C LEU A 480 -4.65 38.98 -24.86
N GLU A 481 -5.78 38.48 -24.37
CA GLU A 481 -6.38 37.26 -24.90
C GLU A 481 -7.89 37.39 -24.80
N ASP A 482 -8.57 37.20 -25.93
CA ASP A 482 -10.02 37.36 -26.01
C ASP A 482 -10.76 36.03 -26.09
N ASN A 483 -10.06 34.95 -26.45
CA ASN A 483 -10.68 33.65 -26.73
C ASN A 483 -11.73 33.77 -27.83
N SER A 484 -11.35 34.46 -28.92
CA SER A 484 -12.26 34.66 -30.04
C SER A 484 -12.41 33.41 -30.88
N ALA A 485 -11.33 32.63 -31.02
CA ALA A 485 -11.41 31.39 -31.80
C ALA A 485 -12.34 30.40 -31.14
N LEU A 486 -12.27 30.27 -29.81
CA LEU A 486 -13.17 29.37 -29.11
C LEU A 486 -14.61 29.86 -29.20
N ASP A 487 -14.82 31.17 -29.13
CA ASP A 487 -16.17 31.72 -29.30
C ASP A 487 -16.72 31.38 -30.67
N LYS A 488 -15.90 31.51 -31.71
CA LYS A 488 -16.34 31.16 -33.06
C LYS A 488 -16.64 29.67 -33.17
N MET A 489 -15.83 28.83 -32.53
CA MET A 489 -16.02 27.38 -32.61
C MET A 489 -17.26 26.93 -31.84
N LEU A 490 -17.61 27.62 -30.76
CA LEU A 490 -18.68 27.18 -29.88
C LEU A 490 -20.07 27.62 -30.33
N GLN A 491 -20.19 28.37 -31.44
CA GLN A 491 -21.50 28.76 -31.92
C GLN A 491 -22.23 27.60 -32.61
N ASN A 492 -21.51 26.59 -33.08
CA ASN A 492 -22.11 25.44 -33.74
C ASN A 492 -22.32 24.27 -32.79
N VAL A 493 -22.17 24.48 -31.49
CA VAL A 493 -22.31 23.44 -30.49
C VAL A 493 -23.46 23.80 -29.56
N GLN A 494 -24.37 22.85 -29.33
CA GLN A 494 -25.43 23.03 -28.35
C GLN A 494 -24.79 23.05 -26.96
N MET A 495 -24.64 24.19 -26.36
CA MET A 495 -23.90 24.24 -25.14
C MET A 495 -24.80 24.32 -23.95
N PRO A 496 -24.36 23.74 -22.85
CA PRO A 496 -25.13 23.77 -21.62
C PRO A 496 -25.11 25.17 -20.99
N SER A 497 -26.00 25.48 -20.07
CA SER A 497 -26.04 26.76 -19.36
C SER A 497 -25.81 26.58 -17.87
N LYS A 498 -25.35 27.59 -17.17
CA LYS A 498 -25.16 27.50 -15.72
C LYS A 498 -26.01 28.48 -14.97
N LYS A 499 -26.71 28.02 -13.96
CA LYS A 499 -27.52 28.85 -13.12
C LYS A 499 -26.96 28.87 -11.73
N LEU A 500 -26.79 30.05 -11.19
CA LEU A 500 -26.28 30.21 -9.84
C LEU A 500 -27.32 30.95 -9.01
N ASP A 501 -27.83 30.29 -7.97
CA ASP A 501 -28.84 30.88 -7.10
C ASP A 501 -28.61 30.36 -5.69
N PHE A 502 -29.58 30.59 -4.80
CA PHE A 502 -29.48 30.20 -3.42
C PHE A 502 -30.81 29.67 -2.92
N ILE A 503 -30.75 28.91 -1.82
CA ILE A 503 -31.93 28.46 -1.11
C ILE A 503 -31.78 28.87 0.35
N ILE A 504 -32.91 28.99 1.02
CA ILE A 504 -32.95 29.40 2.43
C ILE A 504 -33.14 28.16 3.29
N LEU A 505 -32.23 27.97 4.25
CA LEU A 505 -32.32 26.89 5.23
C LEU A 505 -32.07 27.49 6.61
N ASN A 506 -33.09 27.49 7.46
CA ASN A 506 -33.01 28.07 8.79
C ASN A 506 -32.58 29.55 8.72
N GLU A 507 -33.22 30.29 7.81
CA GLU A 507 -32.96 31.72 7.62
C GLU A 507 -31.50 31.98 7.27
N THR A 508 -30.90 31.08 6.51
CA THR A 508 -29.53 31.24 6.02
C THR A 508 -29.50 30.90 4.54
N LYS A 509 -28.87 31.77 3.76
CA LYS A 509 -28.78 31.56 2.31
C LYS A 509 -27.61 30.62 2.01
N PHE A 510 -27.91 29.54 1.30
CA PHE A 510 -26.90 28.60 0.84
C PHE A 510 -26.96 28.53 -0.67
N TRP A 511 -25.80 28.65 -1.31
CA TRP A 511 -25.72 28.84 -2.75
C TRP A 511 -25.52 27.51 -3.46
N TYR A 512 -26.07 27.41 -4.66
CA TYR A 512 -25.93 26.23 -5.50
C TYR A 512 -25.72 26.66 -6.94
N GLN A 513 -25.17 25.75 -7.73
CA GLN A 513 -24.99 25.95 -9.16
C GLN A 513 -25.63 24.78 -9.90
N MET A 514 -26.06 25.05 -11.13
CA MET A 514 -26.78 24.06 -11.93
C MET A 514 -26.32 24.16 -13.38
N ILE A 515 -25.69 23.10 -13.88
CA ILE A 515 -25.33 22.99 -15.29
C ILE A 515 -26.56 22.44 -16.01
N LEU A 516 -27.24 23.30 -16.75
CA LEU A 516 -28.53 22.91 -17.33
C LEU A 516 -28.37 22.46 -18.77
N PRO A 517 -29.16 21.48 -19.21
CA PRO A 517 -29.06 21.02 -20.59
C PRO A 517 -29.52 22.10 -21.56
N PRO A 518 -29.04 22.08 -22.80
CA PRO A 518 -29.53 23.05 -23.79
C PRO A 518 -31.01 22.86 -24.06
N HIS A 519 -31.66 23.96 -24.43
CA HIS A 519 -33.12 24.00 -24.58
C HIS A 519 -33.81 23.52 -23.30
N PHE A 520 -33.38 24.07 -22.17
CA PHE A 520 -33.91 23.66 -20.89
C PHE A 520 -35.35 24.12 -20.74
N ASP A 521 -36.25 23.19 -20.43
CA ASP A 521 -37.64 23.50 -20.22
C ASP A 521 -37.98 23.16 -18.82
N LYS A 522 -38.49 24.09 -18.07
CA LYS A 522 -38.87 23.87 -16.69
C LYS A 522 -40.01 22.86 -16.61
N SER A 523 -40.89 22.82 -17.60
CA SER A 523 -41.97 21.83 -17.62
C SER A 523 -41.53 20.36 -17.66
N LYS A 524 -40.50 20.03 -18.39
CA LYS A 524 -39.99 18.66 -18.47
C LYS A 524 -39.27 18.20 -17.21
N LYS A 525 -39.15 16.91 -16.97
CA LYS A 525 -38.39 16.38 -15.82
C LYS A 525 -37.06 15.79 -16.25
N TYR A 526 -35.94 16.14 -15.59
CA TYR A 526 -34.61 15.73 -16.00
C TYR A 526 -33.96 14.90 -14.90
N PRO A 527 -33.14 13.92 -15.26
CA PRO A 527 -32.30 13.27 -14.24
C PRO A 527 -31.27 14.27 -13.70
N LEU A 528 -30.95 14.10 -12.42
CA LEU A 528 -30.08 15.03 -11.73
C LEU A 528 -28.88 14.29 -11.15
N LEU A 529 -27.69 14.80 -11.41
CA LEU A 529 -26.46 14.29 -10.81
C LEU A 529 -25.88 15.36 -9.90
N LEU A 530 -25.61 14.99 -8.66
CA LEU A 530 -25.11 15.92 -7.63
C LEU A 530 -23.60 15.76 -7.53
N ASP A 531 -22.86 16.68 -8.13
CA ASP A 531 -21.41 16.72 -7.99
C ASP A 531 -21.07 17.35 -6.64
N VAL A 532 -20.30 16.64 -5.82
CA VAL A 532 -20.07 17.03 -4.44
C VAL A 532 -18.58 16.96 -4.13
N TYR A 533 -18.08 17.98 -3.46
CA TYR A 533 -16.84 17.90 -2.69
C TYR A 533 -17.08 18.09 -1.21
N ALA A 534 -17.70 19.21 -0.83
CA ALA A 534 -18.20 19.47 0.52
C ALA A 534 -17.11 19.41 1.58
N GLY A 535 -15.85 19.60 1.21
CA GLY A 535 -14.77 19.66 2.16
C GLY A 535 -14.83 20.97 2.92
N PRO A 536 -14.12 21.04 4.05
CA PRO A 536 -14.10 22.30 4.81
C PRO A 536 -13.43 23.40 4.00
N CYS A 537 -14.06 24.57 3.99
CA CYS A 537 -13.61 25.73 3.22
C CYS A 537 -13.49 25.38 1.73
N SER A 538 -14.63 25.00 1.15
CA SER A 538 -14.71 24.65 -0.26
C SER A 538 -15.82 25.46 -0.92
N GLN A 539 -15.67 25.66 -2.23
CA GLN A 539 -16.64 26.44 -3.00
C GLN A 539 -16.89 25.71 -4.32
N LYS A 540 -18.04 25.04 -4.42
CA LYS A 540 -18.42 24.36 -5.64
C LYS A 540 -19.43 25.16 -6.46
N ALA A 541 -19.95 26.25 -5.93
CA ALA A 541 -20.89 27.12 -6.62
C ALA A 541 -20.23 28.47 -6.83
N ASP A 542 -19.69 28.67 -8.03
CA ASP A 542 -19.04 29.93 -8.39
C ASP A 542 -19.34 30.25 -9.83
N THR A 543 -18.93 31.45 -10.25
CA THR A 543 -19.14 31.92 -11.62
C THR A 543 -17.86 31.73 -12.43
N VAL A 544 -17.54 30.46 -12.71
CA VAL A 544 -16.34 30.09 -13.44
C VAL A 544 -16.75 29.25 -14.65
N PHE A 545 -16.27 29.65 -15.83
CA PHE A 545 -16.51 28.88 -17.03
C PHE A 545 -15.63 27.64 -17.06
N ARG A 546 -16.22 26.48 -17.34
CA ARG A 546 -15.49 25.22 -17.37
C ARG A 546 -15.98 24.37 -18.53
N LEU A 547 -15.08 23.53 -19.04
CA LEU A 547 -15.38 22.52 -20.04
C LEU A 547 -14.91 21.20 -19.45
N ASN A 548 -15.82 20.47 -18.82
CA ASN A 548 -15.45 19.26 -18.08
C ASN A 548 -16.48 18.18 -18.37
N TRP A 549 -16.49 17.17 -17.49
CA TRP A 549 -17.40 16.04 -17.65
C TRP A 549 -18.85 16.47 -17.51
N ALA A 550 -19.18 17.46 -16.74
CA ALA A 550 -20.51 17.93 -16.59
C ALA A 550 -21.06 18.60 -17.80
N THR A 551 -20.26 19.22 -18.65
CA THR A 551 -20.70 19.77 -19.91
C THR A 551 -21.17 18.73 -20.82
N TYR A 552 -20.46 17.62 -20.91
CA TYR A 552 -20.83 16.52 -21.74
C TYR A 552 -22.10 15.90 -21.31
N LEU A 553 -22.29 15.74 -20.02
CA LEU A 553 -23.48 15.18 -19.46
C LEU A 553 -24.69 15.99 -19.64
N ALA A 554 -24.59 17.28 -19.50
CA ALA A 554 -25.68 18.16 -19.73
C ALA A 554 -25.90 18.39 -21.20
N SER A 555 -24.84 18.51 -21.99
CA SER A 555 -25.03 18.81 -23.41
C SER A 555 -25.55 17.61 -24.18
N THR A 556 -25.00 16.42 -23.91
CA THR A 556 -25.31 15.24 -24.70
C THR A 556 -26.38 14.36 -24.06
N GLU A 557 -26.25 14.07 -22.76
CA GLU A 557 -27.16 13.17 -22.08
C GLU A 557 -28.33 13.88 -21.43
N ASN A 558 -28.36 15.22 -21.47
CA ASN A 558 -29.45 16.01 -20.90
C ASN A 558 -29.65 15.69 -19.42
N ILE A 559 -28.57 15.81 -18.66
CA ILE A 559 -28.56 15.56 -17.23
C ILE A 559 -28.25 16.87 -16.53
N ILE A 560 -29.04 17.23 -15.54
CA ILE A 560 -28.77 18.41 -14.73
C ILE A 560 -27.68 18.05 -13.72
N VAL A 561 -26.56 18.75 -13.78
CA VAL A 561 -25.46 18.56 -12.83
C VAL A 561 -25.50 19.72 -11.85
N ALA A 562 -25.63 19.41 -10.57
CA ALA A 562 -25.80 20.42 -9.53
C ALA A 562 -24.71 20.29 -8.48
N SER A 563 -24.27 21.43 -7.95
CA SER A 563 -23.36 21.48 -6.82
C SER A 563 -23.95 22.40 -5.78
N PHE A 564 -23.71 22.07 -4.51
CA PHE A 564 -24.31 22.77 -3.39
C PHE A 564 -23.25 23.15 -2.38
N ASP A 565 -23.35 24.37 -1.84
CA ASP A 565 -22.46 24.85 -0.80
C ASP A 565 -23.24 24.88 0.51
N GLY A 566 -23.01 23.89 1.34
CA GLY A 566 -23.69 23.75 2.61
C GLY A 566 -22.87 24.24 3.78
N ARG A 567 -23.14 23.68 4.95
CA ARG A 567 -22.39 24.03 6.14
C ARG A 567 -20.97 23.49 6.05
N GLY A 568 -20.02 24.30 6.51
CA GLY A 568 -18.62 23.96 6.41
C GLY A 568 -17.90 24.55 5.22
N SER A 569 -18.62 25.11 4.25
CA SER A 569 -18.01 25.72 3.10
C SER A 569 -17.37 27.07 3.47
N GLY A 570 -16.49 27.55 2.59
CA GLY A 570 -15.73 28.75 2.85
C GLY A 570 -16.27 29.98 2.15
N TYR A 571 -15.59 31.10 2.42
CA TYR A 571 -15.88 32.40 1.82
C TYR A 571 -17.29 32.89 2.15
N GLN A 572 -17.81 32.47 3.30
CA GLN A 572 -19.14 32.89 3.72
C GLN A 572 -19.21 33.32 5.18
N GLY A 573 -18.10 33.32 5.89
CA GLY A 573 -18.09 33.61 7.32
C GLY A 573 -17.74 32.37 8.14
N ASP A 574 -17.30 32.63 9.37
CA ASP A 574 -16.90 31.55 10.26
C ASP A 574 -18.08 30.76 10.81
N LYS A 575 -19.27 31.36 10.86
CA LYS A 575 -20.43 30.64 11.37
C LYS A 575 -20.77 29.46 10.48
N ILE A 576 -20.78 29.66 9.16
CA ILE A 576 -21.05 28.57 8.23
C ILE A 576 -19.88 27.60 8.19
N MET A 577 -18.65 28.13 8.20
CA MET A 577 -17.47 27.31 7.93
C MET A 577 -17.10 26.42 9.12
N HIS A 578 -17.23 26.93 10.34
CA HIS A 578 -16.82 26.23 11.54
C HIS A 578 -17.91 25.36 12.14
N ALA A 579 -19.07 25.26 11.50
CA ALA A 579 -20.09 24.32 11.93
C ALA A 579 -19.61 22.87 11.78
N ILE A 580 -18.65 22.63 10.88
CA ILE A 580 -18.10 21.30 10.67
C ILE A 580 -17.06 20.91 11.69
N ASN A 581 -16.74 21.79 12.63
CA ASN A 581 -15.60 21.57 13.53
C ASN A 581 -15.85 20.37 14.44
N ARG A 582 -14.91 19.43 14.42
CA ARG A 582 -14.92 18.21 15.22
C ARG A 582 -16.08 17.29 14.91
N ARG A 583 -16.81 17.55 13.83
CA ARG A 583 -17.99 16.78 13.44
C ARG A 583 -17.97 16.50 11.95
N LEU A 584 -16.81 16.07 11.44
CA LEU A 584 -16.71 15.72 10.04
C LEU A 584 -17.61 14.53 9.72
N GLY A 585 -18.34 14.63 8.62
CA GLY A 585 -19.24 13.58 8.22
C GLY A 585 -20.64 13.66 8.78
N THR A 586 -21.03 14.79 9.36
CA THR A 586 -22.36 14.95 9.93
C THR A 586 -23.19 16.01 9.21
N PHE A 587 -22.72 17.26 9.15
CA PHE A 587 -23.53 18.35 8.64
C PHE A 587 -23.43 18.50 7.12
N GLU A 588 -22.27 18.23 6.54
CA GLU A 588 -22.14 18.31 5.08
C GLU A 588 -22.99 17.24 4.40
N VAL A 589 -23.05 16.04 4.98
CA VAL A 589 -23.87 14.97 4.40
C VAL A 589 -25.35 15.34 4.45
N GLU A 590 -25.82 15.80 5.61
CA GLU A 590 -27.21 16.19 5.74
C GLU A 590 -27.54 17.37 4.84
N ASP A 591 -26.61 18.30 4.67
CA ASP A 591 -26.84 19.43 3.77
C ASP A 591 -26.94 18.97 2.33
N GLN A 592 -26.10 18.03 1.91
CA GLN A 592 -26.22 17.50 0.55
C GLN A 592 -27.57 16.82 0.35
N ILE A 593 -28.01 16.04 1.34
CA ILE A 593 -29.30 15.34 1.22
C ILE A 593 -30.45 16.33 1.17
N GLU A 594 -30.44 17.35 2.03
CA GLU A 594 -31.51 18.34 2.01
C GLU A 594 -31.49 19.16 0.74
N ALA A 595 -30.30 19.44 0.19
CA ALA A 595 -30.22 20.11 -1.10
C ALA A 595 -30.85 19.26 -2.20
N ALA A 596 -30.60 17.95 -2.18
CA ALA A 596 -31.23 17.08 -3.16
C ALA A 596 -32.75 17.08 -3.01
N ARG A 597 -33.23 17.08 -1.77
CA ARG A 597 -34.67 17.16 -1.54
C ARG A 597 -35.26 18.44 -2.11
N GLN A 598 -34.59 19.57 -1.87
CA GLN A 598 -35.07 20.85 -2.41
C GLN A 598 -35.03 20.84 -3.94
N PHE A 599 -33.97 20.28 -4.52
CA PHE A 599 -33.88 20.22 -5.97
C PHE A 599 -35.02 19.40 -6.56
N SER A 600 -35.34 18.27 -5.94
CA SER A 600 -36.48 17.48 -6.40
C SER A 600 -37.80 18.21 -6.20
N LYS A 601 -37.86 19.07 -5.18
CA LYS A 601 -39.05 19.91 -4.98
C LYS A 601 -39.15 21.05 -5.97
N MET A 602 -38.06 21.41 -6.65
CA MET A 602 -38.09 22.55 -7.56
C MET A 602 -39.07 22.34 -8.71
N GLY A 603 -39.23 21.11 -9.19
CA GLY A 603 -40.28 20.76 -10.14
C GLY A 603 -39.81 20.26 -11.48
N PHE A 604 -38.55 20.49 -11.86
CA PHE A 604 -38.04 20.01 -13.14
C PHE A 604 -37.06 18.84 -12.98
N VAL A 605 -37.02 18.23 -11.81
CA VAL A 605 -36.07 17.16 -11.50
C VAL A 605 -36.83 15.86 -11.33
N ASP A 606 -36.40 14.83 -12.05
CA ASP A 606 -36.95 13.49 -11.88
C ASP A 606 -36.55 12.96 -10.50
N ASN A 607 -37.55 12.66 -9.66
CA ASN A 607 -37.26 12.21 -8.31
C ASN A 607 -36.66 10.82 -8.28
N LYS A 608 -36.98 9.99 -9.26
CA LYS A 608 -36.47 8.62 -9.27
C LYS A 608 -35.02 8.54 -9.71
N ARG A 609 -34.60 9.40 -10.64
CA ARG A 609 -33.25 9.38 -11.17
C ARG A 609 -32.45 10.54 -10.57
N ILE A 610 -31.87 10.31 -9.40
CA ILE A 610 -30.98 11.25 -8.74
C ILE A 610 -29.73 10.50 -8.34
N ALA A 611 -28.56 11.05 -8.68
CA ALA A 611 -27.29 10.41 -8.38
C ALA A 611 -26.36 11.42 -7.73
N ILE A 612 -25.31 10.91 -7.08
CA ILE A 612 -24.31 11.73 -6.41
C ILE A 612 -22.94 11.12 -6.70
N TRP A 613 -21.96 11.98 -6.99
CA TRP A 613 -20.61 11.51 -7.26
C TRP A 613 -19.60 12.50 -6.69
N GLY A 614 -18.42 12.00 -6.36
CA GLY A 614 -17.39 12.86 -5.80
C GLY A 614 -16.03 12.21 -5.82
N TRP A 615 -15.02 13.03 -5.59
CA TRP A 615 -13.61 12.65 -5.61
C TRP A 615 -12.97 13.05 -4.28
N SER A 616 -12.13 12.16 -3.74
CA SER A 616 -11.40 12.39 -2.49
C SER A 616 -12.34 12.63 -1.31
N TYR A 617 -12.41 13.87 -0.81
CA TYR A 617 -13.41 14.20 0.20
C TYR A 617 -14.82 14.05 -0.35
N GLY A 618 -15.02 14.41 -1.62
CA GLY A 618 -16.30 14.20 -2.25
C GLY A 618 -16.69 12.74 -2.30
N GLY A 619 -15.71 11.85 -2.46
CA GLY A 619 -16.00 10.42 -2.41
C GLY A 619 -16.45 9.98 -1.03
N TYR A 620 -15.81 10.52 0.02
CA TYR A 620 -16.24 10.23 1.38
C TYR A 620 -17.67 10.71 1.62
N VAL A 621 -17.99 11.92 1.16
CA VAL A 621 -19.34 12.45 1.36
C VAL A 621 -20.35 11.64 0.55
N THR A 622 -19.98 11.22 -0.66
CA THR A 622 -20.87 10.39 -1.46
C THR A 622 -21.14 9.06 -0.78
N SER A 623 -20.10 8.43 -0.22
CA SER A 623 -20.29 7.16 0.47
C SER A 623 -21.14 7.32 1.72
N MET A 624 -20.92 8.40 2.47
CA MET A 624 -21.74 8.65 3.65
C MET A 624 -23.19 8.91 3.27
N VAL A 625 -23.42 9.65 2.19
CA VAL A 625 -24.78 9.92 1.72
C VAL A 625 -25.46 8.63 1.29
N LEU A 626 -24.74 7.76 0.57
CA LEU A 626 -25.32 6.51 0.12
C LEU A 626 -25.58 5.55 1.28
N GLY A 627 -24.75 5.58 2.32
CA GLY A 627 -25.01 4.80 3.50
C GLY A 627 -25.95 5.43 4.50
N SER A 628 -26.42 6.64 4.24
CA SER A 628 -27.35 7.29 5.15
C SER A 628 -28.74 6.64 5.16
N GLY A 629 -29.07 5.87 4.12
CA GLY A 629 -30.38 5.25 4.06
C GLY A 629 -31.52 6.23 3.83
N SER A 630 -31.26 7.34 3.15
CA SER A 630 -32.29 8.36 2.93
C SER A 630 -33.28 7.96 1.84
N GLY A 631 -32.83 7.23 0.83
CA GLY A 631 -33.69 6.86 -0.29
C GLY A 631 -33.80 7.90 -1.38
N VAL A 632 -33.16 9.05 -1.22
CA VAL A 632 -33.23 10.11 -2.23
C VAL A 632 -32.43 9.71 -3.48
N PHE A 633 -31.25 9.13 -3.29
CA PHE A 633 -30.30 8.91 -4.38
C PHE A 633 -30.41 7.49 -4.90
N LYS A 634 -30.50 7.37 -6.23
CA LYS A 634 -30.56 6.05 -6.86
C LYS A 634 -29.21 5.35 -6.85
N CYS A 635 -28.14 6.07 -7.15
CA CYS A 635 -26.82 5.47 -7.26
C CYS A 635 -25.76 6.52 -6.96
N GLY A 636 -24.50 6.10 -6.99
CA GLY A 636 -23.40 7.00 -6.68
C GLY A 636 -22.08 6.42 -7.08
N ILE A 637 -21.12 7.33 -7.29
CA ILE A 637 -19.74 6.98 -7.61
C ILE A 637 -18.81 7.64 -6.61
N ALA A 638 -17.90 6.86 -6.04
CA ALA A 638 -16.86 7.37 -5.16
C ALA A 638 -15.51 7.09 -5.79
N VAL A 639 -14.71 8.13 -5.96
CA VAL A 639 -13.39 8.00 -6.57
C VAL A 639 -12.36 8.37 -5.50
N ALA A 640 -11.45 7.46 -5.23
CA ALA A 640 -10.41 7.58 -4.20
C ALA A 640 -10.98 8.16 -2.91
N PRO A 641 -12.00 7.52 -2.33
CA PRO A 641 -12.68 8.12 -1.19
C PRO A 641 -11.96 7.85 0.12
N VAL A 642 -12.14 8.77 1.06
CA VAL A 642 -11.74 8.56 2.44
C VAL A 642 -12.78 7.68 3.11
N SER A 643 -12.33 6.62 3.78
CA SER A 643 -13.21 5.70 4.48
C SER A 643 -13.19 5.91 5.99
N ARG A 644 -12.00 5.97 6.57
CA ARG A 644 -11.79 6.17 8.00
C ARG A 644 -10.86 7.36 8.18
N TRP A 645 -11.18 8.23 9.14
CA TRP A 645 -10.34 9.40 9.34
C TRP A 645 -9.06 9.09 10.08
N GLU A 646 -8.92 7.88 10.64
CA GLU A 646 -7.65 7.46 11.21
C GLU A 646 -6.66 6.99 10.16
N TYR A 647 -7.10 6.79 8.93
CA TYR A 647 -6.21 6.41 7.83
C TYR A 647 -5.59 7.61 7.13
N TYR A 648 -6.05 8.82 7.42
CA TYR A 648 -5.58 10.02 6.75
C TYR A 648 -4.47 10.70 7.55
N ASP A 649 -3.80 11.65 6.92
CA ASP A 649 -2.64 12.27 7.54
C ASP A 649 -3.05 13.09 8.76
N SER A 650 -2.07 13.38 9.60
CA SER A 650 -2.36 13.98 10.90
C SER A 650 -2.73 15.45 10.76
N VAL A 651 -2.08 16.19 9.86
CA VAL A 651 -2.29 17.64 9.80
C VAL A 651 -3.71 17.96 9.36
N TYR A 652 -4.14 17.40 8.23
CA TYR A 652 -5.48 17.68 7.72
C TYR A 652 -6.55 17.19 8.69
N THR A 653 -6.42 15.94 9.16
CA THR A 653 -7.46 15.37 10.01
C THR A 653 -7.55 16.07 11.35
N GLU A 654 -6.41 16.38 11.97
CA GLU A 654 -6.41 17.02 13.27
C GLU A 654 -6.68 18.52 13.21
N ARG A 655 -6.63 19.12 12.01
CA ARG A 655 -7.14 20.48 11.88
C ARG A 655 -8.63 20.54 12.17
N TYR A 656 -9.38 19.54 11.74
CA TYR A 656 -10.83 19.55 11.80
C TYR A 656 -11.42 18.63 12.87
N MET A 657 -10.75 17.54 13.22
CA MET A 657 -11.30 16.57 14.16
C MET A 657 -10.56 16.50 15.49
N GLY A 658 -9.26 16.74 15.52
CA GLY A 658 -8.49 16.59 16.73
C GLY A 658 -7.81 15.24 16.80
N LEU A 659 -7.26 14.96 17.98
CA LEU A 659 -6.56 13.70 18.18
C LEU A 659 -7.55 12.56 18.40
N PRO A 660 -7.25 11.36 17.89
CA PRO A 660 -8.12 10.19 18.11
C PRO A 660 -7.82 9.46 19.42
N THR A 661 -7.97 10.18 20.52
CA THR A 661 -7.74 9.63 21.84
C THR A 661 -9.05 9.62 22.62
N PRO A 662 -9.22 8.67 23.56
CA PRO A 662 -10.48 8.62 24.31
C PRO A 662 -10.77 9.88 25.10
N GLU A 663 -9.74 10.65 25.46
CA GLU A 663 -9.97 11.92 26.14
C GLU A 663 -10.46 13.00 25.19
N ASP A 664 -9.96 13.02 23.95
CA ASP A 664 -10.29 14.14 23.08
C ASP A 664 -11.45 13.88 22.12
N ASN A 665 -11.26 13.13 21.04
CA ASN A 665 -12.34 12.99 20.05
C ASN A 665 -12.43 11.64 19.35
N LEU A 666 -12.09 10.56 20.01
CA LEU A 666 -12.15 9.23 19.47
C LEU A 666 -13.52 8.73 19.12
N ASP A 667 -14.52 9.07 19.87
CA ASP A 667 -15.82 8.63 19.54
C ASP A 667 -16.32 9.11 18.22
N HIS A 668 -16.15 10.37 17.85
CA HIS A 668 -16.54 10.77 16.53
C HIS A 668 -15.66 10.10 15.52
N TYR A 669 -14.41 9.97 15.80
CA TYR A 669 -13.59 9.24 14.91
C TYR A 669 -14.12 7.86 14.64
N ARG A 670 -14.73 7.22 15.61
CA ARG A 670 -15.32 5.89 15.42
C ARG A 670 -16.72 5.93 14.80
N ASN A 671 -17.51 6.98 15.03
CA ASN A 671 -18.88 7.04 14.56
C ASN A 671 -19.00 7.53 13.12
N SER A 672 -17.94 8.07 12.54
CA SER A 672 -17.99 8.77 11.25
C SER A 672 -17.28 8.00 10.15
N THR A 673 -17.45 6.68 10.13
CA THR A 673 -16.80 5.82 9.15
C THR A 673 -17.81 5.35 8.12
N VAL A 674 -17.32 5.01 6.96
CA VAL A 674 -18.19 4.58 5.89
C VAL A 674 -18.54 3.14 6.12
N MET A 675 -17.71 2.43 6.83
CA MET A 675 -17.91 1.03 7.14
C MET A 675 -19.09 0.77 8.01
N SER A 676 -19.35 1.62 8.95
CA SER A 676 -20.42 1.45 9.87
C SER A 676 -21.71 1.45 9.14
N ARG A 677 -21.77 2.09 7.99
CA ARG A 677 -22.99 2.19 7.22
C ARG A 677 -23.13 1.21 6.10
N ALA A 678 -22.42 0.08 6.12
CA ALA A 678 -22.43 -0.86 5.01
C ALA A 678 -23.78 -1.54 4.82
N GLU A 679 -24.62 -1.60 5.85
CA GLU A 679 -25.91 -2.25 5.72
C GLU A 679 -26.86 -1.45 4.82
N ASN A 680 -26.73 -0.13 4.80
CA ASN A 680 -27.64 0.74 4.06
C ASN A 680 -27.31 0.81 2.58
N PHE A 681 -26.22 0.19 2.13
CA PHE A 681 -25.84 0.24 0.73
C PHE A 681 -26.65 -0.69 -0.15
N LYS A 682 -27.48 -1.56 0.44
CA LYS A 682 -28.30 -2.47 -0.35
C LYS A 682 -29.43 -1.76 -1.08
N GLN A 683 -29.74 -0.51 -0.74
CA GLN A 683 -30.78 0.25 -1.41
C GLN A 683 -30.24 1.13 -2.54
N VAL A 684 -28.93 1.11 -2.80
CA VAL A 684 -28.34 1.96 -3.82
C VAL A 684 -27.41 1.12 -4.69
N GLU A 685 -27.03 1.70 -5.83
CA GLU A 685 -25.97 1.16 -6.68
C GLU A 685 -24.69 1.96 -6.45
N TYR A 686 -23.58 1.25 -6.25
CA TYR A 686 -22.33 1.86 -5.82
C TYR A 686 -21.23 1.55 -6.83
N LEU A 687 -20.45 2.57 -7.18
CA LEU A 687 -19.23 2.41 -7.96
C LEU A 687 -18.09 2.97 -7.15
N LEU A 688 -17.10 2.13 -6.86
CA LEU A 688 -15.97 2.48 -6.00
C LEU A 688 -14.68 2.36 -6.80
N ILE A 689 -13.94 3.45 -6.96
CA ILE A 689 -12.70 3.50 -7.73
C ILE A 689 -11.52 4.03 -6.99
N HIS A 690 -10.41 3.36 -7.11
CA HIS A 690 -9.19 3.83 -6.53
C HIS A 690 -8.01 3.45 -7.39
N GLY A 691 -6.90 4.16 -7.26
CA GLY A 691 -5.66 3.85 -7.93
C GLY A 691 -4.78 3.25 -6.90
N THR A 692 -4.16 2.14 -7.18
CA THR A 692 -3.34 1.40 -6.25
C THR A 692 -2.10 2.09 -5.71
N ALA A 693 -1.45 2.93 -6.50
CA ALA A 693 -0.27 3.67 -6.09
C ALA A 693 -0.59 5.02 -5.49
N ASP A 694 -1.80 5.19 -4.95
CA ASP A 694 -2.17 6.45 -4.33
C ASP A 694 -1.39 6.67 -3.04
N ASP A 695 -0.81 7.86 -2.90
CA ASP A 695 -0.05 8.21 -1.72
C ASP A 695 -0.76 9.22 -0.83
N ASN A 696 -1.80 9.88 -1.34
CA ASN A 696 -2.58 10.82 -0.53
C ASN A 696 -3.70 10.09 0.21
N VAL A 697 -4.62 9.49 -0.53
CA VAL A 697 -5.68 8.64 0.03
C VAL A 697 -5.33 7.22 -0.37
N HIS A 698 -4.78 6.46 0.57
CA HIS A 698 -4.21 5.17 0.25
C HIS A 698 -5.29 4.18 -0.17
N PHE A 699 -4.86 3.16 -0.92
CA PHE A 699 -5.76 2.11 -1.37
C PHE A 699 -6.37 1.36 -0.20
N GLN A 700 -5.78 1.46 0.99
CA GLN A 700 -6.31 0.78 2.16
C GLN A 700 -7.74 1.23 2.48
N GLN A 701 -8.06 2.49 2.22
CA GLN A 701 -9.40 2.98 2.53
C GLN A 701 -10.47 2.32 1.66
N SER A 702 -10.22 2.27 0.35
CA SER A 702 -11.16 1.60 -0.55
C SER A 702 -11.18 0.10 -0.30
N ALA A 703 -10.03 -0.48 0.04
CA ALA A 703 -9.99 -1.90 0.39
C ALA A 703 -10.85 -2.21 1.60
N GLN A 704 -10.80 -1.34 2.60
CA GLN A 704 -11.62 -1.53 3.80
C GLN A 704 -13.10 -1.33 3.50
N ILE A 705 -13.43 -0.34 2.66
CA ILE A 705 -14.82 -0.14 2.25
C ILE A 705 -15.36 -1.39 1.58
N SER A 706 -14.59 -1.93 0.62
CA SER A 706 -15.04 -3.11 -0.11
C SER A 706 -15.13 -4.33 0.81
N LYS A 707 -14.20 -4.47 1.75
CA LYS A 707 -14.26 -5.57 2.69
C LYS A 707 -15.52 -5.50 3.54
N ALA A 708 -15.87 -4.30 4.03
CA ALA A 708 -17.09 -4.15 4.80
C ALA A 708 -18.33 -4.47 3.97
N LEU A 709 -18.37 -3.98 2.72
CA LEU A 709 -19.52 -4.23 1.87
C LEU A 709 -19.67 -5.72 1.56
N VAL A 710 -18.64 -6.51 1.37
CA VAL A 710 -18.75 -7.94 1.15
C VAL A 710 -19.24 -8.73 2.34
N ASP A 711 -18.89 -8.32 3.52
CA ASP A 711 -19.32 -8.92 4.75
C ASP A 711 -20.77 -8.84 5.03
N VAL A 712 -21.41 -7.75 4.71
CA VAL A 712 -22.83 -7.55 4.88
C VAL A 712 -23.64 -8.02 3.72
N GLY A 713 -23.02 -8.48 2.64
CA GLY A 713 -23.75 -8.86 1.47
C GLY A 713 -24.12 -7.97 0.35
N VAL A 714 -23.56 -6.79 0.31
CA VAL A 714 -23.92 -5.82 -0.69
C VAL A 714 -23.20 -6.03 -1.99
N ASP A 715 -23.92 -6.03 -3.08
CA ASP A 715 -23.34 -6.07 -4.42
C ASP A 715 -23.06 -4.65 -4.90
N PHE A 716 -21.83 -4.43 -5.35
CA PHE A 716 -21.39 -3.12 -5.81
C PHE A 716 -20.45 -3.33 -6.99
N GLN A 717 -19.96 -2.23 -7.55
CA GLN A 717 -19.00 -2.28 -8.64
C GLN A 717 -17.72 -1.58 -8.22
N ALA A 718 -16.59 -2.17 -8.56
CA ALA A 718 -15.28 -1.65 -8.19
C ALA A 718 -14.40 -1.55 -9.41
N MET A 719 -13.37 -0.72 -9.30
CA MET A 719 -12.34 -0.61 -10.33
C MET A 719 -11.06 -0.09 -9.69
N TRP A 720 -10.00 -0.87 -9.75
CA TRP A 720 -8.69 -0.41 -9.37
C TRP A 720 -7.93 0.06 -10.61
N TYR A 721 -7.05 1.03 -10.42
CA TYR A 721 -6.21 1.54 -11.49
C TYR A 721 -4.76 1.31 -11.09
N THR A 722 -4.08 0.42 -11.81
CA THR A 722 -2.72 0.06 -11.48
C THR A 722 -1.78 1.25 -11.64
N ASP A 723 -0.95 1.47 -10.63
CA ASP A 723 0.13 2.44 -10.65
C ASP A 723 -0.36 3.88 -10.69
N GLU A 724 -1.64 4.12 -10.46
CA GLU A 724 -2.24 5.44 -10.61
C GLU A 724 -2.30 6.14 -9.26
N ASP A 725 -1.93 7.40 -9.23
CA ASP A 725 -1.91 8.18 -8.00
C ASP A 725 -3.30 8.75 -7.74
N HIS A 726 -3.37 9.75 -6.85
CA HIS A 726 -4.63 10.35 -6.46
C HIS A 726 -5.34 11.00 -7.65
N GLY A 727 -4.57 11.64 -8.53
CA GLY A 727 -5.19 12.34 -9.65
C GLY A 727 -5.71 11.41 -10.73
N ILE A 728 -5.11 10.23 -10.88
CA ILE A 728 -5.37 9.35 -12.02
C ILE A 728 -5.23 10.18 -13.28
N ALA A 729 -4.09 10.87 -13.40
CA ALA A 729 -3.92 11.94 -14.36
C ALA A 729 -3.29 11.50 -15.67
N SER A 730 -2.81 10.27 -15.77
CA SER A 730 -2.28 9.79 -17.04
C SER A 730 -3.39 9.76 -18.07
N SER A 731 -3.04 10.04 -19.33
CA SER A 731 -4.05 10.25 -20.36
C SER A 731 -4.92 9.02 -20.53
N THR A 732 -4.30 7.85 -20.63
CA THR A 732 -5.06 6.61 -20.82
C THR A 732 -5.96 6.32 -19.64
N ALA A 733 -5.43 6.46 -18.42
CA ALA A 733 -6.23 6.19 -17.23
C ALA A 733 -7.34 7.22 -17.07
N HIS A 734 -7.06 8.49 -17.40
CA HIS A 734 -8.08 9.53 -17.33
C HIS A 734 -9.23 9.23 -18.28
N GLN A 735 -8.91 8.90 -19.53
CA GLN A 735 -9.95 8.56 -20.49
C GLN A 735 -10.73 7.32 -20.05
N HIS A 736 -10.01 6.32 -19.53
CA HIS A 736 -10.68 5.09 -19.08
C HIS A 736 -11.65 5.36 -17.94
N ILE A 737 -11.22 6.16 -16.95
CA ILE A 737 -12.08 6.37 -15.79
C ILE A 737 -13.29 7.19 -16.17
N TYR A 738 -13.13 8.18 -17.05
CA TYR A 738 -14.32 8.97 -17.39
C TYR A 738 -15.26 8.20 -18.32
N THR A 739 -14.72 7.34 -19.18
CA THR A 739 -15.58 6.47 -19.98
C THR A 739 -16.34 5.49 -19.10
N HIS A 740 -15.67 4.91 -18.10
CA HIS A 740 -16.32 3.97 -17.20
C HIS A 740 -17.41 4.65 -16.38
N MET A 741 -17.13 5.85 -15.87
CA MET A 741 -18.14 6.57 -15.09
C MET A 741 -19.31 7.00 -15.95
N SER A 742 -19.06 7.37 -17.21
CA SER A 742 -20.16 7.69 -18.13
C SER A 742 -21.02 6.47 -18.40
N HIS A 743 -20.39 5.30 -18.60
CA HIS A 743 -21.16 4.07 -18.77
C HIS A 743 -22.03 3.79 -17.56
N PHE A 744 -21.46 3.92 -16.36
CA PHE A 744 -22.23 3.68 -15.14
C PHE A 744 -23.39 4.64 -15.00
N ILE A 745 -23.16 5.93 -15.28
CA ILE A 745 -24.24 6.91 -15.14
C ILE A 745 -25.33 6.67 -16.16
N LYS A 746 -24.96 6.31 -17.40
CA LYS A 746 -25.94 5.99 -18.41
C LYS A 746 -26.78 4.78 -18.01
N GLN A 747 -26.14 3.75 -17.46
CA GLN A 747 -26.86 2.57 -17.02
C GLN A 747 -27.80 2.90 -15.85
N CYS A 748 -27.35 3.74 -14.92
CA CYS A 748 -28.17 4.10 -13.77
C CYS A 748 -29.43 4.86 -14.19
N PHE A 749 -29.29 5.80 -15.12
CA PHE A 749 -30.41 6.62 -15.55
C PHE A 749 -31.20 6.01 -16.69
N SER A 750 -30.82 4.81 -17.14
CA SER A 750 -31.51 4.12 -18.25
C SER A 750 -31.51 4.97 -19.51
N LEU A 751 -30.41 5.67 -19.75
CA LEU A 751 -30.29 6.51 -20.94
C LEU A 751 -30.02 5.65 -22.16
N PRO A 752 -30.83 5.75 -23.23
CA PRO A 752 -30.65 4.94 -24.44
C PRO A 752 -29.33 5.23 -25.15
N SER B 25 -43.69 -23.70 -11.30
CA SER B 25 -44.12 -25.04 -10.93
C SER B 25 -43.27 -25.60 -9.79
N ARG B 26 -42.46 -26.60 -10.11
CA ARG B 26 -41.60 -27.21 -9.09
C ARG B 26 -40.41 -26.32 -8.79
N LYS B 27 -39.75 -26.62 -7.67
CA LYS B 27 -38.56 -25.88 -7.28
C LYS B 27 -37.38 -26.28 -8.13
N THR B 28 -36.39 -25.40 -8.19
CA THR B 28 -35.15 -25.62 -8.92
C THR B 28 -33.98 -25.42 -7.98
N TYR B 29 -32.79 -25.76 -8.46
CA TYR B 29 -31.57 -25.51 -7.71
C TYR B 29 -31.23 -24.04 -7.88
N THR B 30 -31.40 -23.27 -6.82
CA THR B 30 -31.19 -21.85 -6.83
C THR B 30 -29.84 -21.47 -6.28
N LEU B 31 -29.42 -20.22 -6.40
CA LEU B 31 -28.13 -19.75 -5.92
C LEU B 31 -28.05 -19.84 -4.43
N THR B 32 -29.12 -19.56 -3.71
CA THR B 32 -29.17 -19.71 -2.27
C THR B 32 -28.94 -21.12 -1.88
N ASP B 33 -29.52 -22.05 -2.59
CA ASP B 33 -29.29 -23.45 -2.35
C ASP B 33 -27.87 -23.80 -2.53
N TYR B 34 -27.15 -23.22 -3.47
CA TYR B 34 -25.72 -23.48 -3.56
C TYR B 34 -24.93 -22.74 -2.50
N LEU B 35 -25.26 -21.48 -2.25
CA LEU B 35 -24.48 -20.67 -1.33
C LEU B 35 -24.72 -21.05 0.12
N LYS B 36 -25.98 -21.31 0.47
CA LYS B 36 -26.33 -21.73 1.82
C LYS B 36 -26.13 -23.22 2.03
N ASN B 37 -25.85 -23.97 0.96
CA ASN B 37 -25.60 -25.40 1.01
C ASN B 37 -26.79 -26.14 1.63
N THR B 38 -27.95 -25.97 0.98
CA THR B 38 -29.17 -26.60 1.47
C THR B 38 -29.13 -28.11 1.31
N TYR B 39 -28.57 -28.59 0.19
CA TYR B 39 -28.52 -30.01 -0.11
C TYR B 39 -27.11 -30.51 0.19
N ARG B 40 -26.98 -31.30 1.25
CA ARG B 40 -25.69 -31.73 1.78
C ARG B 40 -25.37 -33.12 1.28
N LEU B 41 -24.15 -33.32 0.78
CA LEU B 41 -23.65 -34.64 0.42
C LEU B 41 -23.05 -35.28 1.66
N LYS B 42 -23.65 -36.35 2.12
CA LYS B 42 -23.16 -37.05 3.31
C LYS B 42 -21.97 -37.94 2.95
N LEU B 43 -21.00 -37.99 3.86
CA LEU B 43 -19.78 -38.76 3.68
C LEU B 43 -19.60 -39.73 4.84
N TYR B 44 -18.76 -40.73 4.61
CA TYR B 44 -18.39 -41.71 5.63
C TYR B 44 -16.88 -41.74 5.74
N SER B 45 -16.34 -40.86 6.58
CA SER B 45 -14.90 -40.76 6.77
C SER B 45 -14.49 -41.65 7.94
N LEU B 46 -13.68 -42.66 7.66
CA LEU B 46 -13.22 -43.58 8.69
C LEU B 46 -11.70 -43.68 8.67
N ARG B 47 -11.14 -43.93 9.84
CA ARG B 47 -9.69 -44.08 10.00
C ARG B 47 -9.39 -45.52 10.40
N TRP B 48 -8.76 -46.30 9.57
CA TRP B 48 -8.55 -47.67 9.91
C TRP B 48 -7.49 -47.75 10.97
N ILE B 49 -7.86 -47.84 12.23
CA ILE B 49 -6.92 -48.03 13.34
C ILE B 49 -6.18 -49.34 13.29
N SER B 50 -6.83 -50.41 12.86
CA SER B 50 -6.24 -51.72 12.88
C SER B 50 -6.66 -52.48 11.69
N ASP B 51 -6.11 -53.67 11.52
CA ASP B 51 -6.54 -54.54 10.48
C ASP B 51 -8.02 -54.73 10.39
N HIS B 52 -8.77 -54.82 11.49
CA HIS B 52 -10.19 -55.01 11.26
C HIS B 52 -11.06 -54.03 12.04
N GLU B 53 -10.50 -52.92 12.51
CA GLU B 53 -11.25 -51.91 13.24
C GLU B 53 -10.97 -50.55 12.63
N TYR B 54 -11.95 -49.65 12.75
CA TYR B 54 -11.77 -48.28 12.30
C TYR B 54 -12.56 -47.35 13.19
N LEU B 55 -12.16 -46.08 13.19
CA LEU B 55 -12.79 -45.05 14.00
C LEU B 55 -13.70 -44.20 13.16
N TYR B 56 -14.93 -43.99 13.63
CA TYR B 56 -15.90 -43.13 12.97
C TYR B 56 -16.41 -42.13 13.99
N LYS B 57 -16.57 -40.88 13.56
CA LYS B 57 -17.01 -39.80 14.44
C LYS B 57 -18.43 -39.40 14.06
N GLN B 58 -19.41 -39.93 14.78
CA GLN B 58 -20.80 -39.55 14.60
C GLN B 58 -21.37 -39.07 15.93
N GLU B 59 -22.24 -38.06 15.86
CA GLU B 59 -22.81 -37.43 17.03
C GLU B 59 -21.73 -36.89 17.96
N ASN B 60 -20.65 -36.37 17.37
CA ASN B 60 -19.57 -35.69 18.08
C ASN B 60 -18.90 -36.60 19.11
N ASN B 61 -18.79 -37.89 18.83
CA ASN B 61 -17.98 -38.77 19.64
C ASN B 61 -17.45 -39.90 18.77
N ILE B 62 -16.26 -40.37 19.12
CA ILE B 62 -15.53 -41.35 18.31
C ILE B 62 -16.01 -42.75 18.68
N LEU B 63 -16.34 -43.54 17.65
CA LEU B 63 -16.83 -44.89 17.82
C LEU B 63 -15.89 -45.88 17.14
N VAL B 64 -15.79 -47.08 17.70
CA VAL B 64 -15.01 -48.17 17.14
C VAL B 64 -15.94 -49.15 16.46
N PHE B 65 -15.67 -49.47 15.20
CA PHE B 65 -16.49 -50.38 14.43
C PHE B 65 -15.70 -51.62 14.07
N ASN B 66 -16.29 -52.79 14.30
CA ASN B 66 -15.71 -54.04 13.83
C ASN B 66 -16.09 -54.25 12.37
N ALA B 67 -15.08 -54.43 11.52
CA ALA B 67 -15.33 -54.52 10.08
C ALA B 67 -16.07 -55.79 9.68
N GLU B 68 -16.12 -56.80 10.54
CA GLU B 68 -16.76 -58.05 10.17
C GLU B 68 -18.28 -57.95 10.23
N TYR B 69 -18.83 -57.61 11.39
CA TYR B 69 -20.26 -57.67 11.62
C TYR B 69 -20.74 -56.46 12.42
N GLY B 70 -20.30 -55.27 12.04
CA GLY B 70 -20.78 -54.07 12.72
C GLY B 70 -20.12 -53.91 14.07
N ASN B 71 -20.87 -54.20 15.13
CA ASN B 71 -20.32 -54.30 16.49
C ASN B 71 -19.64 -53.00 16.90
N SER B 72 -20.44 -51.93 16.94
CA SER B 72 -19.93 -50.62 17.27
C SER B 72 -19.79 -50.45 18.78
N SER B 73 -18.78 -49.68 19.19
CA SER B 73 -18.54 -49.38 20.59
C SER B 73 -18.04 -47.95 20.70
N VAL B 74 -18.30 -47.34 21.85
CA VAL B 74 -17.90 -45.94 22.08
C VAL B 74 -16.46 -45.89 22.54
N PHE B 75 -15.64 -45.12 21.83
CA PHE B 75 -14.22 -44.94 22.15
C PHE B 75 -14.00 -43.72 23.04
N LEU B 76 -14.56 -42.58 22.65
CA LEU B 76 -14.57 -41.37 23.46
C LEU B 76 -15.98 -40.81 23.47
N GLU B 77 -16.30 -40.07 24.53
CA GLU B 77 -17.62 -39.49 24.71
C GLU B 77 -17.58 -37.99 24.49
N ASN B 78 -18.77 -37.40 24.35
CA ASN B 78 -18.89 -35.97 24.13
C ASN B 78 -18.47 -35.17 25.36
N SER B 79 -18.76 -35.70 26.56
CA SER B 79 -18.45 -34.98 27.79
C SER B 79 -16.96 -34.78 27.97
N THR B 80 -16.15 -35.76 27.56
CA THR B 80 -14.70 -35.59 27.63
C THR B 80 -14.26 -34.40 26.79
N PHE B 81 -14.80 -34.27 25.58
CA PHE B 81 -14.49 -33.10 24.76
C PHE B 81 -15.00 -31.82 25.41
N ASP B 82 -16.06 -31.87 26.17
CA ASP B 82 -16.51 -30.68 26.89
C ASP B 82 -15.60 -30.21 28.01
N GLU B 83 -14.76 -31.09 28.52
CA GLU B 83 -13.94 -30.72 29.67
C GLU B 83 -13.00 -29.54 29.48
N PHE B 84 -12.14 -29.60 28.49
CA PHE B 84 -11.14 -28.55 28.25
C PHE B 84 -11.83 -27.28 27.78
N GLY B 85 -11.34 -26.13 28.20
CA GLY B 85 -12.03 -24.89 27.87
C GLY B 85 -12.16 -24.54 26.41
N HIS B 86 -11.12 -24.77 25.64
CA HIS B 86 -11.10 -24.43 24.23
C HIS B 86 -11.73 -25.45 23.32
N SER B 87 -12.01 -25.07 22.09
CA SER B 87 -12.66 -25.96 21.16
C SER B 87 -11.70 -26.85 20.40
N ILE B 88 -12.03 -28.10 20.20
CA ILE B 88 -11.06 -28.99 19.58
C ILE B 88 -11.26 -28.98 18.07
N ASN B 89 -10.20 -28.68 17.33
CA ASN B 89 -10.27 -28.65 15.87
C ASN B 89 -10.14 -30.05 15.28
N ASP B 90 -9.15 -30.82 15.74
CA ASP B 90 -8.91 -32.14 15.21
C ASP B 90 -8.29 -33.01 16.28
N TYR B 91 -8.35 -34.33 16.05
CA TYR B 91 -7.81 -35.31 16.98
C TYR B 91 -6.96 -36.32 16.22
N SER B 92 -5.94 -36.83 16.90
CA SER B 92 -5.07 -37.86 16.36
C SER B 92 -4.88 -38.94 17.41
N ILE B 93 -4.98 -40.20 16.98
CA ILE B 93 -4.98 -41.35 17.89
C ILE B 93 -3.62 -42.04 17.81
N SER B 94 -3.03 -42.29 18.97
CA SER B 94 -1.77 -43.03 19.02
C SER B 94 -1.98 -44.45 18.48
N PRO B 95 -1.03 -44.98 17.72
CA PRO B 95 -1.22 -46.32 17.14
C PRO B 95 -1.41 -47.42 18.18
N ASP B 96 -0.87 -47.27 19.38
CA ASP B 96 -1.14 -48.23 20.44
C ASP B 96 -2.48 -47.98 21.13
N GLY B 97 -3.17 -46.91 20.78
CA GLY B 97 -4.47 -46.63 21.34
C GLY B 97 -4.48 -46.13 22.76
N GLN B 98 -3.33 -45.74 23.30
CA GLN B 98 -3.24 -45.31 24.69
C GLN B 98 -3.31 -43.80 24.87
N PHE B 99 -3.05 -43.03 23.82
CA PHE B 99 -3.06 -41.58 23.92
C PHE B 99 -3.80 -40.99 22.74
N ILE B 100 -4.34 -39.80 22.94
CA ILE B 100 -4.95 -39.02 21.86
C ILE B 100 -4.32 -37.64 21.85
N LEU B 101 -4.27 -37.04 20.68
CA LEU B 101 -3.66 -35.73 20.48
C LEU B 101 -4.76 -34.76 20.06
N LEU B 102 -5.04 -33.78 20.92
CA LEU B 102 -6.14 -32.85 20.71
C LEU B 102 -5.56 -31.52 20.18
N GLU B 103 -6.03 -31.09 19.02
CA GLU B 103 -5.53 -29.91 18.35
C GLU B 103 -6.54 -28.78 18.49
N TYR B 104 -6.06 -27.62 18.91
CA TYR B 104 -6.90 -26.43 19.07
C TYR B 104 -6.05 -25.21 18.75
N ASN B 105 -6.68 -24.04 18.83
CA ASN B 105 -6.05 -22.77 18.46
C ASN B 105 -5.51 -22.83 17.03
N TYR B 106 -6.33 -23.39 16.13
CA TYR B 106 -5.93 -23.57 14.74
C TYR B 106 -5.83 -22.22 14.03
N VAL B 107 -4.72 -22.00 13.35
CA VAL B 107 -4.49 -20.78 12.57
C VAL B 107 -3.88 -21.19 11.24
N LYS B 108 -4.61 -21.00 10.16
CA LYS B 108 -4.17 -21.40 8.83
C LYS B 108 -3.16 -20.40 8.26
N GLN B 109 -2.14 -20.92 7.58
CA GLN B 109 -1.16 -20.08 6.91
C GLN B 109 -1.23 -20.18 5.39
N TRP B 110 -0.98 -21.36 4.83
CA TRP B 110 -1.10 -21.57 3.39
C TRP B 110 -2.06 -22.71 3.13
N ARG B 111 -2.06 -23.22 1.90
CA ARG B 111 -3.03 -24.25 1.50
C ARG B 111 -2.90 -25.50 2.37
N HIS B 112 -1.68 -25.87 2.77
CA HIS B 112 -1.48 -27.06 3.57
C HIS B 112 -0.85 -26.80 4.93
N SER B 113 -0.46 -25.58 5.23
CA SER B 113 0.31 -25.27 6.43
C SER B 113 -0.53 -24.47 7.42
N TYR B 114 -0.28 -24.71 8.71
CA TYR B 114 -0.97 -23.99 9.77
C TYR B 114 -0.18 -24.14 11.05
N THR B 115 -0.63 -23.44 12.09
CA THR B 115 -0.10 -23.60 13.44
C THR B 115 -1.26 -23.83 14.40
N ALA B 116 -0.99 -24.56 15.48
CA ALA B 116 -2.02 -24.92 16.43
C ALA B 116 -1.37 -25.26 17.76
N SER B 117 -2.20 -25.32 18.80
CA SER B 117 -1.80 -25.83 20.10
C SER B 117 -2.32 -27.25 20.26
N TYR B 118 -1.55 -28.08 20.97
CA TYR B 118 -1.87 -29.49 21.10
C TYR B 118 -1.86 -29.91 22.56
N ASP B 119 -2.81 -30.77 22.92
CA ASP B 119 -2.88 -31.36 24.25
C ASP B 119 -2.92 -32.87 24.10
N ILE B 120 -2.24 -33.57 25.00
CA ILE B 120 -2.20 -35.04 24.99
C ILE B 120 -3.07 -35.54 26.13
N TYR B 121 -3.97 -36.46 25.82
CA TYR B 121 -4.90 -37.02 26.79
C TYR B 121 -4.64 -38.52 26.90
N ASP B 122 -4.34 -38.98 28.12
CA ASP B 122 -4.15 -40.41 28.35
C ASP B 122 -5.49 -41.11 28.32
N LEU B 123 -5.59 -42.18 27.54
CA LEU B 123 -6.85 -42.91 27.39
C LEU B 123 -7.02 -44.02 28.42
N ASN B 124 -5.95 -44.41 29.11
CA ASN B 124 -6.06 -45.39 30.18
C ASN B 124 -6.27 -44.72 31.53
N LYS B 125 -5.49 -43.67 31.83
CA LYS B 125 -5.67 -42.92 33.06
C LYS B 125 -6.79 -41.90 32.98
N ARG B 126 -7.28 -41.60 31.77
CA ARG B 126 -8.39 -40.67 31.55
C ARG B 126 -8.09 -39.29 32.16
N GLN B 127 -6.87 -38.81 31.97
CA GLN B 127 -6.48 -37.49 32.44
C GLN B 127 -5.60 -36.82 31.40
N LEU B 128 -5.50 -35.49 31.50
CA LEU B 128 -4.58 -34.75 30.67
C LEU B 128 -3.15 -34.96 31.15
N ILE B 129 -2.20 -34.74 30.27
CA ILE B 129 -0.81 -34.89 30.61
C ILE B 129 -0.36 -33.48 30.63
N THR B 130 -0.24 -32.91 31.81
CA THR B 130 0.09 -31.51 31.96
C THR B 130 1.55 -31.15 32.11
N GLU B 131 2.41 -32.12 32.10
CA GLU B 131 3.81 -31.85 32.32
C GLU B 131 4.61 -32.02 31.04
N GLU B 132 5.50 -31.08 30.76
CA GLU B 132 6.30 -31.13 29.55
C GLU B 132 5.47 -31.06 28.31
N ARG B 133 4.42 -30.26 28.33
CA ARG B 133 3.53 -30.07 27.19
C ARG B 133 4.11 -29.62 25.85
N ILE B 134 3.43 -29.92 24.75
CA ILE B 134 3.87 -29.42 23.44
C ILE B 134 3.67 -27.90 23.40
N PRO B 135 4.66 -27.12 22.97
CA PRO B 135 4.53 -25.67 23.01
C PRO B 135 3.47 -25.16 22.05
N ASN B 136 3.04 -23.92 22.31
CA ASN B 136 2.10 -23.24 21.43
C ASN B 136 2.77 -22.92 20.10
N ASN B 137 1.93 -22.61 19.11
CA ASN B 137 2.38 -22.29 17.76
C ASN B 137 3.23 -23.41 17.17
N THR B 138 2.82 -24.65 17.40
CA THR B 138 3.49 -25.80 16.81
C THR B 138 3.10 -25.92 15.34
N GLN B 139 4.10 -26.10 14.48
CA GLN B 139 3.86 -26.12 13.05
C GLN B 139 3.39 -27.49 12.56
N TRP B 140 3.96 -28.56 13.09
CA TRP B 140 3.58 -29.89 12.64
C TRP B 140 3.84 -30.89 13.76
N VAL B 141 2.92 -31.83 13.94
CA VAL B 141 3.06 -32.93 14.90
C VAL B 141 2.69 -34.23 14.20
N THR B 142 3.41 -35.30 14.53
CA THR B 142 3.08 -36.61 13.98
C THR B 142 3.48 -37.70 14.98
N TRP B 143 2.68 -38.76 15.02
CA TRP B 143 2.98 -39.95 15.79
C TRP B 143 3.89 -40.88 14.99
N SER B 144 4.61 -41.73 15.71
CA SER B 144 5.30 -42.82 15.05
C SER B 144 4.30 -43.88 14.61
N PRO B 145 4.59 -44.63 13.54
CA PRO B 145 3.63 -45.64 13.07
C PRO B 145 3.35 -46.73 14.09
N VAL B 146 4.26 -47.00 15.02
CA VAL B 146 4.02 -47.90 16.13
C VAL B 146 4.38 -47.20 17.42
N GLY B 147 3.76 -47.64 18.51
CA GLY B 147 4.04 -47.05 19.80
C GLY B 147 3.44 -45.65 19.93
N HIS B 148 4.03 -44.88 20.85
CA HIS B 148 3.56 -43.53 21.14
C HIS B 148 4.70 -42.53 21.10
N LYS B 149 5.66 -42.72 20.19
CA LYS B 149 6.67 -41.71 19.96
C LYS B 149 6.07 -40.51 19.24
N LEU B 150 6.50 -39.31 19.62
CA LEU B 150 5.93 -38.08 19.12
C LEU B 150 7.03 -37.17 18.62
N ALA B 151 6.91 -36.70 17.37
CA ALA B 151 7.84 -35.76 16.79
C ALA B 151 7.06 -34.53 16.34
N TYR B 152 7.54 -33.34 16.68
CA TYR B 152 6.88 -32.12 16.30
C TYR B 152 7.89 -31.06 15.90
N VAL B 153 7.42 -30.10 15.10
CA VAL B 153 8.23 -29.00 14.61
C VAL B 153 7.77 -27.72 15.30
N TRP B 154 8.70 -27.02 15.93
CA TRP B 154 8.41 -25.76 16.60
C TRP B 154 9.54 -24.79 16.31
N ASN B 155 9.19 -23.63 15.77
CA ASN B 155 10.16 -22.60 15.37
C ASN B 155 11.18 -23.16 14.38
N ASN B 156 10.68 -23.94 13.41
CA ASN B 156 11.50 -24.56 12.36
C ASN B 156 12.57 -25.48 12.91
N ASP B 157 12.30 -26.11 14.06
CA ASP B 157 13.22 -27.06 14.66
C ASP B 157 12.44 -28.30 15.07
N ILE B 158 13.12 -29.44 15.08
CA ILE B 158 12.49 -30.73 15.32
C ILE B 158 12.73 -31.15 16.76
N TYR B 159 11.67 -31.60 17.44
CA TYR B 159 11.75 -32.15 18.78
C TYR B 159 11.09 -33.53 18.78
N VAL B 160 11.65 -34.45 19.55
CA VAL B 160 11.15 -35.82 19.64
C VAL B 160 10.84 -36.13 21.10
N LYS B 161 9.63 -36.62 21.35
CA LYS B 161 9.22 -37.10 22.67
C LYS B 161 9.15 -38.62 22.64
N ILE B 162 9.97 -39.27 23.45
CA ILE B 162 9.91 -40.72 23.55
C ILE B 162 8.63 -41.15 24.26
N GLU B 163 8.27 -40.45 25.33
CA GLU B 163 7.03 -40.67 26.04
C GLU B 163 6.29 -39.36 26.17
N PRO B 164 4.95 -39.39 26.17
CA PRO B 164 4.20 -38.11 26.17
C PRO B 164 4.39 -37.25 27.40
N ASN B 165 4.88 -37.81 28.51
CA ASN B 165 5.07 -37.03 29.73
C ASN B 165 6.51 -36.60 29.95
N LEU B 166 7.48 -37.33 29.42
CA LEU B 166 8.88 -36.99 29.60
C LEU B 166 9.28 -35.83 28.68
N PRO B 167 10.37 -35.14 29.01
CA PRO B 167 10.78 -33.99 28.19
C PRO B 167 11.16 -34.41 26.77
N SER B 168 11.11 -33.43 25.87
CA SER B 168 11.43 -33.65 24.47
C SER B 168 12.92 -33.41 24.21
N TYR B 169 13.44 -34.13 23.22
CA TYR B 169 14.83 -33.99 22.81
C TYR B 169 14.88 -33.12 21.55
N ARG B 170 15.67 -32.06 21.58
CA ARG B 170 15.84 -31.21 20.41
C ARG B 170 16.77 -31.88 19.43
N ILE B 171 16.34 -31.98 18.17
CA ILE B 171 17.09 -32.67 17.13
C ILE B 171 17.92 -31.70 16.31
N THR B 172 17.32 -30.61 15.85
CA THR B 172 18.00 -29.61 15.04
C THR B 172 18.07 -28.29 15.78
N TRP B 173 19.16 -27.56 15.54
CA TRP B 173 19.41 -26.28 16.19
C TRP B 173 19.56 -25.12 15.21
N THR B 174 19.42 -25.37 13.91
CA THR B 174 19.69 -24.36 12.89
C THR B 174 18.42 -23.73 12.34
N GLY B 175 17.27 -24.00 12.94
CA GLY B 175 16.02 -23.46 12.42
C GLY B 175 15.98 -21.95 12.51
N LYS B 176 15.71 -21.31 11.38
CA LYS B 176 15.62 -19.85 11.29
C LYS B 176 14.36 -19.49 10.51
N GLU B 177 13.68 -18.43 10.96
CA GLU B 177 12.39 -18.08 10.38
C GLU B 177 12.57 -17.52 8.98
N ASP B 178 11.89 -18.11 8.00
CA ASP B 178 11.94 -17.80 6.58
C ASP B 178 13.31 -18.06 5.95
N ILE B 179 14.21 -18.76 6.66
CA ILE B 179 15.54 -19.00 6.13
C ILE B 179 15.82 -20.50 6.08
N ILE B 180 15.80 -21.15 7.24
CA ILE B 180 16.12 -22.56 7.36
C ILE B 180 14.89 -23.27 7.91
N TYR B 181 14.41 -24.29 7.20
CA TYR B 181 13.26 -25.08 7.60
C TYR B 181 13.72 -26.50 7.89
N ASN B 182 13.42 -26.99 9.09
CA ASN B 182 13.73 -28.36 9.49
C ASN B 182 12.42 -29.09 9.74
N GLY B 183 12.20 -30.17 9.01
CA GLY B 183 11.01 -30.98 9.20
C GLY B 183 9.75 -30.43 8.58
N ILE B 184 9.79 -29.22 8.04
CA ILE B 184 8.66 -28.63 7.35
C ILE B 184 9.17 -28.08 6.02
N THR B 185 8.24 -27.90 5.09
CA THR B 185 8.59 -27.40 3.77
C THR B 185 8.49 -25.87 3.73
N ASP B 186 9.07 -25.30 2.68
CA ASP B 186 8.90 -23.89 2.39
C ASP B 186 7.68 -23.73 1.49
N TRP B 187 7.46 -22.53 0.95
CA TRP B 187 6.28 -22.29 0.15
C TRP B 187 6.27 -23.16 -1.11
N VAL B 188 7.37 -23.15 -1.86
CA VAL B 188 7.35 -23.78 -3.18
C VAL B 188 7.30 -25.29 -3.05
N TYR B 189 8.00 -25.87 -2.08
CA TYR B 189 7.95 -27.32 -1.90
C TYR B 189 6.55 -27.75 -1.46
N GLU B 190 5.97 -27.04 -0.50
CA GLU B 190 4.63 -27.35 -0.02
C GLU B 190 3.59 -27.21 -1.13
N GLU B 191 3.78 -26.25 -2.03
CA GLU B 191 2.79 -26.02 -3.07
C GLU B 191 2.92 -27.00 -4.23
N GLU B 192 4.15 -27.23 -4.70
CA GLU B 192 4.35 -27.94 -5.95
C GLU B 192 5.04 -29.29 -5.84
N VAL B 193 5.90 -29.50 -4.84
CA VAL B 193 6.71 -30.71 -4.85
C VAL B 193 6.07 -31.78 -3.98
N PHE B 194 5.93 -31.49 -2.68
CA PHE B 194 5.44 -32.48 -1.74
C PHE B 194 3.94 -32.41 -1.52
N SER B 195 3.31 -31.29 -1.85
CA SER B 195 1.88 -31.07 -1.63
C SER B 195 1.51 -31.26 -0.16
N ALA B 196 2.44 -30.94 0.74
CA ALA B 196 2.21 -31.10 2.17
C ALA B 196 3.17 -30.20 2.92
N TYR B 197 2.81 -29.88 4.15
CA TYR B 197 3.66 -29.10 5.04
C TYR B 197 4.73 -29.94 5.74
N SER B 198 4.60 -31.26 5.73
CA SER B 198 5.50 -32.12 6.48
C SER B 198 6.68 -32.56 5.63
N ALA B 199 7.86 -32.53 6.24
CA ALA B 199 9.08 -33.11 5.70
C ALA B 199 9.69 -34.07 6.70
N LEU B 200 8.84 -34.82 7.39
CA LEU B 200 9.24 -35.82 8.36
C LEU B 200 8.77 -37.20 7.90
N TRP B 201 9.63 -38.20 8.02
CA TRP B 201 9.32 -39.55 7.60
C TRP B 201 9.84 -40.52 8.66
N TRP B 202 8.93 -41.04 9.48
CA TRP B 202 9.29 -42.03 10.48
C TRP B 202 9.64 -43.36 9.82
N SER B 203 10.50 -44.12 10.49
CA SER B 203 10.82 -45.46 10.07
C SER B 203 9.58 -46.36 10.21
N PRO B 204 9.52 -47.47 9.48
CA PRO B 204 8.33 -48.33 9.57
C PRO B 204 8.00 -48.80 10.97
N ASN B 205 9.00 -49.04 11.82
CA ASN B 205 8.76 -49.43 13.20
C ASN B 205 9.21 -48.35 14.19
N GLY B 206 9.46 -47.14 13.71
CA GLY B 206 9.67 -46.00 14.58
C GLY B 206 11.06 -45.81 15.13
N THR B 207 12.07 -46.45 14.54
CA THR B 207 13.42 -46.31 15.07
C THR B 207 14.10 -45.06 14.54
N PHE B 208 14.08 -44.86 13.23
CA PHE B 208 14.72 -43.71 12.60
C PHE B 208 13.68 -42.66 12.25
N LEU B 209 14.09 -41.39 12.32
CA LEU B 209 13.28 -40.27 11.87
C LEU B 209 14.06 -39.54 10.78
N ALA B 210 13.59 -39.66 9.54
CA ALA B 210 14.20 -38.96 8.42
C ALA B 210 13.53 -37.62 8.23
N TYR B 211 14.32 -36.61 7.89
CA TYR B 211 13.77 -35.28 7.68
C TYR B 211 14.59 -34.54 6.62
N ALA B 212 13.98 -33.53 6.03
CA ALA B 212 14.60 -32.69 5.02
C ALA B 212 14.75 -31.28 5.56
N GLN B 213 15.86 -30.64 5.22
CA GLN B 213 16.14 -29.27 5.62
C GLN B 213 16.21 -28.39 4.37
N PHE B 214 15.43 -27.31 4.38
CA PHE B 214 15.34 -26.41 3.23
C PHE B 214 15.97 -25.07 3.56
N ASN B 215 16.77 -24.56 2.63
CA ASN B 215 17.50 -23.31 2.79
C ASN B 215 16.98 -22.31 1.77
N ASP B 216 16.37 -21.23 2.20
CA ASP B 216 15.83 -20.22 1.32
C ASP B 216 16.47 -18.89 1.50
N THR B 217 17.79 -18.85 1.66
CA THR B 217 18.55 -17.63 1.81
C THR B 217 18.60 -16.69 0.62
N GLU B 218 18.76 -17.21 -0.57
CA GLU B 218 18.93 -16.36 -1.70
C GLU B 218 17.71 -16.39 -2.49
N VAL B 219 16.69 -17.00 -1.95
CA VAL B 219 15.41 -16.98 -2.63
C VAL B 219 14.78 -15.59 -2.48
N PRO B 220 14.43 -14.91 -3.56
CA PRO B 220 13.80 -13.60 -3.44
C PRO B 220 12.40 -13.69 -2.86
N LEU B 221 11.99 -12.59 -2.24
CA LEU B 221 10.71 -12.51 -1.54
C LEU B 221 9.69 -11.74 -2.35
N ILE B 222 8.44 -12.15 -2.25
CA ILE B 222 7.31 -11.41 -2.80
C ILE B 222 6.62 -10.67 -1.66
N GLU B 223 6.37 -9.38 -1.87
CA GLU B 223 5.79 -8.53 -0.85
C GLU B 223 4.46 -7.98 -1.36
N TYR B 224 3.42 -8.13 -0.55
CA TYR B 224 2.12 -7.56 -0.85
C TYR B 224 1.53 -7.02 0.45
N SER B 225 0.60 -6.09 0.30
CA SER B 225 0.01 -5.41 1.45
C SER B 225 -1.15 -6.22 2.02
N PHE B 226 -1.17 -6.36 3.33
CA PHE B 226 -2.28 -6.99 4.04
C PHE B 226 -3.01 -5.93 4.85
N TYR B 227 -4.16 -5.51 4.34
CA TYR B 227 -5.04 -4.59 5.06
C TYR B 227 -5.84 -5.42 6.05
N SER B 228 -5.37 -5.50 7.28
CA SER B 228 -5.97 -6.37 8.28
C SER B 228 -7.28 -5.78 8.79
N ASP B 229 -7.71 -6.24 9.96
CA ASP B 229 -8.91 -5.72 10.62
C ASP B 229 -8.93 -4.20 10.63
N GLU B 230 -10.15 -3.64 10.64
CA GLU B 230 -10.34 -2.20 10.48
C GLU B 230 -9.58 -1.39 11.52
N SER B 231 -9.30 -1.98 12.68
CA SER B 231 -8.60 -1.26 13.74
C SER B 231 -7.14 -0.98 13.39
N LEU B 232 -6.57 -1.68 12.42
CA LEU B 232 -5.16 -1.52 12.06
C LEU B 232 -5.04 -0.34 11.11
N GLN B 233 -4.39 0.74 11.57
CA GLN B 233 -4.31 1.96 10.78
C GLN B 233 -3.12 1.99 9.82
N TYR B 234 -2.18 1.05 9.93
CA TYR B 234 -1.07 0.94 9.01
C TYR B 234 -1.05 -0.46 8.41
N PRO B 235 -1.24 -0.62 7.10
CA PRO B 235 -1.29 -1.97 6.52
C PRO B 235 0.04 -2.69 6.67
N LYS B 236 -0.05 -4.02 6.79
CA LYS B 236 1.12 -4.86 6.96
C LYS B 236 1.61 -5.37 5.62
N THR B 237 2.92 -5.53 5.51
CA THR B 237 3.55 -6.09 4.32
C THR B 237 3.92 -7.54 4.62
N VAL B 238 3.41 -8.45 3.80
CA VAL B 238 3.69 -9.87 3.92
C VAL B 238 4.82 -10.21 2.97
N ARG B 239 5.94 -10.70 3.51
CA ARG B 239 7.10 -11.09 2.74
C ARG B 239 7.19 -12.62 2.74
N VAL B 240 7.09 -13.22 1.57
CA VAL B 240 7.13 -14.66 1.39
C VAL B 240 8.28 -15.00 0.45
N PRO B 241 9.22 -15.85 0.85
CA PRO B 241 10.25 -16.31 -0.10
C PRO B 241 9.64 -17.09 -1.24
N TYR B 242 9.70 -16.54 -2.44
CA TYR B 242 8.98 -17.07 -3.59
C TYR B 242 9.88 -17.07 -4.81
N PRO B 243 10.30 -18.23 -5.28
CA PRO B 243 11.11 -18.30 -6.50
C PRO B 243 10.24 -18.23 -7.74
N LYS B 244 10.35 -17.11 -8.47
CA LYS B 244 9.62 -16.98 -9.72
C LYS B 244 10.38 -17.69 -10.83
N ALA B 245 9.81 -17.71 -12.03
CA ALA B 245 10.38 -18.48 -13.13
C ALA B 245 11.77 -17.97 -13.49
N GLY B 246 12.79 -18.78 -13.21
CA GLY B 246 14.16 -18.43 -13.49
C GLY B 246 14.94 -17.90 -12.30
N ALA B 247 14.35 -17.77 -11.14
CA ALA B 247 15.02 -17.24 -9.97
C ALA B 247 15.65 -18.31 -9.12
N VAL B 248 16.42 -17.93 -8.12
CA VAL B 248 17.13 -18.89 -7.27
C VAL B 248 16.13 -19.70 -6.53
N ASN B 249 16.32 -21.02 -6.51
CA ASN B 249 15.35 -21.91 -5.98
C ASN B 249 15.88 -22.29 -4.65
N PRO B 250 15.00 -22.74 -3.77
CA PRO B 250 15.45 -23.21 -2.47
C PRO B 250 16.35 -24.41 -2.55
N THR B 251 17.29 -24.54 -1.64
CA THR B 251 18.19 -25.71 -1.62
C THR B 251 17.88 -26.70 -0.49
N VAL B 252 18.04 -27.99 -0.74
CA VAL B 252 17.70 -29.05 0.22
C VAL B 252 18.77 -30.06 0.71
N LYS B 253 18.73 -30.48 1.96
CA LYS B 253 19.58 -31.54 2.48
C LYS B 253 18.71 -32.55 3.21
N PHE B 254 19.15 -33.81 3.21
CA PHE B 254 18.39 -34.91 3.78
C PHE B 254 19.18 -35.53 4.93
N PHE B 255 18.53 -35.71 6.07
CA PHE B 255 19.16 -36.27 7.26
C PHE B 255 18.29 -37.37 7.85
N VAL B 256 18.94 -38.36 8.47
CA VAL B 256 18.27 -39.42 9.20
C VAL B 256 18.83 -39.46 10.61
N VAL B 257 17.96 -39.43 11.61
CA VAL B 257 18.36 -39.46 13.01
C VAL B 257 17.87 -40.75 13.64
N ASN B 258 18.62 -41.22 14.64
CA ASN B 258 18.29 -42.43 15.38
C ASN B 258 17.65 -42.04 16.70
N THR B 259 16.37 -42.35 16.86
CA THR B 259 15.62 -41.95 18.05
C THR B 259 15.84 -42.89 19.22
N ASP B 260 16.41 -44.07 19.00
CA ASP B 260 16.69 -44.98 20.11
C ASP B 260 17.97 -44.63 20.85
N SER B 261 18.83 -43.81 20.26
CA SER B 261 20.08 -43.39 20.86
C SER B 261 20.01 -42.01 21.49
N LEU B 262 18.83 -41.44 21.54
CA LEU B 262 18.72 -40.09 22.02
C LEU B 262 18.98 -40.05 23.49
N SER B 263 19.84 -39.15 23.91
CA SER B 263 20.18 -39.00 25.31
C SER B 263 20.05 -37.56 25.76
N SER B 264 19.66 -37.36 27.00
CA SER B 264 19.57 -36.01 27.53
C SER B 264 20.89 -35.26 27.63
N VAL B 265 21.95 -35.92 28.06
CA VAL B 265 23.23 -35.26 28.25
C VAL B 265 23.86 -34.73 26.98
N THR B 266 23.80 -35.50 25.90
CA THR B 266 24.44 -35.09 24.65
C THR B 266 23.50 -34.64 23.60
N ASN B 267 24.00 -33.91 22.61
CA ASN B 267 23.16 -33.59 21.48
C ASN B 267 23.00 -34.79 20.56
N ALA B 268 21.88 -34.83 19.86
CA ALA B 268 21.64 -35.89 18.89
C ALA B 268 22.50 -35.68 17.64
N THR B 269 22.83 -36.77 16.97
CA THR B 269 23.60 -36.72 15.74
C THR B 269 22.72 -37.14 14.57
N SER B 270 22.79 -36.38 13.48
CA SER B 270 22.01 -36.62 12.28
C SER B 270 22.95 -36.96 11.14
N ILE B 271 22.69 -38.08 10.47
CA ILE B 271 23.53 -38.55 9.38
C ILE B 271 22.92 -38.05 8.08
N GLN B 272 23.71 -37.34 7.28
CA GLN B 272 23.22 -36.77 6.03
C GLN B 272 23.35 -37.77 4.90
N ILE B 273 22.31 -37.87 4.09
CA ILE B 273 22.32 -38.68 2.87
C ILE B 273 22.34 -37.71 1.70
N THR B 274 23.41 -37.78 0.90
CA THR B 274 23.62 -36.84 -0.17
C THR B 274 22.93 -37.28 -1.46
N ALA B 275 22.69 -36.32 -2.35
CA ALA B 275 22.13 -36.61 -3.65
C ALA B 275 23.17 -37.29 -4.52
N PRO B 276 22.74 -38.03 -5.55
CA PRO B 276 23.70 -38.70 -6.43
C PRO B 276 24.61 -37.70 -7.14
N ALA B 277 25.71 -38.22 -7.67
CA ALA B 277 26.67 -37.36 -8.36
C ALA B 277 26.08 -36.76 -9.62
N SER B 278 25.21 -37.50 -10.31
CA SER B 278 24.53 -36.96 -11.49
C SER B 278 23.53 -35.88 -11.14
N MET B 279 23.23 -35.69 -9.85
CA MET B 279 22.22 -34.73 -9.43
C MET B 279 22.82 -33.50 -8.75
N LEU B 280 24.04 -33.63 -8.21
CA LEU B 280 24.73 -32.52 -7.56
C LEU B 280 25.43 -31.59 -8.54
N ILE B 281 25.48 -31.92 -9.83
CA ILE B 281 26.13 -31.07 -10.81
C ILE B 281 25.34 -29.80 -11.12
N GLY B 282 24.17 -29.63 -10.53
CA GLY B 282 23.40 -28.44 -10.73
C GLY B 282 22.29 -28.34 -9.71
N ASP B 283 21.28 -27.56 -10.06
CA ASP B 283 20.11 -27.44 -9.20
C ASP B 283 19.26 -28.70 -9.27
N HIS B 284 18.68 -29.08 -8.14
CA HIS B 284 17.91 -30.31 -8.09
C HIS B 284 16.80 -30.18 -7.05
N TYR B 285 15.88 -31.14 -7.08
CA TYR B 285 14.78 -31.22 -6.14
C TYR B 285 14.77 -32.59 -5.47
N LEU B 286 14.26 -32.62 -4.24
CA LEU B 286 13.90 -33.86 -3.56
C LEU B 286 12.39 -34.01 -3.69
N CYS B 287 11.95 -35.02 -4.45
CA CYS B 287 10.55 -35.14 -4.80
C CYS B 287 9.80 -36.25 -4.07
N ASP B 288 10.50 -37.22 -3.49
CA ASP B 288 9.80 -38.31 -2.83
C ASP B 288 10.72 -38.97 -1.80
N VAL B 289 10.12 -39.39 -0.68
CA VAL B 289 10.82 -40.16 0.35
C VAL B 289 9.94 -41.34 0.73
N THR B 290 10.50 -42.55 0.65
CA THR B 290 9.79 -43.77 1.00
C THR B 290 10.73 -44.69 1.75
N TRP B 291 10.20 -45.34 2.80
CA TRP B 291 10.96 -46.32 3.56
C TRP B 291 10.70 -47.71 2.98
N ALA B 292 11.77 -48.38 2.55
CA ALA B 292 11.62 -49.72 1.99
C ALA B 292 11.51 -50.77 3.09
N THR B 293 12.37 -50.68 4.10
CA THR B 293 12.38 -51.63 5.20
C THR B 293 12.67 -50.85 6.47
N GLN B 294 12.99 -51.55 7.56
CA GLN B 294 13.33 -50.88 8.80
C GLN B 294 14.73 -50.26 8.75
N GLU B 295 15.57 -50.69 7.81
CA GLU B 295 16.92 -50.16 7.67
C GLU B 295 17.23 -49.78 6.22
N ARG B 296 16.22 -49.44 5.43
CA ARG B 296 16.41 -49.09 4.02
C ARG B 296 15.40 -48.02 3.65
N ILE B 297 15.88 -46.96 3.02
CA ILE B 297 15.05 -45.84 2.61
C ILE B 297 15.38 -45.48 1.17
N SER B 298 14.34 -45.16 0.39
CA SER B 298 14.48 -44.77 -1.00
C SER B 298 14.17 -43.28 -1.14
N LEU B 299 15.00 -42.57 -1.88
CA LEU B 299 14.81 -41.16 -2.17
C LEU B 299 14.81 -40.93 -3.67
N GLN B 300 13.89 -40.08 -4.12
CA GLN B 300 13.82 -39.68 -5.52
C GLN B 300 14.30 -38.23 -5.63
N TRP B 301 15.23 -37.99 -6.55
CA TRP B 301 15.75 -36.66 -6.81
C TRP B 301 15.39 -36.26 -8.23
N LEU B 302 15.04 -34.99 -8.42
CA LEU B 302 14.62 -34.49 -9.72
C LEU B 302 15.42 -33.25 -10.06
N ARG B 303 15.90 -33.18 -11.29
CA ARG B 303 16.67 -32.04 -11.75
C ARG B 303 15.79 -30.81 -11.91
N ARG B 304 16.43 -29.64 -11.97
CA ARG B 304 15.68 -28.41 -12.23
C ARG B 304 15.06 -28.43 -13.62
N ILE B 305 15.78 -28.98 -14.61
CA ILE B 305 15.17 -29.32 -15.88
C ILE B 305 14.47 -30.66 -15.69
N GLN B 306 13.17 -30.61 -15.40
CA GLN B 306 12.45 -31.75 -14.81
C GLN B 306 12.06 -32.78 -15.87
N ASN B 307 13.08 -33.29 -16.57
CA ASN B 307 12.91 -34.45 -17.44
C ASN B 307 13.89 -35.56 -17.08
N TYR B 308 14.54 -35.46 -15.93
CA TYR B 308 15.52 -36.42 -15.46
C TYR B 308 15.33 -36.62 -13.96
N SER B 309 15.18 -37.88 -13.55
CA SER B 309 15.04 -38.20 -12.13
C SER B 309 15.83 -39.47 -11.84
N VAL B 310 16.29 -39.57 -10.60
CA VAL B 310 17.06 -40.73 -10.12
C VAL B 310 16.49 -41.16 -8.77
N MET B 311 16.28 -42.45 -8.61
CA MET B 311 15.89 -43.02 -7.32
C MET B 311 17.11 -43.59 -6.62
N ASP B 312 17.35 -43.14 -5.40
CA ASP B 312 18.49 -43.58 -4.60
C ASP B 312 17.98 -44.48 -3.48
N ILE B 313 18.48 -45.72 -3.45
CA ILE B 313 18.13 -46.68 -2.41
C ILE B 313 19.35 -46.84 -1.51
N CYS B 314 19.16 -46.60 -0.22
CA CYS B 314 20.25 -46.55 0.74
C CYS B 314 19.97 -47.44 1.92
N ASP B 315 21.00 -48.15 2.39
CA ASP B 315 20.88 -49.12 3.46
C ASP B 315 21.69 -48.68 4.67
N TYR B 316 21.12 -48.87 5.86
CA TYR B 316 21.81 -48.54 7.09
C TYR B 316 22.91 -49.54 7.36
N ASP B 317 24.07 -49.04 7.78
CA ASP B 317 25.21 -49.86 8.10
C ASP B 317 25.41 -49.88 9.58
N GLU B 318 25.21 -51.02 10.20
CA GLU B 318 25.25 -51.08 11.66
C GLU B 318 26.58 -50.70 12.29
N SER B 319 27.69 -51.15 11.75
CA SER B 319 28.93 -50.74 12.34
C SER B 319 29.26 -49.28 12.27
N SER B 320 29.13 -48.68 11.10
CA SER B 320 29.38 -47.27 10.91
C SER B 320 28.40 -46.34 11.56
N GLY B 321 27.14 -46.69 11.55
CA GLY B 321 26.12 -45.81 12.03
C GLY B 321 25.74 -44.95 10.86
N ARG B 322 26.27 -45.24 9.68
CA ARG B 322 26.01 -44.41 8.53
C ARG B 322 25.19 -45.06 7.46
N TRP B 323 24.65 -44.26 6.55
CA TRP B 323 23.80 -44.78 5.49
C TRP B 323 24.58 -44.80 4.19
N ASN B 324 24.69 -45.97 3.59
CA ASN B 324 25.45 -46.15 2.36
C ASN B 324 24.49 -46.27 1.17
N CYS B 325 24.77 -45.51 0.12
CA CYS B 325 23.91 -45.45 -1.06
C CYS B 325 24.69 -46.03 -2.23
N LEU B 326 24.33 -47.22 -2.67
CA LEU B 326 25.05 -47.90 -3.74
C LEU B 326 24.67 -47.31 -5.10
N VAL B 327 25.66 -47.23 -5.99
CA VAL B 327 25.41 -46.76 -7.34
C VAL B 327 24.59 -47.78 -8.12
N ALA B 328 24.85 -49.08 -7.91
CA ALA B 328 24.10 -50.12 -8.60
C ALA B 328 22.64 -50.15 -8.20
N ARG B 329 22.30 -49.58 -7.08
CA ARG B 329 20.92 -49.49 -6.66
C ARG B 329 20.34 -48.15 -7.01
N GLN B 330 20.66 -47.58 -8.17
CA GLN B 330 20.08 -46.35 -8.67
C GLN B 330 19.28 -46.63 -9.93
N HIS B 331 18.09 -46.06 -10.00
CA HIS B 331 17.19 -46.21 -11.15
C HIS B 331 16.90 -44.84 -11.72
N ILE B 332 17.01 -44.73 -13.04
CA ILE B 332 16.91 -43.45 -13.74
C ILE B 332 15.62 -43.42 -14.55
N GLU B 333 14.85 -42.35 -14.40
CA GLU B 333 13.66 -42.10 -15.19
C GLU B 333 13.91 -40.89 -16.08
N MET B 334 13.68 -41.06 -17.38
CA MET B 334 13.94 -40.02 -18.37
C MET B 334 12.69 -39.77 -19.18
N SER B 335 12.62 -38.58 -19.77
CA SER B 335 11.51 -38.20 -20.65
C SER B 335 12.08 -37.40 -21.80
N THR B 336 12.08 -37.98 -23.00
CA THR B 336 12.53 -37.27 -24.18
C THR B 336 11.50 -36.28 -24.69
N THR B 337 10.21 -36.61 -24.58
CA THR B 337 9.15 -35.80 -25.16
C THR B 337 8.53 -34.81 -24.18
N GLY B 338 8.95 -34.81 -22.92
CA GLY B 338 8.34 -33.91 -21.96
C GLY B 338 8.95 -33.99 -20.58
N TRP B 339 8.13 -33.89 -19.55
CA TRP B 339 8.57 -33.95 -18.16
C TRP B 339 8.34 -35.35 -17.59
N VAL B 340 8.98 -35.61 -16.46
CA VAL B 340 8.90 -36.90 -15.80
C VAL B 340 7.72 -36.90 -14.85
N GLY B 341 6.83 -37.88 -14.99
CA GLY B 341 5.66 -37.99 -14.15
C GLY B 341 4.50 -37.15 -14.64
N ARG B 342 3.40 -37.22 -13.89
CA ARG B 342 2.26 -36.36 -14.16
C ARG B 342 2.50 -34.97 -13.59
N PHE B 343 2.83 -34.88 -12.33
CA PHE B 343 3.20 -33.64 -11.77
C PHE B 343 4.54 -33.89 -11.11
N ARG B 344 4.84 -35.11 -10.73
CA ARG B 344 6.11 -35.48 -10.09
C ARG B 344 6.35 -36.88 -10.39
N PRO B 345 7.57 -37.34 -10.17
CA PRO B 345 7.78 -38.78 -10.31
C PRO B 345 6.94 -39.61 -9.30
N SER B 346 6.43 -40.77 -9.70
CA SER B 346 5.60 -41.59 -8.83
C SER B 346 6.32 -42.29 -7.70
N GLU B 347 5.58 -42.63 -6.66
CA GLU B 347 6.17 -43.28 -5.50
C GLU B 347 6.32 -44.78 -5.75
N PRO B 348 7.33 -45.41 -5.15
CA PRO B 348 7.48 -46.86 -5.24
C PRO B 348 6.73 -47.58 -4.13
N HIS B 349 6.39 -48.83 -4.41
CA HIS B 349 5.68 -49.69 -3.46
C HIS B 349 6.50 -50.96 -3.27
N PHE B 350 7.29 -51.00 -2.21
CA PHE B 350 8.20 -52.09 -1.96
C PHE B 350 7.47 -53.32 -1.45
N THR B 351 8.11 -54.48 -1.62
CA THR B 351 7.59 -55.72 -1.07
C THR B 351 7.90 -55.78 0.43
N LEU B 352 7.58 -56.92 1.05
CA LEU B 352 7.82 -57.05 2.49
C LEU B 352 9.32 -57.16 2.78
N ASP B 353 10.06 -57.89 1.96
CA ASP B 353 11.49 -58.04 2.16
C ASP B 353 12.29 -56.83 1.67
N GLY B 354 11.68 -55.97 0.86
CA GLY B 354 12.31 -54.75 0.41
C GLY B 354 13.31 -54.90 -0.70
N ASN B 355 13.38 -56.05 -1.35
CA ASN B 355 14.32 -56.28 -2.44
C ASN B 355 13.73 -55.99 -3.81
N SER B 356 12.46 -55.60 -3.88
CA SER B 356 11.82 -55.28 -5.14
C SER B 356 10.66 -54.32 -4.87
N PHE B 357 10.20 -53.65 -5.92
CA PHE B 357 9.13 -52.68 -5.77
C PHE B 357 8.37 -52.53 -7.08
N TYR B 358 7.17 -51.99 -6.97
CA TYR B 358 6.31 -51.71 -8.10
C TYR B 358 6.16 -50.21 -8.27
N LYS B 359 6.24 -49.73 -9.51
CA LYS B 359 6.16 -48.31 -9.81
C LYS B 359 5.35 -48.10 -11.07
N ILE B 360 4.68 -46.95 -11.14
CA ILE B 360 3.93 -46.55 -12.32
C ILE B 360 4.83 -45.64 -13.15
N ILE B 361 5.23 -46.11 -14.32
CA ILE B 361 6.05 -45.35 -15.25
C ILE B 361 5.42 -45.41 -16.63
N SER B 362 5.72 -44.46 -17.49
CA SER B 362 5.19 -44.45 -18.84
C SER B 362 5.81 -45.49 -19.70
N ASN B 363 5.01 -46.19 -20.47
CA ASN B 363 5.48 -47.25 -21.33
C ASN B 363 5.98 -46.68 -22.61
N GLU B 364 6.44 -47.52 -23.50
CA GLU B 364 6.97 -47.11 -24.77
C GLU B 364 5.94 -46.40 -25.59
N GLU B 365 4.69 -46.82 -25.53
CA GLU B 365 3.63 -46.10 -26.21
C GLU B 365 3.14 -44.84 -25.52
N GLY B 366 3.59 -44.54 -24.31
CA GLY B 366 3.20 -43.32 -23.64
C GLY B 366 2.15 -43.45 -22.57
N TYR B 367 1.70 -44.66 -22.25
CA TYR B 367 0.66 -44.87 -21.26
C TYR B 367 1.28 -45.34 -19.95
N ARG B 368 0.89 -44.72 -18.85
CA ARG B 368 1.45 -45.06 -17.55
C ARG B 368 0.91 -46.41 -17.09
N HIS B 369 1.83 -47.27 -16.64
CA HIS B 369 1.47 -48.63 -16.24
C HIS B 369 2.44 -49.08 -15.15
N ILE B 370 2.04 -50.13 -14.43
CA ILE B 370 2.85 -50.68 -13.36
C ILE B 370 3.99 -51.50 -13.94
N CYS B 371 5.21 -51.21 -13.50
CA CYS B 371 6.38 -51.98 -13.92
C CYS B 371 7.04 -52.57 -12.69
N TYR B 372 7.48 -53.82 -12.79
CA TYR B 372 8.06 -54.55 -11.68
C TYR B 372 9.58 -54.39 -11.70
N PHE B 373 10.14 -53.84 -10.63
CA PHE B 373 11.55 -53.53 -10.54
C PHE B 373 12.25 -54.48 -9.58
N GLN B 374 13.57 -54.52 -9.58
CA GLN B 374 14.34 -55.29 -8.62
C GLN B 374 15.35 -54.28 -8.25
N ILE B 375 15.65 -54.11 -6.98
CA ILE B 375 16.53 -53.02 -6.57
C ILE B 375 17.91 -53.08 -7.17
N ASP B 376 18.52 -54.24 -7.23
CA ASP B 376 19.81 -54.41 -7.85
C ASP B 376 19.86 -54.24 -9.38
N LYS B 377 18.83 -54.67 -10.09
CA LYS B 377 18.88 -54.67 -11.55
C LYS B 377 18.13 -53.55 -12.26
N LYS B 378 18.74 -53.00 -13.31
CA LYS B 378 18.15 -51.89 -14.09
C LYS B 378 16.87 -52.10 -14.86
N ASP B 379 16.74 -53.23 -15.53
CA ASP B 379 15.55 -53.47 -16.34
C ASP B 379 14.28 -53.69 -15.54
N CYS B 380 13.16 -53.23 -16.06
CA CYS B 380 11.90 -53.37 -15.35
C CYS B 380 10.87 -54.08 -16.23
N THR B 381 10.10 -54.99 -15.66
CA THR B 381 9.14 -55.75 -16.45
C THR B 381 7.76 -55.18 -16.22
N PHE B 382 7.08 -54.82 -17.31
CA PHE B 382 5.74 -54.26 -17.23
C PHE B 382 4.73 -55.37 -17.00
N ILE B 383 3.86 -55.20 -16.01
CA ILE B 383 2.83 -56.19 -15.71
C ILE B 383 1.46 -55.82 -16.24
N THR B 384 1.27 -54.57 -16.69
CA THR B 384 0.03 -54.14 -17.30
C THR B 384 0.33 -53.44 -18.62
N LYS B 385 -0.61 -53.52 -19.56
CA LYS B 385 -0.46 -52.87 -20.85
C LYS B 385 -1.84 -52.60 -21.42
N GLY B 386 -1.88 -51.74 -22.44
CA GLY B 386 -3.11 -51.37 -23.11
C GLY B 386 -3.19 -49.87 -23.33
N THR B 387 -4.26 -49.46 -23.99
CA THR B 387 -4.49 -48.04 -24.28
C THR B 387 -5.36 -47.50 -23.15
N TRP B 388 -4.73 -47.35 -21.99
CA TRP B 388 -5.34 -46.80 -20.79
C TRP B 388 -4.23 -46.61 -19.77
N GLU B 389 -4.56 -45.99 -18.64
CA GLU B 389 -3.57 -45.61 -17.66
C GLU B 389 -3.95 -46.12 -16.29
N VAL B 390 -2.94 -46.40 -15.49
CA VAL B 390 -3.12 -46.76 -14.08
C VAL B 390 -3.03 -45.49 -13.26
N ILE B 391 -4.04 -45.26 -12.42
CA ILE B 391 -4.09 -44.02 -11.66
C ILE B 391 -3.19 -44.10 -10.43
N GLY B 392 -3.20 -45.24 -9.73
CA GLY B 392 -2.31 -45.40 -8.59
C GLY B 392 -2.34 -46.82 -8.07
N ILE B 393 -1.29 -47.17 -7.34
CA ILE B 393 -1.22 -48.41 -6.59
C ILE B 393 -1.84 -48.18 -5.22
N GLU B 394 -2.82 -49.00 -4.87
CA GLU B 394 -3.59 -48.81 -3.65
C GLU B 394 -3.09 -49.67 -2.49
N ALA B 395 -2.95 -50.98 -2.70
CA ALA B 395 -2.44 -51.86 -1.68
C ALA B 395 -1.57 -52.92 -2.31
N LEU B 396 -0.54 -53.40 -1.62
CA LEU B 396 0.28 -54.50 -2.12
C LEU B 396 0.30 -55.58 -1.10
N THR B 397 0.15 -56.82 -1.51
CA THR B 397 0.09 -57.96 -0.61
C THR B 397 1.00 -58.97 -1.21
N SER B 398 1.27 -60.02 -0.49
CA SER B 398 2.12 -61.05 -0.98
C SER B 398 1.58 -61.65 -2.24
N ASP B 399 0.28 -61.87 -2.30
CA ASP B 399 -0.34 -62.42 -3.47
C ASP B 399 -0.95 -61.48 -4.51
N TYR B 400 -1.35 -60.28 -4.13
CA TYR B 400 -2.03 -59.41 -5.07
C TYR B 400 -1.69 -57.96 -5.03
N LEU B 401 -1.88 -57.26 -6.12
CA LEU B 401 -1.70 -55.84 -6.16
C LEU B 401 -2.99 -55.22 -6.54
N TYR B 402 -3.38 -54.19 -5.83
CA TYR B 402 -4.60 -53.45 -6.09
C TYR B 402 -4.27 -52.10 -6.70
N TYR B 403 -5.01 -51.72 -7.73
CA TYR B 403 -4.75 -50.45 -8.40
C TYR B 403 -6.05 -49.88 -8.95
N ILE B 404 -6.03 -48.57 -9.20
CA ILE B 404 -7.13 -47.84 -9.82
C ILE B 404 -6.73 -47.51 -11.25
N SER B 405 -7.62 -47.77 -12.20
CA SER B 405 -7.35 -47.49 -13.60
C SER B 405 -8.64 -47.11 -14.30
N ASN B 406 -8.50 -46.47 -15.47
CA ASN B 406 -9.65 -46.09 -16.30
C ASN B 406 -9.80 -47.02 -17.50
N GLU B 407 -9.51 -48.30 -17.31
CA GLU B 407 -9.61 -49.26 -18.40
C GLU B 407 -11.05 -49.52 -18.82
N TYR B 408 -11.98 -49.50 -17.87
CA TYR B 408 -13.34 -49.96 -18.13
C TYR B 408 -14.05 -49.03 -19.12
N LYS B 409 -14.66 -49.64 -20.14
CA LYS B 409 -15.45 -48.97 -21.17
C LYS B 409 -14.63 -48.00 -22.02
N GLY B 410 -13.33 -47.92 -21.79
CA GLY B 410 -12.52 -46.99 -22.55
C GLY B 410 -12.79 -45.53 -22.25
N MET B 411 -13.33 -45.22 -21.08
CA MET B 411 -13.62 -43.85 -20.70
C MET B 411 -12.52 -43.33 -19.80
N PRO B 412 -11.75 -42.31 -20.23
CA PRO B 412 -10.70 -41.79 -19.35
C PRO B 412 -11.23 -41.17 -18.07
N GLY B 413 -12.50 -40.77 -18.02
CA GLY B 413 -13.04 -40.11 -16.85
C GLY B 413 -13.45 -41.03 -15.73
N GLY B 414 -13.63 -42.31 -16.01
CA GLY B 414 -14.02 -43.24 -14.97
C GLY B 414 -12.84 -43.77 -14.17
N ARG B 415 -13.15 -44.31 -12.99
CA ARG B 415 -12.18 -44.93 -12.12
C ARG B 415 -12.75 -46.22 -11.54
N ASN B 416 -11.94 -47.28 -11.54
CA ASN B 416 -12.38 -48.55 -10.99
C ASN B 416 -11.21 -49.25 -10.31
N LEU B 417 -11.54 -50.11 -9.34
CA LEU B 417 -10.53 -50.86 -8.60
C LEU B 417 -10.32 -52.22 -9.22
N TYR B 418 -9.06 -52.61 -9.36
CA TYR B 418 -8.67 -53.88 -9.96
C TYR B 418 -7.71 -54.60 -9.03
N LYS B 419 -7.39 -55.83 -9.39
CA LYS B 419 -6.49 -56.67 -8.62
C LYS B 419 -5.80 -57.55 -9.59
N ILE B 420 -4.55 -57.86 -9.37
CA ILE B 420 -3.74 -58.67 -10.28
C ILE B 420 -2.92 -59.66 -9.47
N GLN B 421 -2.93 -60.91 -9.88
CA GLN B 421 -2.14 -61.94 -9.22
C GLN B 421 -0.66 -61.69 -9.47
N LEU B 422 0.14 -61.75 -8.40
CA LEU B 422 1.59 -61.56 -8.53
C LEU B 422 2.30 -62.80 -9.02
N SER B 423 1.63 -63.96 -9.03
CA SER B 423 2.19 -65.17 -9.61
C SER B 423 1.74 -65.40 -11.05
N ASP B 424 0.67 -64.73 -11.49
CA ASP B 424 0.21 -64.83 -12.88
C ASP B 424 -0.36 -63.47 -13.26
N TYR B 425 0.35 -62.75 -14.12
CA TYR B 425 -0.06 -61.40 -14.50
C TYR B 425 -1.24 -61.40 -15.47
N THR B 426 -1.64 -62.56 -16.00
CA THR B 426 -2.76 -62.60 -16.92
C THR B 426 -4.08 -62.45 -16.17
N LYS B 427 -4.19 -63.04 -14.99
CA LYS B 427 -5.43 -63.04 -14.22
C LYS B 427 -5.62 -61.68 -13.55
N VAL B 428 -6.47 -60.84 -14.15
CA VAL B 428 -6.82 -59.54 -13.61
C VAL B 428 -8.32 -59.46 -13.48
N THR B 429 -8.80 -59.10 -12.29
CA THR B 429 -10.23 -59.05 -11.98
C THR B 429 -10.61 -57.67 -11.51
N CYS B 430 -11.77 -57.19 -11.98
CA CYS B 430 -12.31 -55.90 -11.57
C CYS B 430 -13.16 -56.10 -10.32
N LEU B 431 -12.83 -55.37 -9.25
CA LEU B 431 -13.53 -55.50 -7.99
C LEU B 431 -14.68 -54.50 -7.84
N SER B 432 -14.83 -53.56 -8.77
CA SER B 432 -15.88 -52.56 -8.65
C SER B 432 -16.56 -52.24 -9.98
N CYS B 433 -16.35 -53.05 -11.02
CA CYS B 433 -16.91 -52.73 -12.33
C CYS B 433 -18.42 -52.94 -12.37
N GLU B 434 -18.92 -53.97 -11.72
CA GLU B 434 -20.34 -54.28 -11.84
C GLU B 434 -21.15 -54.22 -10.57
N LEU B 435 -20.67 -53.55 -9.55
CA LEU B 435 -21.37 -53.52 -8.30
C LEU B 435 -22.69 -52.82 -8.44
N ASN B 436 -22.74 -51.67 -9.09
CA ASN B 436 -23.97 -50.94 -9.37
C ASN B 436 -23.51 -50.24 -10.58
N PRO B 437 -23.66 -50.82 -11.74
CA PRO B 437 -23.05 -50.14 -12.87
C PRO B 437 -23.58 -48.73 -13.20
N GLU B 438 -24.88 -48.50 -13.18
CA GLU B 438 -25.48 -47.21 -13.50
C GLU B 438 -25.19 -46.06 -12.57
N ARG B 439 -25.15 -46.33 -11.28
CA ARG B 439 -24.96 -45.26 -10.34
C ARG B 439 -23.52 -45.00 -10.07
N CYS B 440 -22.65 -46.00 -10.11
CA CYS B 440 -21.27 -45.76 -9.68
C CYS B 440 -20.33 -46.09 -10.82
N GLN B 441 -19.49 -45.10 -11.19
CA GLN B 441 -18.48 -45.30 -12.22
C GLN B 441 -17.15 -44.63 -11.88
N TYR B 442 -17.04 -43.96 -10.74
CA TYR B 442 -15.84 -43.23 -10.33
C TYR B 442 -15.53 -43.66 -8.90
N TYR B 443 -14.51 -44.50 -8.73
CA TYR B 443 -14.26 -45.17 -7.47
C TYR B 443 -12.94 -44.72 -6.85
N SER B 444 -12.90 -44.77 -5.52
CA SER B 444 -11.74 -44.47 -4.73
C SER B 444 -11.71 -45.58 -3.67
N VAL B 445 -10.57 -45.86 -3.01
CA VAL B 445 -10.50 -46.96 -2.04
C VAL B 445 -9.68 -46.69 -0.81
N SER B 446 -10.06 -47.26 0.33
CA SER B 446 -9.30 -47.17 1.56
C SER B 446 -9.16 -48.59 1.98
N PHE B 447 -7.95 -49.05 2.32
CA PHE B 447 -7.71 -50.43 2.66
C PHE B 447 -7.24 -50.55 4.06
N SER B 448 -7.61 -51.60 4.76
CA SER B 448 -7.12 -51.85 6.13
C SER B 448 -5.62 -52.11 6.21
N LYS B 449 -5.02 -52.21 7.40
CA LYS B 449 -3.58 -52.31 7.61
C LYS B 449 -2.98 -53.52 6.90
N GLU B 450 -3.64 -54.67 6.99
CA GLU B 450 -3.19 -55.86 6.28
C GLU B 450 -3.90 -56.04 4.95
N ALA B 451 -4.72 -55.06 4.55
CA ALA B 451 -5.46 -55.09 3.29
C ALA B 451 -6.36 -56.33 3.19
N LYS B 452 -7.17 -56.54 4.24
CA LYS B 452 -8.21 -57.56 4.19
C LYS B 452 -9.62 -56.98 4.25
N TYR B 453 -9.75 -55.68 4.53
CA TYR B 453 -11.00 -54.95 4.39
C TYR B 453 -10.70 -53.65 3.68
N TYR B 454 -11.60 -53.23 2.78
CA TYR B 454 -11.48 -51.94 2.09
C TYR B 454 -12.79 -51.26 2.03
N GLN B 455 -12.80 -49.94 1.99
CA GLN B 455 -14.02 -49.20 1.80
C GLN B 455 -13.98 -48.69 0.41
N LEU B 456 -15.02 -48.93 -0.37
CA LEU B 456 -15.10 -48.37 -1.70
C LEU B 456 -15.99 -47.16 -1.68
N ARG B 457 -15.48 -46.03 -2.13
CA ARG B 457 -16.22 -44.81 -2.20
C ARG B 457 -16.51 -44.42 -3.64
N CYS B 458 -17.73 -44.59 -4.12
CA CYS B 458 -18.08 -44.16 -5.47
C CYS B 458 -18.67 -42.76 -5.42
N SER B 459 -18.41 -41.98 -6.46
CA SER B 459 -19.01 -40.67 -6.63
C SER B 459 -19.45 -40.49 -8.08
N GLY B 460 -19.92 -41.57 -8.70
CA GLY B 460 -20.13 -41.61 -10.13
C GLY B 460 -21.32 -40.78 -10.56
N PRO B 461 -21.96 -41.18 -11.66
CA PRO B 461 -23.12 -40.41 -12.13
C PRO B 461 -24.21 -40.27 -11.07
N GLY B 462 -24.44 -41.31 -10.27
CA GLY B 462 -25.41 -41.24 -9.20
C GLY B 462 -24.84 -40.56 -7.98
N LEU B 463 -25.63 -40.59 -6.91
CA LEU B 463 -25.19 -40.00 -5.66
C LEU B 463 -24.06 -40.83 -5.07
N PRO B 464 -23.18 -40.20 -4.28
CA PRO B 464 -22.07 -40.96 -3.67
C PRO B 464 -22.57 -42.11 -2.80
N LEU B 465 -21.87 -43.23 -2.90
CA LEU B 465 -22.22 -44.45 -2.19
C LEU B 465 -20.96 -45.03 -1.55
N TYR B 466 -21.06 -45.37 -0.27
CA TYR B 466 -19.94 -45.92 0.49
C TYR B 466 -20.29 -47.32 0.94
N THR B 467 -19.40 -48.28 0.64
CA THR B 467 -19.61 -49.67 0.99
C THR B 467 -18.35 -50.25 1.60
N LEU B 468 -18.51 -51.32 2.36
CA LEU B 468 -17.42 -52.04 2.98
C LEU B 468 -17.31 -53.44 2.38
N HIS B 469 -16.08 -53.88 2.11
CA HIS B 469 -15.82 -55.17 1.50
C HIS B 469 -14.71 -55.88 2.26
N SER B 470 -14.58 -57.17 2.01
CA SER B 470 -13.52 -57.99 2.58
C SER B 470 -12.70 -58.58 1.44
N SER B 471 -11.37 -58.48 1.55
CA SER B 471 -10.49 -58.84 0.46
C SER B 471 -10.33 -60.35 0.28
N VAL B 472 -10.76 -61.16 1.26
CA VAL B 472 -10.55 -62.60 1.17
C VAL B 472 -11.34 -63.20 0.03
N ASN B 473 -12.60 -62.79 -0.14
CA ASN B 473 -13.42 -63.29 -1.24
C ASN B 473 -14.06 -62.17 -2.06
N ASP B 474 -13.70 -60.91 -1.79
CA ASP B 474 -14.27 -59.75 -2.49
C ASP B 474 -15.79 -59.73 -2.39
N LYS B 475 -16.28 -59.92 -1.16
CA LYS B 475 -17.71 -59.93 -0.90
C LYS B 475 -18.13 -58.62 -0.24
N GLY B 476 -19.35 -58.20 -0.53
CA GLY B 476 -19.89 -56.98 0.04
C GLY B 476 -20.46 -57.19 1.42
N LEU B 477 -19.91 -56.48 2.41
CA LEU B 477 -20.34 -56.67 3.79
C LEU B 477 -21.59 -55.85 4.08
N ARG B 478 -21.50 -54.53 3.96
CA ARG B 478 -22.63 -53.66 4.28
C ARG B 478 -22.44 -52.33 3.57
N VAL B 479 -23.52 -51.55 3.54
CA VAL B 479 -23.51 -50.22 2.94
C VAL B 479 -23.38 -49.21 4.04
N LEU B 480 -22.27 -48.46 4.04
CA LEU B 480 -22.02 -47.49 5.10
C LEU B 480 -22.88 -46.24 4.92
N GLU B 481 -23.03 -45.77 3.68
CA GLU B 481 -23.79 -44.57 3.40
C GLU B 481 -24.27 -44.61 1.96
N ASP B 482 -25.57 -44.39 1.76
CA ASP B 482 -26.17 -44.42 0.43
C ASP B 482 -26.75 -43.08 0.00
N ASN B 483 -26.75 -42.06 0.83
CA ASN B 483 -27.30 -40.73 0.51
C ASN B 483 -28.76 -40.82 0.13
N SER B 484 -29.52 -41.58 0.90
CA SER B 484 -30.97 -41.71 0.71
C SER B 484 -31.77 -40.46 0.97
N ALA B 485 -31.40 -39.71 1.98
CA ALA B 485 -32.09 -38.50 2.26
C ALA B 485 -31.98 -37.46 1.16
N LEU B 486 -30.83 -37.25 0.56
CA LEU B 486 -30.70 -36.32 -0.54
C LEU B 486 -31.53 -36.79 -1.69
N ASP B 487 -31.54 -38.06 -1.97
CA ASP B 487 -32.40 -38.58 -3.00
C ASP B 487 -33.81 -38.28 -2.67
N LYS B 488 -34.22 -38.50 -1.42
CA LYS B 488 -35.59 -38.08 -1.11
C LYS B 488 -35.78 -36.59 -1.35
N MET B 489 -34.79 -35.78 -0.98
CA MET B 489 -34.95 -34.33 -1.07
C MET B 489 -34.88 -33.84 -2.51
N LEU B 490 -34.14 -34.53 -3.37
CA LEU B 490 -33.93 -34.07 -4.74
C LEU B 490 -35.01 -34.52 -5.71
N GLN B 491 -36.01 -35.27 -5.25
CA GLN B 491 -37.12 -35.63 -6.14
C GLN B 491 -38.02 -34.44 -6.43
N ASN B 492 -38.20 -33.54 -5.46
CA ASN B 492 -39.07 -32.39 -5.67
C ASN B 492 -38.45 -31.38 -6.62
N VAL B 493 -37.14 -31.21 -6.55
CA VAL B 493 -36.46 -30.16 -7.30
C VAL B 493 -36.20 -30.63 -8.73
N GLN B 494 -35.94 -29.66 -9.61
CA GLN B 494 -35.68 -29.92 -11.03
C GLN B 494 -34.17 -29.89 -11.24
N MET B 495 -33.57 -31.06 -11.49
CA MET B 495 -32.12 -31.19 -11.61
C MET B 495 -31.68 -31.32 -13.06
N PRO B 496 -30.53 -30.73 -13.38
CA PRO B 496 -29.93 -30.95 -14.70
C PRO B 496 -29.33 -32.34 -14.81
N SER B 497 -28.98 -32.70 -16.04
CA SER B 497 -28.37 -33.99 -16.33
C SER B 497 -27.03 -33.77 -17.02
N LYS B 498 -26.04 -34.60 -16.69
CA LYS B 498 -24.74 -34.55 -17.31
C LYS B 498 -24.65 -35.53 -18.46
N LYS B 499 -24.16 -35.08 -19.60
CA LYS B 499 -23.87 -35.93 -20.75
C LYS B 499 -22.37 -35.92 -20.99
N LEU B 500 -21.78 -37.11 -21.08
CA LEU B 500 -20.36 -37.28 -21.31
C LEU B 500 -20.15 -38.01 -22.62
N ASP B 501 -19.46 -37.37 -23.56
CA ASP B 501 -19.23 -37.95 -24.87
C ASP B 501 -17.88 -37.45 -25.38
N PHE B 502 -17.64 -37.64 -26.68
CA PHE B 502 -16.35 -37.29 -27.28
C PHE B 502 -16.56 -36.77 -28.69
N ILE B 503 -15.54 -36.07 -29.20
CA ILE B 503 -15.49 -35.61 -30.57
C ILE B 503 -14.17 -36.06 -31.17
N ILE B 504 -14.12 -36.09 -32.50
CA ILE B 504 -12.93 -36.44 -33.26
C ILE B 504 -12.39 -35.18 -33.88
N LEU B 505 -11.16 -34.80 -33.52
CA LEU B 505 -10.53 -33.62 -34.09
C LEU B 505 -9.57 -33.97 -35.22
N ASN B 506 -8.53 -34.76 -34.92
CA ASN B 506 -7.62 -35.29 -35.94
C ASN B 506 -7.38 -36.76 -35.64
N GLU B 507 -8.30 -37.61 -36.08
CA GLU B 507 -8.21 -39.05 -35.90
C GLU B 507 -7.94 -39.43 -34.44
N THR B 508 -8.53 -38.66 -33.53
CA THR B 508 -8.34 -38.86 -32.10
C THR B 508 -9.55 -38.34 -31.34
N LYS B 509 -9.85 -38.99 -30.23
CA LYS B 509 -11.04 -38.70 -29.44
C LYS B 509 -10.69 -37.78 -28.27
N PHE B 510 -11.40 -36.67 -28.16
CA PHE B 510 -11.32 -35.78 -27.02
C PHE B 510 -12.67 -35.76 -26.32
N TRP B 511 -12.67 -35.93 -25.01
CA TRP B 511 -13.90 -36.10 -24.24
C TRP B 511 -14.38 -34.76 -23.69
N TYR B 512 -15.70 -34.60 -23.69
CA TYR B 512 -16.33 -33.40 -23.15
C TYR B 512 -17.52 -33.82 -22.30
N GLN B 513 -17.90 -32.93 -21.38
CA GLN B 513 -19.09 -33.11 -20.56
C GLN B 513 -19.94 -31.86 -20.66
N MET B 514 -21.26 -32.04 -20.62
CA MET B 514 -22.19 -30.92 -20.68
C MET B 514 -23.27 -31.11 -19.63
N ILE B 515 -23.57 -30.03 -18.89
CA ILE B 515 -24.62 -30.04 -17.89
C ILE B 515 -25.88 -29.52 -18.58
N LEU B 516 -26.73 -30.44 -19.01
CA LEU B 516 -27.93 -30.09 -19.76
C LEU B 516 -29.04 -29.63 -18.81
N PRO B 517 -29.77 -28.58 -19.17
CA PRO B 517 -30.85 -28.09 -18.30
C PRO B 517 -31.99 -29.09 -18.24
N PRO B 518 -32.82 -29.04 -17.20
CA PRO B 518 -33.96 -29.95 -17.11
C PRO B 518 -34.93 -29.75 -18.27
N HIS B 519 -35.57 -30.84 -18.68
CA HIS B 519 -36.40 -30.89 -19.89
C HIS B 519 -35.64 -30.33 -21.08
N PHE B 520 -34.42 -30.83 -21.27
CA PHE B 520 -33.58 -30.39 -22.37
C PHE B 520 -34.20 -30.83 -23.69
N ASP B 521 -34.30 -29.88 -24.64
CA ASP B 521 -34.88 -30.14 -25.94
C ASP B 521 -33.81 -29.92 -27.01
N LYS B 522 -33.66 -30.88 -27.92
CA LYS B 522 -32.68 -30.76 -28.98
C LYS B 522 -33.06 -29.70 -30.00
N SER B 523 -34.36 -29.47 -30.20
CA SER B 523 -34.79 -28.45 -31.14
C SER B 523 -34.59 -27.05 -30.59
N LYS B 524 -34.64 -26.88 -29.28
CA LYS B 524 -34.45 -25.57 -28.68
C LYS B 524 -32.98 -25.17 -28.71
N LYS B 525 -32.74 -23.86 -28.60
CA LYS B 525 -31.40 -23.31 -28.57
C LYS B 525 -31.13 -22.69 -27.22
N TYR B 526 -29.96 -22.97 -26.66
CA TYR B 526 -29.58 -22.55 -25.32
C TYR B 526 -28.28 -21.77 -25.37
N PRO B 527 -28.08 -20.84 -24.44
CA PRO B 527 -26.75 -20.26 -24.27
C PRO B 527 -25.78 -21.29 -23.73
N LEU B 528 -24.50 -21.10 -24.04
CA LEU B 528 -23.45 -22.03 -23.63
C LEU B 528 -22.40 -21.29 -22.82
N LEU B 529 -22.02 -21.88 -21.69
CA LEU B 529 -20.91 -21.39 -20.87
C LEU B 529 -19.84 -22.46 -20.82
N LEU B 530 -18.61 -22.09 -21.14
CA LEU B 530 -17.49 -23.01 -21.14
C LEU B 530 -16.78 -22.93 -19.79
N ASP B 531 -16.82 -24.02 -19.03
CA ASP B 531 -16.06 -24.15 -17.81
C ASP B 531 -14.68 -24.68 -18.17
N VAL B 532 -13.64 -23.91 -17.88
CA VAL B 532 -12.31 -24.17 -18.41
C VAL B 532 -11.30 -24.22 -17.26
N TYR B 533 -10.52 -25.29 -17.21
CA TYR B 533 -9.23 -25.27 -16.55
C TYR B 533 -8.10 -25.48 -17.56
N ALA B 534 -8.13 -26.60 -18.28
CA ALA B 534 -7.24 -26.86 -19.42
C ALA B 534 -5.76 -26.79 -19.02
N GLY B 535 -5.45 -27.10 -17.77
CA GLY B 535 -4.08 -27.19 -17.34
C GLY B 535 -3.46 -28.49 -17.77
N PRO B 536 -2.13 -28.59 -17.61
CA PRO B 536 -1.45 -29.85 -17.93
C PRO B 536 -1.87 -30.95 -16.97
N CYS B 537 -2.17 -32.12 -17.52
CA CYS B 537 -2.64 -33.29 -16.76
C CYS B 537 -3.87 -32.93 -15.93
N SER B 538 -4.93 -32.53 -16.61
CA SER B 538 -6.18 -32.16 -15.98
C SER B 538 -7.33 -32.92 -16.62
N GLN B 539 -8.42 -33.02 -15.87
CA GLN B 539 -9.61 -33.73 -16.33
C GLN B 539 -10.84 -32.96 -15.85
N LYS B 540 -11.40 -32.14 -16.73
CA LYS B 540 -12.66 -31.46 -16.43
C LYS B 540 -13.87 -32.25 -16.90
N ALA B 541 -13.67 -33.38 -17.56
CA ALA B 541 -14.73 -34.22 -18.08
C ALA B 541 -14.63 -35.60 -17.46
N ASP B 542 -15.37 -35.82 -16.38
CA ASP B 542 -15.39 -37.11 -15.69
C ASP B 542 -16.81 -37.41 -15.24
N THR B 543 -17.01 -38.62 -14.71
CA THR B 543 -18.31 -39.03 -14.19
C THR B 543 -18.34 -38.85 -12.68
N VAL B 544 -18.44 -37.59 -12.26
CA VAL B 544 -18.49 -37.22 -10.85
C VAL B 544 -19.74 -36.38 -10.63
N PHE B 545 -20.52 -36.74 -9.61
CA PHE B 545 -21.71 -35.98 -9.24
C PHE B 545 -21.31 -34.79 -8.38
N ARG B 546 -21.63 -33.58 -8.83
CA ARG B 546 -21.33 -32.37 -8.09
C ARG B 546 -22.58 -31.49 -7.99
N LEU B 547 -22.64 -30.74 -6.90
CA LEU B 547 -23.66 -29.72 -6.68
C LEU B 547 -22.91 -28.39 -6.55
N ASN B 548 -22.85 -27.64 -7.64
CA ASN B 548 -21.99 -26.46 -7.71
C ASN B 548 -22.73 -25.37 -8.47
N TRP B 549 -21.96 -24.36 -8.89
CA TRP B 549 -22.54 -23.21 -9.59
C TRP B 549 -23.12 -23.60 -10.94
N ALA B 550 -22.61 -24.58 -11.62
CA ALA B 550 -23.22 -25.04 -12.84
C ALA B 550 -24.57 -25.69 -12.69
N THR B 551 -24.88 -26.30 -11.57
CA THR B 551 -26.19 -26.86 -11.31
C THR B 551 -27.20 -25.77 -11.27
N TYR B 552 -26.87 -24.66 -10.67
CA TYR B 552 -27.74 -23.51 -10.65
C TYR B 552 -27.96 -22.94 -12.00
N LEU B 553 -26.94 -22.83 -12.80
CA LEU B 553 -27.00 -22.21 -14.07
C LEU B 553 -27.70 -23.06 -15.01
N ALA B 554 -27.59 -24.36 -14.87
CA ALA B 554 -28.40 -25.20 -15.74
C ALA B 554 -29.82 -25.36 -15.23
N SER B 555 -29.99 -25.53 -13.92
CA SER B 555 -31.32 -25.80 -13.36
C SER B 555 -32.21 -24.57 -13.43
N THR B 556 -31.69 -23.41 -13.02
CA THR B 556 -32.49 -22.20 -12.91
C THR B 556 -32.43 -21.32 -14.15
N GLU B 557 -31.24 -21.05 -14.67
CA GLU B 557 -31.07 -20.11 -15.76
C GLU B 557 -31.10 -20.76 -17.14
N ASN B 558 -31.23 -22.09 -17.21
CA ASN B 558 -31.31 -22.82 -18.47
C ASN B 558 -30.11 -22.55 -19.37
N ILE B 559 -28.92 -22.63 -18.77
CA ILE B 559 -27.66 -22.44 -19.48
C ILE B 559 -26.95 -23.78 -19.55
N ILE B 560 -26.47 -24.15 -20.73
CA ILE B 560 -25.63 -25.33 -20.87
C ILE B 560 -24.23 -24.99 -20.41
N VAL B 561 -23.71 -25.75 -19.44
CA VAL B 561 -22.35 -25.59 -18.97
C VAL B 561 -21.55 -26.78 -19.48
N ALA B 562 -20.52 -26.50 -20.28
CA ALA B 562 -19.74 -27.53 -20.96
C ALA B 562 -18.27 -27.41 -20.58
N SER B 563 -17.61 -28.56 -20.54
CA SER B 563 -16.18 -28.65 -20.27
C SER B 563 -15.54 -29.53 -21.34
N PHE B 564 -14.29 -29.23 -21.65
CA PHE B 564 -13.57 -29.92 -22.71
C PHE B 564 -12.21 -30.38 -22.22
N ASP B 565 -11.77 -31.53 -22.71
CA ASP B 565 -10.46 -32.10 -22.41
C ASP B 565 -9.69 -32.18 -23.71
N GLY B 566 -8.80 -31.25 -23.98
CA GLY B 566 -8.09 -31.24 -25.21
C GLY B 566 -6.68 -31.59 -25.01
N ARG B 567 -5.79 -31.00 -25.78
CA ARG B 567 -4.39 -31.33 -25.69
C ARG B 567 -3.77 -30.84 -24.43
N GLY B 568 -2.89 -31.63 -23.85
CA GLY B 568 -2.32 -31.32 -22.59
C GLY B 568 -3.04 -31.89 -21.42
N SER B 569 -4.11 -32.62 -21.61
CA SER B 569 -4.91 -33.17 -20.57
C SER B 569 -4.37 -34.53 -20.20
N GLY B 570 -4.64 -35.03 -19.02
CA GLY B 570 -4.02 -36.25 -18.56
C GLY B 570 -4.93 -37.47 -18.64
N TYR B 571 -4.37 -38.59 -18.19
CA TYR B 571 -5.06 -39.88 -18.07
C TYR B 571 -5.48 -40.45 -19.43
N GLN B 572 -4.87 -40.00 -20.52
CA GLN B 572 -5.17 -40.57 -21.83
C GLN B 572 -3.91 -40.73 -22.69
N GLY B 573 -2.77 -40.93 -22.05
CA GLY B 573 -1.52 -41.14 -22.75
C GLY B 573 -0.64 -39.90 -22.73
N ASP B 574 0.62 -40.11 -23.11
CA ASP B 574 1.60 -39.04 -23.14
C ASP B 574 1.57 -38.23 -24.42
N LYS B 575 1.07 -38.80 -25.52
CA LYS B 575 0.99 -38.05 -26.77
C LYS B 575 0.05 -36.86 -26.64
N ILE B 576 -0.94 -36.94 -25.77
CA ILE B 576 -1.86 -35.83 -25.54
C ILE B 576 -1.34 -34.89 -24.46
N MET B 577 -0.75 -35.44 -23.41
CA MET B 577 -0.31 -34.62 -22.27
C MET B 577 0.95 -33.84 -22.59
N HIS B 578 1.86 -34.40 -23.38
CA HIS B 578 3.12 -33.76 -23.68
C HIS B 578 3.06 -32.86 -24.91
N ALA B 579 1.88 -32.72 -25.52
CA ALA B 579 1.75 -31.87 -26.71
C ALA B 579 1.96 -30.40 -26.40
N ILE B 580 1.81 -29.99 -25.14
CA ILE B 580 1.99 -28.60 -24.76
C ILE B 580 3.34 -28.38 -24.09
N ASN B 581 4.32 -29.25 -24.35
CA ASN B 581 5.64 -29.09 -23.75
C ASN B 581 6.34 -27.88 -24.34
N ARG B 582 6.80 -26.99 -23.46
CA ARG B 582 7.53 -25.78 -23.81
C ARG B 582 6.70 -24.81 -24.63
N ARG B 583 5.42 -25.13 -24.86
CA ARG B 583 4.49 -24.25 -25.56
C ARG B 583 3.20 -24.18 -24.74
N LEU B 584 3.18 -23.32 -23.74
CA LEU B 584 2.01 -23.15 -22.89
C LEU B 584 1.15 -22.01 -23.43
N GLY B 585 -0.16 -22.21 -23.38
CA GLY B 585 -1.07 -21.21 -23.90
C GLY B 585 -1.17 -21.17 -25.40
N THR B 586 -0.83 -22.26 -26.09
CA THR B 586 -0.96 -22.34 -27.53
C THR B 586 -1.99 -23.37 -27.96
N PHE B 587 -1.79 -24.65 -27.59
CA PHE B 587 -2.66 -25.70 -28.09
C PHE B 587 -3.94 -25.82 -27.30
N GLU B 588 -3.90 -25.56 -25.99
CA GLU B 588 -5.12 -25.65 -25.19
C GLU B 588 -6.10 -24.53 -25.53
N VAL B 589 -5.60 -23.35 -25.87
CA VAL B 589 -6.48 -22.25 -26.26
C VAL B 589 -7.21 -22.58 -27.55
N GLU B 590 -6.46 -23.03 -28.57
CA GLU B 590 -7.10 -23.41 -29.83
C GLU B 590 -8.02 -24.60 -29.65
N ASP B 591 -7.68 -25.53 -28.77
CA ASP B 591 -8.55 -26.67 -28.51
C ASP B 591 -9.87 -26.22 -27.89
N GLN B 592 -9.82 -25.29 -26.94
CA GLN B 592 -11.05 -24.77 -26.35
C GLN B 592 -11.89 -24.03 -27.39
N ILE B 593 -11.24 -23.24 -28.25
CA ILE B 593 -11.99 -22.50 -29.26
C ILE B 593 -12.65 -23.46 -30.26
N GLU B 594 -11.91 -24.50 -30.68
CA GLU B 594 -12.47 -25.47 -31.61
C GLU B 594 -13.59 -26.27 -30.95
N ALA B 595 -13.46 -26.56 -29.65
CA ALA B 595 -14.55 -27.22 -28.94
C ALA B 595 -15.80 -26.36 -28.92
N ALA B 596 -15.65 -25.06 -28.68
CA ALA B 596 -16.81 -24.17 -28.70
C ALA B 596 -17.43 -24.12 -30.09
N ARG B 597 -16.59 -24.10 -31.13
CA ARG B 597 -17.10 -24.13 -32.50
C ARG B 597 -17.89 -25.41 -32.77
N GLN B 598 -17.37 -26.56 -32.34
CA GLN B 598 -18.09 -27.81 -32.53
C GLN B 598 -19.39 -27.85 -31.75
N PHE B 599 -19.38 -27.30 -30.53
CA PHE B 599 -20.61 -27.24 -29.74
C PHE B 599 -21.66 -26.40 -30.43
N SER B 600 -21.28 -25.24 -30.96
CA SER B 600 -22.23 -24.42 -31.71
C SER B 600 -22.71 -25.13 -32.95
N LYS B 601 -21.83 -25.89 -33.61
CA LYS B 601 -22.21 -26.66 -34.78
C LYS B 601 -23.13 -27.84 -34.45
N MET B 602 -23.16 -28.26 -33.17
CA MET B 602 -23.96 -29.43 -32.80
C MET B 602 -25.45 -29.22 -33.08
N GLY B 603 -25.96 -28.02 -32.83
CA GLY B 603 -27.31 -27.72 -33.25
C GLY B 603 -28.21 -27.04 -32.23
N PHE B 604 -28.00 -27.28 -30.94
CA PHE B 604 -28.86 -26.75 -29.90
C PHE B 604 -28.18 -25.65 -29.09
N VAL B 605 -27.18 -24.99 -29.66
CA VAL B 605 -26.44 -23.94 -28.99
C VAL B 605 -26.68 -22.63 -29.73
N ASP B 606 -27.03 -21.59 -28.98
CA ASP B 606 -27.16 -20.26 -29.54
C ASP B 606 -25.79 -19.69 -29.85
N ASN B 607 -25.52 -19.41 -31.12
CA ASN B 607 -24.20 -18.92 -31.51
C ASN B 607 -23.94 -17.52 -30.98
N LYS B 608 -24.98 -16.72 -30.78
CA LYS B 608 -24.78 -15.36 -30.28
C LYS B 608 -24.40 -15.35 -28.81
N ARG B 609 -24.82 -16.35 -28.03
CA ARG B 609 -24.63 -16.37 -26.59
C ARG B 609 -23.74 -17.54 -26.21
N ILE B 610 -22.44 -17.31 -26.23
CA ILE B 610 -21.44 -18.27 -25.79
C ILE B 610 -20.47 -17.55 -24.87
N ALA B 611 -20.20 -18.12 -23.70
CA ALA B 611 -19.31 -17.51 -22.72
C ALA B 611 -18.29 -18.55 -22.25
N ILE B 612 -17.24 -18.06 -21.60
CA ILE B 612 -16.16 -18.89 -21.09
C ILE B 612 -15.70 -18.33 -19.75
N TRP B 613 -15.35 -19.20 -18.81
CA TRP B 613 -14.86 -18.76 -17.53
C TRP B 613 -13.90 -19.80 -16.97
N GLY B 614 -13.06 -19.36 -16.03
CA GLY B 614 -12.09 -20.25 -15.43
C GLY B 614 -11.43 -19.61 -14.24
N TRP B 615 -10.74 -20.45 -13.48
CA TRP B 615 -10.01 -20.06 -12.27
C TRP B 615 -8.56 -20.46 -12.43
N SER B 616 -7.65 -19.60 -11.95
CA SER B 616 -6.21 -19.85 -11.95
C SER B 616 -5.67 -20.05 -13.37
N TYR B 617 -5.28 -21.28 -13.70
CA TYR B 617 -4.90 -21.58 -15.08
C TYR B 617 -6.10 -21.41 -16.01
N GLY B 618 -7.29 -21.76 -15.53
CA GLY B 618 -8.48 -21.54 -16.33
C GLY B 618 -8.71 -20.07 -16.65
N GLY B 619 -8.37 -19.18 -15.71
CA GLY B 619 -8.46 -17.76 -16.00
C GLY B 619 -7.47 -17.32 -17.08
N TYR B 620 -6.26 -17.88 -17.05
CA TYR B 620 -5.29 -17.61 -18.10
C TYR B 620 -5.80 -18.06 -19.46
N VAL B 621 -6.39 -19.27 -19.52
CA VAL B 621 -6.91 -19.76 -20.79
C VAL B 621 -8.10 -18.93 -21.24
N THR B 622 -8.95 -18.50 -20.30
CA THR B 622 -10.07 -17.63 -20.64
C THR B 622 -9.58 -16.32 -21.23
N SER B 623 -8.55 -15.72 -20.61
CA SER B 623 -8.04 -14.46 -21.10
C SER B 623 -7.41 -14.60 -22.48
N MET B 624 -6.67 -15.68 -22.71
CA MET B 624 -6.08 -15.87 -24.03
C MET B 624 -7.12 -16.20 -25.09
N VAL B 625 -8.17 -16.92 -24.71
CA VAL B 625 -9.26 -17.18 -25.65
C VAL B 625 -9.98 -15.88 -26.02
N LEU B 626 -10.21 -15.02 -25.04
CA LEU B 626 -10.86 -13.74 -25.32
C LEU B 626 -9.97 -12.83 -26.15
N GLY B 627 -8.66 -12.87 -25.91
CA GLY B 627 -7.73 -12.09 -26.71
C GLY B 627 -7.31 -12.71 -28.02
N SER B 628 -7.81 -13.91 -28.33
CA SER B 628 -7.48 -14.54 -29.60
C SER B 628 -8.18 -13.89 -30.79
N GLY B 629 -9.27 -13.17 -30.56
CA GLY B 629 -9.97 -12.53 -31.65
C GLY B 629 -10.75 -13.46 -32.54
N SER B 630 -11.16 -14.62 -32.03
CA SER B 630 -11.89 -15.59 -32.84
C SER B 630 -13.32 -15.14 -33.11
N GLY B 631 -13.92 -14.40 -32.18
CA GLY B 631 -15.31 -13.99 -32.31
C GLY B 631 -16.32 -15.02 -31.88
N VAL B 632 -15.87 -16.19 -31.42
CA VAL B 632 -16.81 -17.23 -30.98
C VAL B 632 -17.48 -16.83 -29.67
N PHE B 633 -16.73 -16.23 -28.75
CA PHE B 633 -17.19 -15.98 -27.40
C PHE B 633 -17.67 -14.55 -27.26
N LYS B 634 -18.78 -14.38 -26.54
CA LYS B 634 -19.34 -13.04 -26.31
C LYS B 634 -18.69 -12.37 -25.11
N CYS B 635 -18.52 -13.11 -24.01
CA CYS B 635 -17.91 -12.55 -22.81
C CYS B 635 -17.17 -13.64 -22.05
N GLY B 636 -16.49 -13.23 -20.98
CA GLY B 636 -15.72 -14.16 -20.19
C GLY B 636 -15.39 -13.63 -18.82
N ILE B 637 -15.13 -14.55 -17.91
CA ILE B 637 -14.77 -14.24 -16.52
C ILE B 637 -13.46 -14.94 -16.20
N ALA B 638 -12.48 -14.17 -15.72
CA ALA B 638 -11.21 -14.73 -15.28
C ALA B 638 -11.04 -14.43 -13.80
N VAL B 639 -10.85 -15.48 -13.00
CA VAL B 639 -10.71 -15.36 -11.55
C VAL B 639 -9.29 -15.77 -11.18
N ALA B 640 -8.57 -14.85 -10.54
CA ALA B 640 -7.18 -15.03 -10.17
C ALA B 640 -6.34 -15.63 -11.31
N PRO B 641 -6.30 -14.98 -12.46
CA PRO B 641 -5.64 -15.58 -13.62
C PRO B 641 -4.15 -15.30 -13.69
N VAL B 642 -3.43 -16.26 -14.24
CA VAL B 642 -2.03 -16.06 -14.59
C VAL B 642 -1.98 -15.23 -15.86
N SER B 643 -1.18 -14.15 -15.83
CA SER B 643 -1.03 -13.27 -16.98
C SER B 643 0.27 -13.50 -17.73
N ARG B 644 1.37 -13.61 -16.99
CA ARG B 644 2.70 -13.84 -17.54
C ARG B 644 3.33 -15.01 -16.81
N TRP B 645 4.02 -15.87 -17.55
CA TRP B 645 4.62 -17.05 -16.93
C TRP B 645 5.91 -16.73 -16.19
N GLU B 646 6.46 -15.54 -16.36
CA GLU B 646 7.59 -15.10 -15.55
C GLU B 646 7.17 -14.63 -14.17
N TYR B 647 5.87 -14.47 -13.92
CA TYR B 647 5.38 -14.08 -12.62
C TYR B 647 5.05 -15.27 -11.74
N TYR B 648 4.90 -16.46 -12.32
CA TYR B 648 4.55 -17.66 -11.56
C TYR B 648 5.80 -18.33 -11.01
N ASP B 649 5.59 -19.30 -10.13
CA ASP B 649 6.69 -19.93 -9.42
C ASP B 649 7.52 -20.80 -10.35
N SER B 650 8.74 -21.10 -9.91
CA SER B 650 9.74 -21.69 -10.79
C SER B 650 9.44 -23.16 -11.08
N VAL B 651 9.03 -23.93 -10.07
CA VAL B 651 8.87 -25.37 -10.26
C VAL B 651 7.76 -25.67 -11.28
N TYR B 652 6.59 -25.08 -11.07
CA TYR B 652 5.46 -25.34 -11.96
C TYR B 652 5.74 -24.85 -13.37
N THR B 653 6.26 -23.62 -13.50
CA THR B 653 6.46 -23.03 -14.81
C THR B 653 7.58 -23.73 -15.58
N GLU B 654 8.68 -24.05 -14.90
CA GLU B 654 9.80 -24.70 -15.56
C GLU B 654 9.59 -26.19 -15.77
N ARG B 655 8.58 -26.79 -15.15
CA ARG B 655 8.22 -28.16 -15.51
C ARG B 655 7.73 -28.23 -16.95
N TYR B 656 6.97 -27.22 -17.38
CA TYR B 656 6.32 -27.23 -18.67
C TYR B 656 6.93 -26.30 -19.71
N MET B 657 7.58 -25.21 -19.29
CA MET B 657 8.08 -24.21 -20.22
C MET B 657 9.59 -24.17 -20.35
N GLY B 658 10.34 -24.60 -19.34
CA GLY B 658 11.78 -24.48 -19.38
C GLY B 658 12.25 -23.20 -18.71
N LEU B 659 13.48 -22.83 -19.02
CA LEU B 659 14.03 -21.65 -18.36
C LEU B 659 13.77 -20.41 -19.22
N PRO B 660 13.50 -19.26 -18.60
CA PRO B 660 13.27 -18.01 -19.35
C PRO B 660 14.56 -17.31 -19.72
N THR B 661 15.43 -18.03 -20.41
CA THR B 661 16.71 -17.49 -20.82
C THR B 661 16.79 -17.42 -22.34
N PRO B 662 17.59 -16.50 -22.89
CA PRO B 662 17.71 -16.42 -24.36
C PRO B 662 18.24 -17.68 -24.99
N GLU B 663 18.89 -18.55 -24.21
CA GLU B 663 19.38 -19.82 -24.74
C GLU B 663 18.24 -20.72 -25.19
N ASP B 664 17.38 -21.12 -24.26
CA ASP B 664 16.37 -22.12 -24.58
C ASP B 664 15.01 -21.57 -24.98
N ASN B 665 14.34 -20.83 -24.08
CA ASN B 665 12.90 -20.64 -24.27
C ASN B 665 12.40 -19.26 -23.85
N LEU B 666 13.22 -18.22 -23.96
CA LEU B 666 12.73 -16.89 -23.64
C LEU B 666 11.69 -16.40 -24.65
N ASP B 667 11.82 -16.82 -25.91
CA ASP B 667 10.92 -16.33 -26.94
C ASP B 667 9.48 -16.69 -26.66
N HIS B 668 9.22 -17.94 -26.27
CA HIS B 668 7.85 -18.32 -25.96
C HIS B 668 7.40 -17.76 -24.62
N TYR B 669 8.34 -17.51 -23.71
CA TYR B 669 7.98 -16.83 -22.47
C TYR B 669 7.44 -15.43 -22.78
N ARG B 670 8.03 -14.75 -23.75
CA ARG B 670 7.54 -13.44 -24.15
C ARG B 670 6.28 -13.52 -25.01
N ASN B 671 6.16 -14.56 -25.85
CA ASN B 671 5.00 -14.64 -26.75
C ASN B 671 3.73 -15.01 -26.01
N SER B 672 3.80 -15.97 -25.10
CA SER B 672 2.61 -16.47 -24.39
C SER B 672 2.31 -15.55 -23.22
N THR B 673 1.57 -14.48 -23.50
CA THR B 673 1.26 -13.48 -22.49
C THR B 673 -0.11 -12.89 -22.79
N VAL B 674 -0.92 -12.62 -21.79
CA VAL B 674 -2.24 -12.05 -21.96
C VAL B 674 -2.18 -10.60 -22.37
N MET B 675 -1.21 -9.86 -21.90
CA MET B 675 -1.04 -8.46 -22.20
C MET B 675 -0.78 -8.18 -23.65
N SER B 676 -0.10 -9.07 -24.32
CA SER B 676 0.26 -8.88 -25.69
C SER B 676 -0.96 -8.78 -26.50
N ARG B 677 -1.99 -9.52 -26.16
CA ARG B 677 -3.22 -9.53 -26.90
C ARG B 677 -4.33 -8.66 -26.38
N ALA B 678 -4.02 -7.50 -25.79
CA ALA B 678 -5.03 -6.66 -25.18
C ALA B 678 -5.87 -5.91 -26.21
N GLU B 679 -5.39 -5.78 -27.44
CA GLU B 679 -6.13 -5.05 -28.47
C GLU B 679 -7.35 -5.83 -28.97
N ASN B 680 -7.36 -7.16 -28.80
CA ASN B 680 -8.47 -7.98 -29.24
C ASN B 680 -9.59 -8.05 -28.21
N PHE B 681 -9.44 -7.38 -27.07
CA PHE B 681 -10.45 -7.40 -26.02
C PHE B 681 -11.58 -6.41 -26.27
N LYS B 682 -11.51 -5.61 -27.33
CA LYS B 682 -12.59 -4.69 -27.65
C LYS B 682 -13.87 -5.43 -28.05
N GLN B 683 -13.75 -6.64 -28.56
CA GLN B 683 -14.89 -7.38 -29.09
C GLN B 683 -15.56 -8.27 -28.06
N VAL B 684 -15.09 -8.26 -26.81
CA VAL B 684 -15.65 -9.09 -25.76
C VAL B 684 -15.91 -8.24 -24.53
N GLU B 685 -16.73 -8.78 -23.63
CA GLU B 685 -16.95 -8.20 -22.32
C GLU B 685 -16.20 -9.04 -21.28
N TYR B 686 -15.42 -8.39 -20.44
CA TYR B 686 -14.44 -9.04 -19.58
C TYR B 686 -14.73 -8.72 -18.13
N LEU B 687 -14.73 -9.75 -17.28
CA LEU B 687 -14.77 -9.59 -15.84
C LEU B 687 -13.46 -10.14 -15.28
N LEU B 688 -12.74 -9.31 -14.56
CA LEU B 688 -11.45 -9.68 -13.97
C LEU B 688 -11.57 -9.62 -12.46
N ILE B 689 -11.30 -10.74 -11.80
CA ILE B 689 -11.43 -10.86 -10.35
C ILE B 689 -10.12 -11.39 -9.78
N HIS B 690 -9.68 -10.80 -8.68
CA HIS B 690 -8.48 -11.26 -8.01
C HIS B 690 -8.57 -10.88 -6.53
N GLY B 691 -7.97 -11.71 -5.68
CA GLY B 691 -7.82 -11.38 -4.27
C GLY B 691 -6.47 -10.73 -4.01
N THR B 692 -6.49 -9.70 -3.17
CA THR B 692 -5.29 -8.89 -2.96
C THR B 692 -4.21 -9.65 -2.19
N ALA B 693 -4.60 -10.56 -1.30
CA ALA B 693 -3.67 -11.32 -0.49
C ALA B 693 -3.38 -12.70 -1.07
N ASP B 694 -3.43 -12.82 -2.40
CA ASP B 694 -3.13 -14.08 -3.05
C ASP B 694 -1.63 -14.33 -3.05
N ASP B 695 -1.24 -15.52 -2.58
CA ASP B 695 0.15 -15.92 -2.55
C ASP B 695 0.52 -16.92 -3.63
N ASN B 696 -0.47 -17.60 -4.22
CA ASN B 696 -0.20 -18.52 -5.32
C ASN B 696 -0.06 -17.77 -6.64
N VAL B 697 -1.13 -17.15 -7.11
CA VAL B 697 -1.11 -16.30 -8.28
C VAL B 697 -1.28 -14.88 -7.76
N HIS B 698 -0.19 -14.13 -7.73
CA HIS B 698 -0.17 -12.84 -7.05
C HIS B 698 -1.07 -11.83 -7.77
N PHE B 699 -1.49 -10.83 -7.01
CA PHE B 699 -2.31 -9.76 -7.55
C PHE B 699 -1.62 -8.99 -8.66
N GLN B 700 -0.31 -9.04 -8.74
CA GLN B 700 0.45 -8.40 -9.77
C GLN B 700 0.12 -8.84 -11.15
N GLN B 701 -0.27 -10.07 -11.31
CA GLN B 701 -0.68 -10.59 -12.56
C GLN B 701 -1.93 -9.99 -13.12
N SER B 702 -2.99 -9.78 -12.35
CA SER B 702 -4.20 -9.06 -12.73
C SER B 702 -3.94 -7.58 -12.87
N ALA B 703 -3.12 -7.02 -12.00
CA ALA B 703 -2.75 -5.64 -12.04
C ALA B 703 -2.03 -5.27 -13.28
N GLN B 704 -1.34 -6.19 -13.88
CA GLN B 704 -0.72 -5.98 -15.18
C GLN B 704 -1.72 -6.17 -16.31
N ILE B 705 -2.63 -7.14 -16.18
CA ILE B 705 -3.69 -7.30 -17.17
C ILE B 705 -4.51 -6.01 -17.26
N SER B 706 -4.93 -5.49 -16.12
CA SER B 706 -5.75 -4.28 -16.11
C SER B 706 -4.98 -3.09 -16.65
N LYS B 707 -3.69 -2.97 -16.33
CA LYS B 707 -2.90 -1.87 -16.85
C LYS B 707 -2.79 -1.93 -18.36
N ALA B 708 -2.56 -3.13 -18.91
CA ALA B 708 -2.49 -3.27 -20.37
C ALA B 708 -3.82 -2.92 -21.02
N LEU B 709 -4.93 -3.40 -20.42
CA LEU B 709 -6.24 -3.10 -20.99
C LEU B 709 -6.57 -1.62 -20.94
N VAL B 710 -6.20 -0.96 -19.85
CA VAL B 710 -6.44 0.48 -19.73
C VAL B 710 -5.57 1.25 -20.72
N ASP B 711 -4.32 0.80 -20.91
CA ASP B 711 -3.44 1.46 -21.87
C ASP B 711 -3.96 1.35 -23.29
N VAL B 712 -4.50 0.18 -23.65
CA VAL B 712 -5.07 0.03 -24.99
C VAL B 712 -6.37 0.83 -25.12
N GLY B 713 -7.19 0.84 -24.07
CA GLY B 713 -8.45 1.53 -24.11
C GLY B 713 -9.64 0.60 -24.15
N VAL B 714 -9.52 -0.52 -23.46
CA VAL B 714 -10.54 -1.57 -23.45
C VAL B 714 -11.49 -1.32 -22.29
N ASP B 715 -12.79 -1.40 -22.56
CA ASP B 715 -13.78 -1.34 -21.50
C ASP B 715 -13.98 -2.73 -20.90
N PHE B 716 -13.84 -2.83 -19.58
CA PHE B 716 -13.95 -4.10 -18.90
C PHE B 716 -14.41 -3.85 -17.47
N GLN B 717 -14.69 -4.94 -16.76
CA GLN B 717 -15.08 -4.87 -15.36
C GLN B 717 -14.09 -5.62 -14.49
N ALA B 718 -13.88 -5.12 -13.28
CA ALA B 718 -12.92 -5.69 -12.36
C ALA B 718 -13.52 -5.71 -10.96
N MET B 719 -12.95 -6.54 -10.11
CA MET B 719 -13.34 -6.60 -8.71
C MET B 719 -12.21 -7.22 -7.91
N TRP B 720 -11.67 -6.48 -6.96
CA TRP B 720 -10.68 -7.02 -6.04
C TRP B 720 -11.39 -7.53 -4.80
N TYR B 721 -10.70 -8.42 -4.08
CA TYR B 721 -11.19 -8.94 -2.81
C TYR B 721 -10.10 -8.77 -1.77
N THR B 722 -10.38 -7.98 -0.74
CA THR B 722 -9.38 -7.66 0.26
C THR B 722 -9.10 -8.88 1.12
N ASP B 723 -7.81 -9.17 1.33
CA ASP B 723 -7.36 -10.20 2.25
C ASP B 723 -7.82 -11.60 1.84
N GLU B 724 -7.98 -11.84 0.54
CA GLU B 724 -8.49 -13.11 0.05
C GLU B 724 -7.39 -13.84 -0.70
N ASP B 725 -7.26 -15.14 -0.43
CA ASP B 725 -6.20 -15.96 -0.98
C ASP B 725 -6.57 -16.44 -2.38
N HIS B 726 -5.85 -17.45 -2.88
CA HIS B 726 -6.09 -17.93 -4.24
C HIS B 726 -7.51 -18.46 -4.40
N GLY B 727 -7.91 -19.38 -3.52
CA GLY B 727 -9.29 -19.77 -3.48
C GLY B 727 -10.03 -18.76 -2.64
N ILE B 728 -10.87 -17.93 -3.27
CA ILE B 728 -11.55 -16.88 -2.52
C ILE B 728 -12.65 -17.59 -1.75
N ALA B 729 -12.29 -18.07 -0.56
CA ALA B 729 -13.11 -19.03 0.19
C ALA B 729 -13.26 -18.53 1.61
N SER B 730 -14.23 -17.65 1.79
CA SER B 730 -14.82 -17.31 3.07
C SER B 730 -16.29 -17.66 2.94
N SER B 731 -17.09 -17.30 3.95
CA SER B 731 -18.53 -17.35 3.71
C SER B 731 -18.95 -16.15 2.87
N THR B 732 -18.67 -14.96 3.39
CA THR B 732 -19.09 -13.73 2.72
C THR B 732 -18.41 -13.57 1.36
N ALA B 733 -17.11 -13.83 1.29
CA ALA B 733 -16.38 -13.64 0.04
C ALA B 733 -16.85 -14.62 -1.04
N HIS B 734 -17.02 -15.89 -0.69
CA HIS B 734 -17.49 -16.89 -1.64
C HIS B 734 -18.88 -16.55 -2.14
N GLN B 735 -19.79 -16.21 -1.22
CA GLN B 735 -21.13 -15.85 -1.63
C GLN B 735 -21.14 -14.61 -2.52
N HIS B 736 -20.35 -13.61 -2.16
CA HIS B 736 -20.28 -12.38 -2.93
C HIS B 736 -19.77 -12.63 -4.34
N ILE B 737 -18.69 -13.41 -4.46
CA ILE B 737 -18.10 -13.60 -5.78
C ILE B 737 -19.03 -14.40 -6.68
N TYR B 738 -19.70 -15.42 -6.13
CA TYR B 738 -20.59 -16.17 -7.01
C TYR B 738 -21.84 -15.39 -7.36
N THR B 739 -22.34 -14.55 -6.46
CA THR B 739 -23.45 -13.66 -6.81
C THR B 739 -23.03 -12.67 -7.89
N HIS B 740 -21.83 -12.12 -7.79
CA HIS B 740 -21.34 -11.16 -8.78
C HIS B 740 -21.19 -11.80 -10.15
N MET B 741 -20.61 -13.00 -10.21
CA MET B 741 -20.48 -13.65 -11.51
C MET B 741 -21.82 -14.11 -12.07
N SER B 742 -22.78 -14.48 -11.20
CA SER B 742 -24.11 -14.78 -11.69
C SER B 742 -24.77 -13.54 -12.30
N HIS B 743 -24.58 -12.38 -11.66
CA HIS B 743 -25.09 -11.14 -12.22
C HIS B 743 -24.47 -10.85 -13.58
N PHE B 744 -23.14 -11.03 -13.69
CA PHE B 744 -22.46 -10.80 -14.95
C PHE B 744 -22.98 -11.74 -16.04
N ILE B 745 -23.16 -13.02 -15.71
CA ILE B 745 -23.63 -13.98 -16.70
C ILE B 745 -25.05 -13.66 -17.13
N LYS B 746 -25.92 -13.32 -16.18
CA LYS B 746 -27.30 -12.97 -16.53
C LYS B 746 -27.36 -11.72 -17.39
N GLN B 747 -26.47 -10.76 -17.16
CA GLN B 747 -26.41 -9.59 -18.03
C GLN B 747 -25.86 -9.94 -19.40
N CYS B 748 -24.94 -10.89 -19.48
CA CYS B 748 -24.37 -11.28 -20.77
C CYS B 748 -25.42 -11.91 -21.67
N PHE B 749 -26.18 -12.86 -21.14
CA PHE B 749 -27.19 -13.58 -21.91
C PHE B 749 -28.53 -12.87 -21.93
N SER B 750 -28.62 -11.67 -21.35
CA SER B 750 -29.85 -10.90 -21.25
C SER B 750 -30.95 -11.70 -20.55
N LEU B 751 -30.55 -12.50 -19.57
CA LEU B 751 -31.50 -13.30 -18.81
C LEU B 751 -32.32 -12.39 -17.88
N PRO B 752 -33.59 -12.74 -17.64
CA PRO B 752 -34.50 -12.00 -16.75
C PRO B 752 -33.88 -11.66 -15.39
N CYS C 36 45.03 27.37 48.71
CA CYS C 36 45.58 26.12 49.22
C CYS C 36 45.90 25.17 48.07
N ASP C 37 45.32 23.98 48.10
CA ASP C 37 45.54 23.00 47.05
C ASP C 37 44.59 23.24 45.88
N PHE C 38 45.13 23.37 44.68
CA PHE C 38 44.31 23.59 43.50
C PHE C 38 44.30 22.35 42.60
N THR C 39 44.59 21.18 43.16
CA THR C 39 44.54 19.93 42.41
C THR C 39 43.15 19.53 41.90
N PRO C 40 42.10 19.74 42.71
CA PRO C 40 40.79 19.25 42.29
C PRO C 40 40.33 19.86 40.99
N MET C 41 40.58 21.14 40.79
CA MET C 41 40.06 21.74 39.59
C MET C 41 40.71 21.02 38.45
N LEU C 42 42.00 20.74 38.59
CA LEU C 42 42.74 20.12 37.50
C LEU C 42 42.28 18.70 37.14
N VAL C 43 41.96 17.89 38.13
CA VAL C 43 41.63 16.48 37.85
C VAL C 43 40.29 16.19 37.18
N GLY C 44 40.23 15.13 36.41
CA GLY C 44 38.97 14.72 35.81
C GLY C 44 38.44 15.41 34.60
N VAL C 45 37.11 15.41 34.45
CA VAL C 45 36.50 16.12 33.33
C VAL C 45 36.00 17.48 33.84
N PRO C 46 36.34 18.58 33.18
CA PRO C 46 35.85 19.88 33.63
C PRO C 46 34.38 20.04 33.34
N PRO C 47 33.67 20.84 34.12
CA PRO C 47 32.23 21.02 33.91
C PRO C 47 31.93 22.09 32.87
N GLN C 48 30.66 22.15 32.49
CA GLN C 48 30.22 23.13 31.51
C GLN C 48 30.05 24.50 32.17
N VAL C 49 29.79 25.51 31.33
CA VAL C 49 29.73 26.88 31.81
C VAL C 49 28.51 27.10 32.70
N TYR C 50 27.35 26.57 32.31
CA TYR C 50 26.14 26.78 33.09
C TYR C 50 26.15 25.99 34.39
N ASN C 51 26.88 24.88 34.42
CA ASN C 51 27.06 24.07 35.61
C ASN C 51 28.45 24.27 36.19
N PHE C 52 28.87 25.50 36.39
CA PHE C 52 30.19 25.80 36.92
C PHE C 52 30.38 25.38 38.36
N LYS C 53 31.61 25.05 38.74
CA LYS C 53 31.84 24.58 40.09
C LYS C 53 32.68 25.56 40.87
N ARG C 54 32.26 25.92 42.07
CA ARG C 54 32.98 26.94 42.81
C ARG C 54 33.75 26.42 44.00
N LEU C 55 35.03 26.76 44.07
CA LEU C 55 35.79 26.36 45.24
C LEU C 55 36.11 27.61 46.03
N VAL C 56 35.82 27.57 47.32
CA VAL C 56 36.17 28.71 48.15
C VAL C 56 37.28 28.34 49.12
N PHE C 57 38.32 29.16 49.16
CA PHE C 57 39.45 28.91 50.05
C PHE C 57 39.42 29.95 51.16
N ASN C 63 47.01 33.63 47.65
CA ASN C 63 47.74 32.40 47.92
C ASN C 63 48.14 31.70 46.62
N LEU C 64 49.38 31.21 46.59
CA LEU C 64 49.91 30.41 45.49
C LEU C 64 49.88 31.17 44.16
N THR C 65 48.87 30.90 43.33
CA THR C 65 48.75 31.43 41.97
C THR C 65 49.94 31.03 41.10
N LYS C 66 50.61 29.94 41.46
CA LYS C 66 51.61 29.34 40.59
C LYS C 66 50.96 28.60 39.43
N LEU C 67 49.73 28.12 39.62
CA LEU C 67 49.06 27.27 38.66
C LEU C 67 48.80 27.96 37.33
N LEU C 68 48.87 29.29 37.29
CA LEU C 68 48.70 30.00 36.02
C LEU C 68 49.81 29.72 35.03
N SER C 69 50.90 29.13 35.50
CA SER C 69 51.97 28.81 34.61
C SER C 69 51.72 27.46 33.97
N LEU C 70 50.81 26.69 34.56
CA LEU C 70 50.55 25.34 34.06
C LEU C 70 50.01 25.35 32.64
N PHE C 71 49.16 26.31 32.33
CA PHE C 71 48.54 26.36 31.01
C PHE C 71 48.67 27.71 30.38
N MET C 72 48.58 27.75 29.06
CA MET C 72 48.64 29.02 28.35
C MET C 72 47.46 29.92 28.71
N VAL C 73 47.70 31.22 28.88
CA VAL C 73 46.63 32.17 29.21
C VAL C 73 46.32 33.07 28.04
N ASN C 74 45.20 33.79 28.08
CA ASN C 74 44.79 34.63 26.97
C ASN C 74 44.13 35.92 27.45
N GLU C 75 43.45 35.87 28.60
CA GLU C 75 42.75 37.04 29.11
C GLU C 75 42.79 37.16 30.61
N PHE C 76 43.50 38.13 31.13
CA PHE C 76 43.67 38.26 32.57
C PHE C 76 42.93 39.48 33.08
N SER C 77 41.95 39.95 32.34
CA SER C 77 41.30 41.21 32.70
C SER C 77 40.60 41.25 34.02
N CYS C 78 40.60 42.41 34.67
CA CYS C 78 39.90 42.59 35.94
C CYS C 78 39.16 43.93 36.05
N ASN C 79 38.12 44.02 36.90
CA ASN C 79 37.39 45.25 37.14
C ASN C 79 37.69 45.86 38.51
N GLY C 80 38.18 45.07 39.46
CA GLY C 80 38.52 45.59 40.77
C GLY C 80 40.01 45.66 40.98
N ILE C 81 40.55 44.71 41.73
CA ILE C 81 41.99 44.66 41.97
C ILE C 81 42.71 44.18 40.74
N SER C 82 43.77 44.86 40.36
CA SER C 82 44.52 44.50 39.17
C SER C 82 45.28 43.20 39.31
N PRO C 83 45.54 42.53 38.19
CA PRO C 83 46.22 41.22 38.21
C PRO C 83 47.66 41.28 38.64
N ASP C 84 48.17 40.18 39.18
CA ASP C 84 49.56 40.09 39.65
C ASP C 84 49.69 40.69 41.04
N ALA C 85 48.56 41.02 41.66
CA ALA C 85 48.61 41.52 43.03
C ALA C 85 48.02 40.48 43.98
N ILE C 86 48.88 39.74 44.69
CA ILE C 86 48.42 38.67 45.57
C ILE C 86 48.87 38.97 46.99
N ALA C 87 47.96 38.83 47.95
CA ALA C 87 48.23 39.10 49.35
C ALA C 87 48.54 37.83 50.16
N ARG C 88 48.60 36.66 49.50
CA ARG C 88 48.90 35.38 50.14
C ARG C 88 47.83 35.11 51.20
N GLY C 89 48.17 34.94 52.47
CA GLY C 89 47.17 34.63 53.49
C GLY C 89 46.41 35.81 54.02
N CYS C 90 46.77 37.03 53.62
CA CYS C 90 46.08 38.22 54.10
C CYS C 90 44.65 38.31 53.59
N TYR C 91 44.34 37.62 52.49
CA TYR C 91 42.98 37.63 51.95
C TYR C 91 42.03 36.94 52.93
N SER C 92 40.87 37.56 53.15
CA SER C 92 39.88 36.94 54.03
C SER C 92 39.29 35.68 53.40
N SER C 93 39.05 35.72 52.09
CA SER C 93 38.47 34.58 51.39
C SER C 93 38.96 34.58 49.95
N LEU C 94 38.87 33.41 49.32
CA LEU C 94 39.28 33.24 47.92
C LEU C 94 38.32 32.25 47.28
N THR C 95 37.58 32.70 46.27
CA THR C 95 36.65 31.84 45.59
C THR C 95 37.03 31.73 44.14
N VAL C 96 36.90 30.55 43.56
CA VAL C 96 37.16 30.37 42.14
C VAL C 96 36.05 29.60 41.51
N ASP C 97 35.61 30.01 40.34
CA ASP C 97 34.61 29.26 39.63
C ASP C 97 35.25 28.86 38.35
N TYR C 98 35.15 27.60 37.97
CA TYR C 98 35.83 27.13 36.79
C TYR C 98 34.93 26.32 35.89
N PHE C 99 35.26 26.21 34.62
CA PHE C 99 34.36 25.55 33.70
C PHE C 99 35.02 25.47 32.34
N ALA C 100 34.71 24.40 31.60
CA ALA C 100 35.20 24.30 30.23
C ALA C 100 34.51 25.35 29.37
N TYR C 101 35.29 26.10 28.61
CA TYR C 101 34.76 27.23 27.87
C TYR C 101 35.58 27.51 26.61
N PRO C 102 34.97 27.42 25.43
CA PRO C 102 35.73 27.66 24.20
C PRO C 102 36.18 29.10 24.08
N LEU C 103 37.27 29.32 23.37
CA LEU C 103 37.80 30.66 23.17
C LEU C 103 37.01 31.45 22.14
N SER C 104 36.30 30.78 21.23
CA SER C 104 35.44 31.48 20.29
C SER C 104 34.27 32.16 20.99
N MET C 105 33.91 31.70 22.19
CA MET C 105 32.85 32.28 22.99
C MET C 105 33.40 33.35 23.93
N ARG C 106 34.18 34.29 23.38
CA ARG C 106 34.92 35.23 24.21
C ARG C 106 34.20 36.55 24.39
N SER C 107 33.68 37.13 23.30
CA SER C 107 33.00 38.41 23.41
C SER C 107 31.70 38.31 24.19
N TYR C 108 31.18 37.10 24.38
CA TYR C 108 29.94 36.92 25.12
C TYR C 108 30.12 36.94 26.63
N ILE C 109 31.35 36.92 27.12
CA ILE C 109 31.62 37.11 28.54
C ILE C 109 32.50 38.35 28.67
N GLN C 110 31.93 39.41 29.20
CA GLN C 110 32.62 40.69 29.32
C GLN C 110 32.02 41.42 30.52
N PRO C 111 32.59 42.56 30.90
CA PRO C 111 31.91 43.40 31.90
C PRO C 111 30.48 43.74 31.52
N GLY C 112 30.22 43.97 30.24
CA GLY C 112 28.87 44.14 29.75
C GLY C 112 28.64 43.38 28.47
N SER C 113 27.69 42.43 28.49
CA SER C 113 27.41 41.61 27.33
C SER C 113 25.91 41.39 27.21
N ALA C 114 25.47 41.13 25.98
CA ALA C 114 24.06 40.81 25.69
C ALA C 114 24.07 39.56 24.81
N GLY C 115 24.08 38.39 25.45
CA GLY C 115 24.11 37.13 24.75
C GLY C 115 23.56 36.02 25.62
N ASP C 116 23.58 34.80 25.07
CA ASP C 116 23.03 33.66 25.79
C ASP C 116 23.81 33.38 27.07
N ILE C 117 25.11 33.50 27.00
CA ILE C 117 25.94 33.16 28.14
C ILE C 117 25.57 34.00 29.33
N SER C 118 25.65 35.30 29.22
CA SER C 118 25.39 36.11 30.38
C SER C 118 23.98 35.98 30.85
N LEU C 119 23.04 35.94 29.93
CA LEU C 119 21.64 35.87 30.28
C LEU C 119 21.21 34.59 30.95
N TYR C 120 21.70 33.46 30.50
CA TYR C 120 21.24 32.19 31.03
C TYR C 120 22.26 31.23 31.64
N ASN C 121 23.56 31.41 31.44
CA ASN C 121 24.56 30.49 31.95
C ASN C 121 25.41 31.08 33.06
N TYR C 122 26.12 32.17 32.79
CA TYR C 122 27.03 32.73 33.78
C TYR C 122 27.21 34.21 33.54
N LYS C 123 26.84 35.02 34.53
CA LYS C 123 27.07 36.47 34.52
C LYS C 123 28.01 36.81 35.66
N GLN C 124 29.07 37.55 35.35
CA GLN C 124 30.08 37.86 36.36
C GLN C 124 29.54 38.89 37.36
N SER C 125 29.89 38.69 38.62
CA SER C 125 29.48 39.58 39.70
C SER C 125 30.62 40.53 40.04
N PHE C 126 30.32 41.82 40.11
CA PHE C 126 31.33 42.85 40.33
C PHE C 126 31.26 43.46 41.72
N ALA C 127 30.47 42.88 42.63
CA ALA C 127 30.48 43.34 44.02
C ALA C 127 31.85 43.14 44.64
N ASN C 128 32.48 42.01 44.37
CA ASN C 128 33.85 41.72 44.78
C ASN C 128 34.78 41.78 43.57
N PRO C 129 36.03 42.19 43.78
CA PRO C 129 36.98 42.28 42.64
C PRO C 129 37.28 40.90 42.08
N THR C 130 37.03 40.73 40.80
CA THR C 130 37.21 39.46 40.11
C THR C 130 38.20 39.61 38.97
N CYS C 131 38.65 38.48 38.44
CA CYS C 131 39.62 38.45 37.34
C CYS C 131 39.31 37.26 36.45
N ARG C 132 38.96 37.53 35.19
CA ARG C 132 38.79 36.47 34.21
C ARG C 132 40.15 35.98 33.70
N VAL C 133 40.21 34.71 33.33
CA VAL C 133 41.46 34.12 32.88
C VAL C 133 41.32 33.60 31.45
N LEU C 134 40.34 32.72 31.22
CA LEU C 134 40.08 32.16 29.89
C LEU C 134 41.32 31.49 29.31
N ALA C 135 42.02 30.72 30.14
CA ALA C 135 43.25 30.08 29.73
C ALA C 135 42.97 28.80 28.94
N THR C 136 43.97 28.35 28.20
CA THR C 136 43.88 27.16 27.38
C THR C 136 44.81 26.09 27.95
N ALA C 137 44.24 24.99 28.41
CA ALA C 137 45.03 23.93 29.00
C ALA C 137 45.86 23.23 27.92
N PRO C 138 47.10 22.83 28.24
CA PRO C 138 47.93 22.15 27.24
C PRO C 138 47.70 20.65 27.24
N ALA C 139 48.45 19.93 26.41
CA ALA C 139 48.36 18.49 26.38
C ALA C 139 49.16 17.88 27.53
N ASN C 140 49.02 16.56 27.71
CA ASN C 140 49.75 15.77 28.70
C ASN C 140 49.42 16.19 30.13
N LEU C 141 48.32 16.89 30.34
CA LEU C 141 47.85 17.21 31.68
C LEU C 141 46.76 16.22 32.11
N THR C 142 46.50 16.20 33.41
CA THR C 142 45.50 15.29 33.97
C THR C 142 44.10 15.83 33.76
N LEU C 143 43.76 16.18 32.51
CA LEU C 143 42.49 16.80 32.18
C LEU C 143 41.86 16.03 31.04
N THR C 144 40.82 15.26 31.34
CA THR C 144 40.09 14.55 30.31
C THR C 144 39.10 15.50 29.65
N LYS C 145 39.18 15.60 28.32
CA LYS C 145 38.37 16.56 27.59
C LYS C 145 36.90 16.18 27.66
N PRO C 146 36.00 17.16 27.77
CA PRO C 146 34.58 16.87 27.59
C PRO C 146 34.29 16.50 26.15
N SER C 147 33.14 15.84 25.95
CA SER C 147 32.76 15.44 24.60
C SER C 147 32.56 16.64 23.69
N ALA C 148 31.93 17.70 24.22
CA ALA C 148 31.68 18.90 23.45
C ALA C 148 31.40 20.05 24.41
N TYR C 149 31.47 21.27 23.89
CA TYR C 149 31.06 22.44 24.65
C TYR C 149 29.55 22.64 24.55
N GLY C 150 28.97 23.14 25.62
CA GLY C 150 27.52 23.31 25.66
C GLY C 150 27.12 24.55 26.42
N TYR C 151 26.02 25.16 26.00
CA TYR C 151 25.43 26.30 26.70
C TYR C 151 23.98 26.40 26.32
N PHE C 152 23.22 27.16 27.11
CA PHE C 152 21.79 27.31 26.94
C PHE C 152 21.50 28.62 26.21
N GLN C 153 20.82 28.54 25.07
CA GLN C 153 20.46 29.71 24.30
C GLN C 153 19.10 30.29 24.66
N LYS C 154 18.25 29.50 25.31
CA LYS C 154 16.96 29.97 25.77
C LYS C 154 16.55 29.25 27.01
N CYS C 155 15.90 29.92 27.93
CA CYS C 155 15.34 29.25 29.10
C CYS C 155 14.28 30.17 29.68
N SER C 156 13.01 29.83 29.46
CA SER C 156 11.90 30.70 29.82
C SER C 156 10.82 29.88 30.52
N ARG C 157 9.77 30.57 30.97
CA ARG C 157 8.65 29.96 31.67
C ARG C 157 7.36 30.32 30.95
N VAL C 158 6.47 29.34 30.81
CA VAL C 158 5.21 29.48 30.06
C VAL C 158 4.05 29.32 31.02
N SER C 159 3.20 30.34 31.10
CA SER C 159 2.03 30.30 31.98
C SER C 159 1.05 31.36 31.52
N GLY C 160 -0.14 30.95 31.11
CA GLY C 160 -1.13 31.90 30.65
C GLY C 160 -2.49 31.26 30.46
N GLU C 161 -3.37 32.00 29.79
CA GLU C 161 -4.74 31.52 29.58
C GLU C 161 -4.74 30.23 28.78
N HIS C 162 -4.06 30.21 27.63
CA HIS C 162 -3.73 28.96 26.94
C HIS C 162 -2.23 29.00 26.73
N ASN C 163 -1.47 28.73 27.78
CA ASN C 163 -0.01 28.74 27.75
C ASN C 163 0.55 29.86 26.88
N SER C 164 0.08 31.08 27.07
CA SER C 164 0.36 32.19 26.16
C SER C 164 1.54 33.04 26.61
N VAL C 165 1.61 33.40 27.88
CA VAL C 165 2.61 34.35 28.35
C VAL C 165 3.95 33.64 28.50
N GLU C 166 4.96 34.15 27.81
CA GLU C 166 6.33 33.65 27.90
C GLU C 166 7.17 34.62 28.72
N THR C 167 7.80 34.11 29.76
CA THR C 167 8.66 34.92 30.63
C THR C 167 10.08 34.38 30.61
N PRO C 168 11.00 35.04 29.92
CA PRO C 168 12.41 34.63 30.01
C PRO C 168 12.93 34.77 31.44
N LEU C 169 13.75 33.80 31.84
CA LEU C 169 14.26 33.71 33.20
C LEU C 169 15.74 34.06 33.19
N TYR C 170 16.03 35.34 33.34
CA TYR C 170 17.41 35.82 33.39
C TYR C 170 18.02 35.55 34.76
N ILE C 171 19.27 35.12 34.76
CA ILE C 171 19.92 34.69 36.00
C ILE C 171 20.59 35.89 36.66
N ASN C 172 20.85 35.76 37.95
CA ASN C 172 21.55 36.77 38.73
C ASN C 172 23.05 36.64 38.55
N PRO C 173 23.81 37.71 38.81
CA PRO C 173 25.28 37.61 38.71
C PRO C 173 25.88 36.57 39.64
N GLY C 174 25.26 36.29 40.77
CA GLY C 174 25.85 35.35 41.71
C GLY C 174 25.17 34.00 41.80
N GLU C 175 24.02 33.86 41.14
CA GLU C 175 23.22 32.66 41.24
C GLU C 175 23.47 31.71 40.08
N TYR C 176 22.99 30.48 40.24
CA TYR C 176 23.06 29.46 39.20
C TYR C 176 21.91 29.66 38.22
N SER C 177 21.72 28.69 37.33
CA SER C 177 20.64 28.73 36.35
C SER C 177 19.52 27.80 36.77
N ILE C 178 18.28 28.24 36.57
CA ILE C 178 17.13 27.38 36.83
C ILE C 178 17.14 26.19 35.88
N CYS C 179 17.64 26.40 34.66
CA CYS C 179 17.65 25.38 33.62
C CYS C 179 18.84 24.45 33.72
N ARG C 180 19.56 24.49 34.85
CA ARG C 180 20.77 23.68 35.03
C ARG C 180 20.44 22.19 35.00
N SER C 181 19.32 21.80 35.62
CA SER C 181 18.99 20.39 35.78
C SER C 181 18.84 19.66 34.45
N PHE C 182 18.57 20.38 33.37
CA PHE C 182 18.53 19.77 32.04
C PHE C 182 19.96 19.45 31.61
N SER C 183 20.33 18.18 31.70
CA SER C 183 21.62 17.69 31.20
C SER C 183 22.78 18.51 31.76
N PRO C 184 23.14 18.32 33.04
CA PRO C 184 24.23 19.10 33.61
C PRO C 184 25.59 18.83 32.97
N TYR C 185 25.75 17.70 32.28
CA TYR C 185 27.03 17.33 31.69
C TYR C 185 27.14 17.70 30.22
N GLY C 186 26.18 18.43 29.68
CA GLY C 186 26.20 18.84 28.29
C GLY C 186 25.16 18.12 27.46
N PHE C 187 25.00 18.59 26.23
CA PHE C 187 23.99 18.09 25.31
C PHE C 187 24.62 17.23 24.24
N SER C 188 23.84 16.26 23.77
CA SER C 188 24.18 15.48 22.58
C SER C 188 23.43 16.08 21.39
N GLU C 189 24.16 16.31 20.30
CA GLU C 189 23.66 17.08 19.16
C GLU C 189 23.25 18.48 19.56
N ASP C 190 22.79 19.28 18.59
CA ASP C 190 22.53 20.69 18.81
C ASP C 190 21.03 20.98 18.83
N GLY C 191 20.67 22.04 19.52
CA GLY C 191 19.29 22.48 19.59
C GLY C 191 18.34 21.56 20.31
N GLU C 192 18.77 20.97 21.42
CA GLU C 192 17.86 20.16 22.24
C GLU C 192 16.86 21.06 22.95
N VAL C 193 15.64 20.55 23.11
CA VAL C 193 14.57 21.25 23.80
C VAL C 193 14.20 20.43 25.02
N PHE C 194 14.28 21.04 26.20
CA PHE C 194 13.89 20.41 27.45
C PHE C 194 12.71 21.15 28.05
N ARG C 195 11.85 20.45 28.76
CA ARG C 195 10.69 21.03 29.36
C ARG C 195 10.33 20.25 30.58
N ARG C 196 9.77 20.91 31.58
CA ARG C 196 9.28 20.29 32.80
C ARG C 196 8.21 21.20 33.39
N GLN C 197 7.39 20.61 34.25
CA GLN C 197 6.36 21.36 34.95
C GLN C 197 6.94 21.90 36.24
N LEU C 198 7.10 23.22 36.31
CA LEU C 198 7.59 23.84 37.53
C LEU C 198 6.56 23.70 38.64
N THR C 199 7.05 23.50 39.86
CA THR C 199 6.19 23.40 41.03
C THR C 199 6.10 24.75 41.71
N GLN C 200 5.51 24.78 42.89
CA GLN C 200 5.45 26.00 43.67
C GLN C 200 6.85 26.35 44.18
N TYR C 201 6.99 27.61 44.64
CA TYR C 201 8.25 28.16 45.13
C TYR C 201 9.20 28.42 43.96
N GLU C 202 8.82 27.99 42.76
CA GLU C 202 9.53 28.32 41.54
C GLU C 202 8.71 29.13 40.56
N GLY C 203 7.39 29.25 40.75
CA GLY C 203 6.55 29.99 39.84
C GLY C 203 5.31 29.24 39.41
N GLY C 204 5.43 27.93 39.24
CA GLY C 204 4.27 27.11 38.93
C GLY C 204 3.83 27.12 37.48
N GLY C 205 4.76 27.25 36.54
CA GLY C 205 4.42 27.20 35.13
C GLY C 205 5.05 26.01 34.44
N ILE C 206 5.49 26.20 33.20
CA ILE C 206 6.24 25.19 32.46
C ILE C 206 7.57 25.81 32.06
N LEU C 207 8.67 25.18 32.46
CA LEU C 207 10.00 25.67 32.15
C LEU C 207 10.47 25.04 30.84
N VAL C 208 10.88 25.89 29.89
CA VAL C 208 11.37 25.46 28.60
C VAL C 208 12.81 25.92 28.47
N GLY C 209 13.69 25.00 28.11
CA GLY C 209 15.09 25.32 27.91
C GLY C 209 15.60 24.74 26.61
N VAL C 210 16.41 25.53 25.90
CA VAL C 210 17.02 25.12 24.64
C VAL C 210 18.53 25.24 24.79
N GLY C 211 19.25 24.18 24.42
CA GLY C 211 20.69 24.17 24.55
C GLY C 211 21.42 24.16 23.23
N ALA C 212 22.67 24.63 23.23
CA ALA C 212 23.49 24.68 22.03
C ALA C 212 24.80 23.94 22.28
N LYS C 213 25.33 23.34 21.21
CA LYS C 213 26.52 22.51 21.29
C LYS C 213 27.55 22.99 20.30
N LEU C 214 28.80 23.07 20.77
CA LEU C 214 29.94 23.47 19.93
C LEU C 214 30.96 22.40 20.10
N ALA C 215 31.52 21.89 19.03
CA ALA C 215 32.48 20.79 19.10
C ALA C 215 33.77 21.16 19.77
N MET C 216 34.38 20.19 20.42
CA MET C 216 35.57 20.47 21.20
C MET C 216 36.77 20.77 20.36
N THR C 217 37.62 21.62 20.88
CA THR C 217 38.81 22.02 20.18
C THR C 217 39.88 20.98 20.37
N ASP C 218 40.98 21.09 19.65
CA ASP C 218 42.03 20.10 19.72
C ASP C 218 42.54 20.04 21.13
N LYS C 219 42.64 21.19 21.79
CA LYS C 219 43.09 21.22 23.18
C LYS C 219 42.03 21.90 24.00
N LEU C 220 41.95 21.57 25.29
CA LEU C 220 40.87 22.09 26.12
C LEU C 220 41.01 23.49 26.63
N GLU C 221 40.14 24.37 26.20
CA GLU C 221 40.10 25.74 26.71
C GLU C 221 39.15 25.81 27.88
N MET C 222 39.54 26.55 28.92
CA MET C 222 38.77 26.63 30.14
C MET C 222 38.69 28.08 30.61
N GLY C 223 37.85 28.32 31.60
CA GLY C 223 37.64 29.67 32.09
C GLY C 223 37.67 29.70 33.61
N PHE C 224 38.26 30.78 34.14
CA PHE C 224 38.38 30.96 35.58
C PHE C 224 37.92 32.36 35.95
N ILE C 225 37.41 32.50 37.17
CA ILE C 225 37.22 33.80 37.80
C ILE C 225 37.77 33.71 39.22
N ILE C 226 38.54 34.70 39.63
CA ILE C 226 39.16 34.73 40.94
C ILE C 226 38.69 35.98 41.67
N SER C 227 37.83 35.79 42.67
CA SER C 227 37.32 36.88 43.48
C SER C 227 38.02 36.87 44.83
N VAL C 228 38.61 37.99 45.21
CA VAL C 228 39.37 38.11 46.45
C VAL C 228 38.56 38.89 47.47
N GLN C 229 38.51 38.37 48.69
CA GLN C 229 37.76 39.01 49.76
C GLN C 229 38.64 39.19 51.01
#